data_3CEB
# 
_entry.id   3CEB 
# 
_audit_conform.dict_name       mmcif_pdbx.dic 
_audit_conform.dict_version    5.365 
_audit_conform.dict_location   http://mmcif.pdb.org/dictionaries/ascii/mmcif_pdbx.dic 
# 
loop_
_database_2.database_id 
_database_2.database_code 
_database_2.pdbx_database_accession 
_database_2.pdbx_DOI 
PDB   3CEB         pdb_00003ceb 10.2210/pdb3ceb/pdb 
RCSB  RCSB046671   ?            ?                   
WWPDB D_1000046671 ?            ?                   
# 
_pdbx_database_related.db_name        TargetDB 
_pdbx_database_related.db_id          377935 
_pdbx_database_related.details        . 
_pdbx_database_related.content_type   unspecified 
# 
_pdbx_database_status.SG_entry                        Y 
_pdbx_database_status.entry_id                        3CEB 
_pdbx_database_status.deposit_site                    RCSB 
_pdbx_database_status.process_site                    RCSB 
_pdbx_database_status.recvd_initial_deposition_date   2008-02-28 
_pdbx_database_status.status_code                     REL 
_pdbx_database_status.status_code_sf                  REL 
_pdbx_database_status.status_code_mr                  ? 
_pdbx_database_status.status_code_cs                  ? 
_pdbx_database_status.pdb_format_compatible           Y 
_pdbx_database_status.methods_development_category    ? 
_pdbx_database_status.status_code_nmr_data            ? 
# 
_audit_author.name           'Joint Center for Structural Genomics (JCSG)' 
_audit_author.pdbx_ordinal   1 
# 
_citation.id                        primary 
_citation.title                     
;Crystal structure of D-aminoacid Aminotransferase-Like PLP-Dependent Enzyme (YP_718332.1) from Haemophilus somnus 129PT at 2.40 A resolution
;
_citation.journal_abbrev            'To be published' 
_citation.journal_volume            ? 
_citation.page_first                ? 
_citation.page_last                 ? 
_citation.year                      ? 
_citation.journal_id_ASTM           ? 
_citation.country                   ? 
_citation.journal_id_ISSN           ? 
_citation.journal_id_CSD            0353 
_citation.book_publisher            ? 
_citation.pdbx_database_id_PubMed   ? 
_citation.pdbx_database_id_DOI      ? 
# 
_citation_author.citation_id        primary 
_citation_author.name               'Joint Center for Structural Genomics (JCSG)' 
_citation_author.ordinal            1 
_citation_author.identifier_ORCID   ? 
# 
_cell.entry_id           3CEB 
_cell.length_a           149.730 
_cell.length_b           149.730 
_cell.length_c           34.040 
_cell.angle_alpha        90.000 
_cell.angle_beta         90.000 
_cell.angle_gamma        120.000 
_cell.pdbx_unique_axis   ? 
_cell.Z_PDB              6 
_cell.length_a_esd       ? 
_cell.length_b_esd       ? 
_cell.length_c_esd       ? 
_cell.angle_alpha_esd    ? 
_cell.angle_beta_esd     ? 
_cell.angle_gamma_esd    ? 
# 
_symmetry.entry_id                         3CEB 
_symmetry.Int_Tables_number                169 
_symmetry.space_group_name_H-M             'P 61' 
_symmetry.pdbx_full_space_group_name_H-M   ? 
_symmetry.cell_setting                     ? 
_symmetry.space_group_name_Hall            ? 
# 
loop_
_entity.id 
_entity.type 
_entity.src_method 
_entity.pdbx_description 
_entity.formula_weight 
_entity.pdbx_number_of_molecules 
_entity.pdbx_ec 
_entity.pdbx_mutation 
_entity.pdbx_fragment 
_entity.details 
1 polymer     man 'D-aminoacid aminotransferase-like PLP-dependent enzyme' 23669.717 1  ? ? ? ? 
2 non-polymer syn 'SULFATE ION'                                            96.063    5  ? ? ? ? 
3 non-polymer syn GLYCEROL                                                 92.094    1  ? ? ? ? 
4 water       nat water                                                    18.015    85 ? ? ? ? 
# 
_entity_poly.entity_id                      1 
_entity_poly.type                           'polypeptide(L)' 
_entity_poly.nstd_linkage                   no 
_entity_poly.nstd_monomer                   yes 
_entity_poly.pdbx_seq_one_letter_code       
;G(MSE)WQFPLFETILIEQGQAKNISYHQQRYEKSLLKFYPK(MSE)KLQPFDLAKIIAKHTALFTHREGLIRCRIDYNH
HDYVLQCFPYQQKVYRTFKPVFCDHIDYSL(LLP)FSDRTLLNNLLKQKEECDEI(MSE)IIRQGKVTDCSIGNLIFRQN
NQWITPDKPLLEGTQRAKLLEQKKIIAREIFFEDLAQYEEIRLINA(MSE)NGL
;
_entity_poly.pdbx_seq_one_letter_code_can   
;GMWQFPLFETILIEQGQAKNISYHQQRYEKSLLKFYPKMKLQPFDLAKIIAKHTALFTHREGLIRCRIDYNHHDYVLQCF
PYQQKVYRTFKPVFCDHIDYSLKFSDRTLLNNLLKQKEECDEIMIIRQGKVTDCSIGNLIFRQNNQWITPDKPLLEGTQR
AKLLEQKKIIAREIFFEDLAQYEEIRLINAMNGL
;
_entity_poly.pdbx_strand_id                 A 
_entity_poly.pdbx_target_identifier         377935 
# 
loop_
_entity_poly_seq.entity_id 
_entity_poly_seq.num 
_entity_poly_seq.mon_id 
_entity_poly_seq.hetero 
1 1   GLY n 
1 2   MSE n 
1 3   TRP n 
1 4   GLN n 
1 5   PHE n 
1 6   PRO n 
1 7   LEU n 
1 8   PHE n 
1 9   GLU n 
1 10  THR n 
1 11  ILE n 
1 12  LEU n 
1 13  ILE n 
1 14  GLU n 
1 15  GLN n 
1 16  GLY n 
1 17  GLN n 
1 18  ALA n 
1 19  LYS n 
1 20  ASN n 
1 21  ILE n 
1 22  SER n 
1 23  TYR n 
1 24  HIS n 
1 25  GLN n 
1 26  GLN n 
1 27  ARG n 
1 28  TYR n 
1 29  GLU n 
1 30  LYS n 
1 31  SER n 
1 32  LEU n 
1 33  LEU n 
1 34  LYS n 
1 35  PHE n 
1 36  TYR n 
1 37  PRO n 
1 38  LYS n 
1 39  MSE n 
1 40  LYS n 
1 41  LEU n 
1 42  GLN n 
1 43  PRO n 
1 44  PHE n 
1 45  ASP n 
1 46  LEU n 
1 47  ALA n 
1 48  LYS n 
1 49  ILE n 
1 50  ILE n 
1 51  ALA n 
1 52  LYS n 
1 53  HIS n 
1 54  THR n 
1 55  ALA n 
1 56  LEU n 
1 57  PHE n 
1 58  THR n 
1 59  HIS n 
1 60  ARG n 
1 61  GLU n 
1 62  GLY n 
1 63  LEU n 
1 64  ILE n 
1 65  ARG n 
1 66  CYS n 
1 67  ARG n 
1 68  ILE n 
1 69  ASP n 
1 70  TYR n 
1 71  ASN n 
1 72  HIS n 
1 73  HIS n 
1 74  ASP n 
1 75  TYR n 
1 76  VAL n 
1 77  LEU n 
1 78  GLN n 
1 79  CYS n 
1 80  PHE n 
1 81  PRO n 
1 82  TYR n 
1 83  GLN n 
1 84  GLN n 
1 85  LYS n 
1 86  VAL n 
1 87  TYR n 
1 88  ARG n 
1 89  THR n 
1 90  PHE n 
1 91  LYS n 
1 92  PRO n 
1 93  VAL n 
1 94  PHE n 
1 95  CYS n 
1 96  ASP n 
1 97  HIS n 
1 98  ILE n 
1 99  ASP n 
1 100 TYR n 
1 101 SER n 
1 102 LEU n 
1 103 LLP n 
1 104 PHE n 
1 105 SER n 
1 106 ASP n 
1 107 ARG n 
1 108 THR n 
1 109 LEU n 
1 110 LEU n 
1 111 ASN n 
1 112 ASN n 
1 113 LEU n 
1 114 LEU n 
1 115 LYS n 
1 116 GLN n 
1 117 LYS n 
1 118 GLU n 
1 119 GLU n 
1 120 CYS n 
1 121 ASP n 
1 122 GLU n 
1 123 ILE n 
1 124 MSE n 
1 125 ILE n 
1 126 ILE n 
1 127 ARG n 
1 128 GLN n 
1 129 GLY n 
1 130 LYS n 
1 131 VAL n 
1 132 THR n 
1 133 ASP n 
1 134 CYS n 
1 135 SER n 
1 136 ILE n 
1 137 GLY n 
1 138 ASN n 
1 139 LEU n 
1 140 ILE n 
1 141 PHE n 
1 142 ARG n 
1 143 GLN n 
1 144 ASN n 
1 145 ASN n 
1 146 GLN n 
1 147 TRP n 
1 148 ILE n 
1 149 THR n 
1 150 PRO n 
1 151 ASP n 
1 152 LYS n 
1 153 PRO n 
1 154 LEU n 
1 155 LEU n 
1 156 GLU n 
1 157 GLY n 
1 158 THR n 
1 159 GLN n 
1 160 ARG n 
1 161 ALA n 
1 162 LYS n 
1 163 LEU n 
1 164 LEU n 
1 165 GLU n 
1 166 GLN n 
1 167 LYS n 
1 168 LYS n 
1 169 ILE n 
1 170 ILE n 
1 171 ALA n 
1 172 ARG n 
1 173 GLU n 
1 174 ILE n 
1 175 PHE n 
1 176 PHE n 
1 177 GLU n 
1 178 ASP n 
1 179 LEU n 
1 180 ALA n 
1 181 GLN n 
1 182 TYR n 
1 183 GLU n 
1 184 GLU n 
1 185 ILE n 
1 186 ARG n 
1 187 LEU n 
1 188 ILE n 
1 189 ASN n 
1 190 ALA n 
1 191 MSE n 
1 192 ASN n 
1 193 GLY n 
1 194 LEU n 
# 
_entity_src_gen.entity_id                          1 
_entity_src_gen.pdbx_src_id                        1 
_entity_src_gen.pdbx_alt_source_flag               sample 
_entity_src_gen.pdbx_seq_type                      ? 
_entity_src_gen.pdbx_beg_seq_num                   ? 
_entity_src_gen.pdbx_end_seq_num                   ? 
_entity_src_gen.gene_src_common_name               ? 
_entity_src_gen.gene_src_genus                     Histophilus 
_entity_src_gen.pdbx_gene_src_gene                 'YP_718332.1, HS_0128' 
_entity_src_gen.gene_src_species                   'Histophilus somni' 
_entity_src_gen.gene_src_strain                    129PT 
_entity_src_gen.gene_src_tissue                    ? 
_entity_src_gen.gene_src_tissue_fraction           ? 
_entity_src_gen.gene_src_details                   ? 
_entity_src_gen.pdbx_gene_src_fragment             ? 
_entity_src_gen.pdbx_gene_src_scientific_name      'Haemophilus somnus' 
_entity_src_gen.pdbx_gene_src_ncbi_taxonomy_id     205914 
_entity_src_gen.pdbx_gene_src_variant              ? 
_entity_src_gen.pdbx_gene_src_cell_line            ? 
_entity_src_gen.pdbx_gene_src_atcc                 ? 
_entity_src_gen.pdbx_gene_src_organ                ? 
_entity_src_gen.pdbx_gene_src_organelle            ? 
_entity_src_gen.pdbx_gene_src_cell                 ? 
_entity_src_gen.pdbx_gene_src_cellular_location    ? 
_entity_src_gen.host_org_common_name               ? 
_entity_src_gen.pdbx_host_org_scientific_name      'Escherichia coli' 
_entity_src_gen.pdbx_host_org_ncbi_taxonomy_id     562 
_entity_src_gen.host_org_genus                     Escherichia 
_entity_src_gen.pdbx_host_org_gene                 ? 
_entity_src_gen.pdbx_host_org_organ                ? 
_entity_src_gen.host_org_species                   ? 
_entity_src_gen.pdbx_host_org_tissue               ? 
_entity_src_gen.pdbx_host_org_tissue_fraction      ? 
_entity_src_gen.pdbx_host_org_strain               HK100 
_entity_src_gen.pdbx_host_org_variant              ? 
_entity_src_gen.pdbx_host_org_cell_line            ? 
_entity_src_gen.pdbx_host_org_atcc                 ? 
_entity_src_gen.pdbx_host_org_culture_collection   ? 
_entity_src_gen.pdbx_host_org_cell                 ? 
_entity_src_gen.pdbx_host_org_organelle            ? 
_entity_src_gen.pdbx_host_org_cellular_location    ? 
_entity_src_gen.pdbx_host_org_vector_type          Plasmid 
_entity_src_gen.pdbx_host_org_vector               ? 
_entity_src_gen.host_org_details                   ? 
_entity_src_gen.expression_system_id               ? 
_entity_src_gen.plasmid_name                       SpeedET 
_entity_src_gen.plasmid_details                    ? 
_entity_src_gen.pdbx_description                   ? 
# 
_struct_ref.id                         1 
_struct_ref.db_name                    UNP 
_struct_ref.db_code                    Q0I0Z6_HAES1 
_struct_ref.pdbx_db_accession          Q0I0Z6 
_struct_ref.entity_id                  1 
_struct_ref.pdbx_seq_one_letter_code   
;MWQFPLFETILIEQGQAKNISYHQQRYEKSLLKFYPKMKLQPFDLAKIIAKHTALFTHREGLIRCRIDYNHHDYVLQCFP
YQQKVYRTFKPVFCDHIDYSLKFSDRTLLNNLLKQKEECDEIMIIRQGKVTDCSIGNLIFRQNNQWITPDKPLLEGTQRA
KLLEQKKIIAREIFFEDLAQYEEIRLINAMNGL
;
_struct_ref.pdbx_align_begin           1 
_struct_ref.pdbx_db_isoform            ? 
# 
_struct_ref_seq.align_id                      1 
_struct_ref_seq.ref_id                        1 
_struct_ref_seq.pdbx_PDB_id_code              3CEB 
_struct_ref_seq.pdbx_strand_id                A 
_struct_ref_seq.seq_align_beg                 2 
_struct_ref_seq.pdbx_seq_align_beg_ins_code   ? 
_struct_ref_seq.seq_align_end                 194 
_struct_ref_seq.pdbx_seq_align_end_ins_code   ? 
_struct_ref_seq.pdbx_db_accession             Q0I0Z6 
_struct_ref_seq.db_align_beg                  1 
_struct_ref_seq.pdbx_db_align_beg_ins_code    ? 
_struct_ref_seq.db_align_end                  193 
_struct_ref_seq.pdbx_db_align_end_ins_code    ? 
_struct_ref_seq.pdbx_auth_seq_align_beg       1 
_struct_ref_seq.pdbx_auth_seq_align_end       193 
# 
_struct_ref_seq_dif.align_id                     1 
_struct_ref_seq_dif.pdbx_pdb_id_code             3CEB 
_struct_ref_seq_dif.mon_id                       GLY 
_struct_ref_seq_dif.pdbx_pdb_strand_id           A 
_struct_ref_seq_dif.seq_num                      1 
_struct_ref_seq_dif.pdbx_pdb_ins_code            ? 
_struct_ref_seq_dif.pdbx_seq_db_name             UNP 
_struct_ref_seq_dif.pdbx_seq_db_accession_code   Q0I0Z6 
_struct_ref_seq_dif.db_mon_id                    ? 
_struct_ref_seq_dif.pdbx_seq_db_seq_num          ? 
_struct_ref_seq_dif.details                      'expression tag' 
_struct_ref_seq_dif.pdbx_auth_seq_num            0 
_struct_ref_seq_dif.pdbx_ordinal                 1 
# 
loop_
_chem_comp.id 
_chem_comp.type 
_chem_comp.mon_nstd_flag 
_chem_comp.name 
_chem_comp.pdbx_synonyms 
_chem_comp.formula 
_chem_comp.formula_weight 
ALA 'L-peptide linking' y ALANINE                                                                                                 
?                                      'C3 H7 N O2'      89.093  
ARG 'L-peptide linking' y ARGININE                                                                                                
?                                      'C6 H15 N4 O2 1'  175.209 
ASN 'L-peptide linking' y ASPARAGINE                                                                                              
?                                      'C4 H8 N2 O3'     132.118 
ASP 'L-peptide linking' y 'ASPARTIC ACID'                                                                                         
?                                      'C4 H7 N O4'      133.103 
CYS 'L-peptide linking' y CYSTEINE                                                                                                
?                                      'C3 H7 N O2 S'    121.158 
GLN 'L-peptide linking' y GLUTAMINE                                                                                               
?                                      'C5 H10 N2 O3'    146.144 
GLU 'L-peptide linking' y 'GLUTAMIC ACID'                                                                                         
?                                      'C5 H9 N O4'      147.129 
GLY 'peptide linking'   y GLYCINE                                                                                                 
?                                      'C2 H5 N O2'      75.067  
GOL non-polymer         . GLYCEROL                                                                                                
'GLYCERIN; PROPANE-1,2,3-TRIOL'        'C3 H8 O3'        92.094  
HIS 'L-peptide linking' y HISTIDINE                                                                                               
?                                      'C6 H10 N3 O2 1'  156.162 
HOH non-polymer         . WATER                                                                                                   
?                                      'H2 O'            18.015  
ILE 'L-peptide linking' y ISOLEUCINE                                                                                              
?                                      'C6 H13 N O2'     131.173 
LEU 'L-peptide linking' y LEUCINE                                                                                                 
?                                      'C6 H13 N O2'     131.173 
LLP 'L-peptide linking' n '(2S)-2-amino-6-[[3-hydroxy-2-methyl-5-(phosphonooxymethyl)pyridin-4-yl]methylideneamino]hexanoic acid' 
"N'-PYRIDOXYL-LYSINE-5'-MONOPHOSPHATE" 'C14 H22 N3 O7 P' 375.314 
LYS 'L-peptide linking' y LYSINE                                                                                                  
?                                      'C6 H15 N2 O2 1'  147.195 
MSE 'L-peptide linking' n SELENOMETHIONINE                                                                                        
?                                      'C5 H11 N O2 Se'  196.106 
PHE 'L-peptide linking' y PHENYLALANINE                                                                                           
?                                      'C9 H11 N O2'     165.189 
PRO 'L-peptide linking' y PROLINE                                                                                                 
?                                      'C5 H9 N O2'      115.130 
SER 'L-peptide linking' y SERINE                                                                                                  
?                                      'C3 H7 N O3'      105.093 
SO4 non-polymer         . 'SULFATE ION'                                                                                           
?                                      'O4 S -2'         96.063  
THR 'L-peptide linking' y THREONINE                                                                                               
?                                      'C4 H9 N O3'      119.119 
TRP 'L-peptide linking' y TRYPTOPHAN                                                                                              
?                                      'C11 H12 N2 O2'   204.225 
TYR 'L-peptide linking' y TYROSINE                                                                                                
?                                      'C9 H11 N O3'     181.189 
VAL 'L-peptide linking' y VALINE                                                                                                  
?                                      'C5 H11 N O2'     117.146 
# 
_exptl.crystals_number   1 
_exptl.method            'X-RAY DIFFRACTION' 
_exptl.entry_id          3CEB 
# 
_exptl_crystal.id                    1 
_exptl_crystal.density_Matthews      4.65 
_exptl_crystal.density_meas          ? 
_exptl_crystal.density_percent_sol   73.57 
_exptl_crystal.description           ? 
_exptl_crystal.F_000                 ? 
_exptl_crystal.preparation           ? 
# 
_exptl_crystal_grow.crystal_id      1 
_exptl_crystal_grow.method          'VAPOR DIFFUSION, SITTING DROP' 
_exptl_crystal_grow.pH              4.0 
_exptl_crystal_grow.temp            277 
_exptl_crystal_grow.pdbx_details    
'NANODROP, 20.0% Glycerol, 1.27M Ammonium sulfate, 0.1M Sodium acetate pH 4.0, VAPOR DIFFUSION, SITTING DROP, temperature 277K' 
_exptl_crystal_grow.temp_details    ? 
_exptl_crystal_grow.pdbx_pH_range   . 
# 
_diffrn.id                     1 
_diffrn.ambient_temp           100 
_diffrn.ambient_temp_details   ? 
_diffrn.crystal_id             1 
# 
_diffrn_detector.diffrn_id              1 
_diffrn_detector.detector               CCD 
_diffrn_detector.type                   'MARMOSAIC 325 mm CCD' 
_diffrn_detector.details                'Flat mirror (vertical focusing)' 
_diffrn_detector.pdbx_collection_date   2008-01-23 
# 
_diffrn_radiation.diffrn_id                        1 
_diffrn_radiation.pdbx_monochromatic_or_laue_m_l   M 
_diffrn_radiation.monochromator                    'Single crystal Si(111) bent (horizontal focusing)' 
_diffrn_radiation.pdbx_diffrn_protocol             MAD 
_diffrn_radiation.wavelength_id                    1 
_diffrn_radiation.pdbx_scattering_type             x-ray 
# 
loop_
_diffrn_radiation_wavelength.id 
_diffrn_radiation_wavelength.wavelength 
_diffrn_radiation_wavelength.wt 
1 0.91837 1.0 
2 0.97928 1.0 
3 0.97886 1.0 
# 
_diffrn_source.diffrn_id                   1 
_diffrn_source.source                      SYNCHROTRON 
_diffrn_source.pdbx_synchrotron_beamline   BL11-1 
_diffrn_source.type                        'SSRL BEAMLINE BL11-1' 
_diffrn_source.pdbx_wavelength_list        '0.91837, 0.97928, 0.97886' 
_diffrn_source.pdbx_wavelength             ? 
_diffrn_source.pdbx_synchrotron_site       SSRL 
# 
_reflns.entry_id                     3CEB 
_reflns.d_resolution_high            2.40 
_reflns.d_resolution_low             28.296 
_reflns.number_obs                   17363 
_reflns.pdbx_Rmerge_I_obs            0.095 
_reflns.pdbx_netI_over_sigmaI        8.620 
_reflns.percent_possible_obs         97.000 
_reflns.B_iso_Wilson_estimate        41.996 
_reflns.observed_criterion_sigma_I   -3.00 
_reflns.observed_criterion_sigma_F   ? 
_reflns.number_all                   ? 
_reflns.pdbx_Rsym_value              ? 
_reflns.pdbx_redundancy              2.946 
_reflns.R_free_details               ? 
_reflns.limit_h_max                  ? 
_reflns.limit_h_min                  ? 
_reflns.limit_k_max                  ? 
_reflns.limit_k_min                  ? 
_reflns.limit_l_max                  ? 
_reflns.limit_l_min                  ? 
_reflns.observed_criterion_F_max     ? 
_reflns.observed_criterion_F_min     ? 
_reflns.pdbx_chi_squared             ? 
_reflns.pdbx_scaling_rejects         ? 
_reflns.pdbx_ordinal                 1 
_reflns.pdbx_diffrn_id               1 
# 
loop_
_reflns_shell.d_res_high 
_reflns_shell.d_res_low 
_reflns_shell.number_measured_obs 
_reflns_shell.number_measured_all 
_reflns_shell.number_unique_obs 
_reflns_shell.Rmerge_I_obs 
_reflns_shell.meanI_over_sigI_obs 
_reflns_shell.pdbx_Rsym_value 
_reflns_shell.pdbx_chi_squared 
_reflns_shell.pdbx_redundancy 
_reflns_shell.percent_possible_obs 
_reflns_shell.number_unique_all 
_reflns_shell.percent_possible_all 
_reflns_shell.pdbx_ordinal 
_reflns_shell.pdbx_diffrn_id 
2.40 2.49   5018 ? 3331 0.596 1.6  ? ? ? ? ? 94.30 1  1 
2.49 2.58   4664 ? 2974 0.466 2.1  ? ? ? ? ? 98.50 2  1 
2.58 2.70   5151 ? 3360 0.401 2.4  ? ? ? ? ? 97.70 3  1 
2.70 2.84   5207 ? 3286 0.292 3.3  ? ? ? ? ? 97.90 4  1 
2.84 3.02   5089 ? 3306 0.201 4.4  ? ? ? ? ? 98.20 5  1 
3.02 3.25   5024 ? 3212 0.133 6.9  ? ? ? ? ? 97.70 6  1 
3.25 3.58   5219 ? 3321 0.089 9.7  ? ? ? ? ? 97.40 7  1 
3.58 4.09   5135 ? 3207 0.053 15.2 ? ? ? ? ? 96.90 8  1 
4.09 5.14   5257 ? 3255 0.039 19.3 ? ? ? ? ? 96.70 9  1 
5.14 28.296 5381 ? 3259 0.036 21.2 ? ? ? ? ? 95.20 10 1 
# 
_refine.entry_id                                 3CEB 
_refine.ls_d_res_high                            2.400 
_refine.ls_d_res_low                             28.296 
_refine.pdbx_ls_sigma_F                          0.00 
_refine.ls_percent_reflns_obs                    98.720 
_refine.ls_number_reflns_obs                     17351 
_refine.pdbx_ls_cross_valid_method               THROUGHOUT 
_refine.pdbx_R_Free_selection_details            RANDOM 
_refine.details                                  
;1. HYDROGENS HAVE BEEN ADDED IN THE RIDING POSITIONS.
 2. ATOM RECORD CONTAINS RESIDUAL B FACTORS ONLY.
 3. A MET-INHIBITION PROTOCOL WAS USED FOR SELENOMETHIONINE
 INCORPORATION DURING PROTEIN EXPRESSION. THE OCCUPANCY
 OF THE SE ATOMS IN THE MSE RESIDUES WAS REDUCED TO 0.75
 TO ACCOUNT FOR THE REDUCED SCATTERING POWER DUE TO PARTIAL
 S-MET INCORPORATION.
 4. SULFATE IONS AND GLYCEROL MOLECULES FROM CRYSTALLIZATION
 ARE MODELED IN THIS STRUCTURE. PLP MOLECULE FORMED A COVALENT
 BOND WITH LYS 102 WITH CLEAR ELECTRON DENSITY SUPPORT.
;
_refine.ls_R_factor_obs                          0.188 
_refine.ls_R_factor_R_work                       0.186 
_refine.ls_R_factor_R_free                       0.225 
_refine.ls_percent_reflns_R_free                 5.100 
_refine.ls_number_reflns_R_free                  879 
_refine.B_iso_mean                               26.710 
_refine.aniso_B[1][1]                            -0.730 
_refine.aniso_B[2][2]                            -0.730 
_refine.aniso_B[3][3]                            1.100 
_refine.aniso_B[1][2]                            -0.370 
_refine.aniso_B[1][3]                            0.000 
_refine.aniso_B[2][3]                            0.000 
_refine.correlation_coeff_Fo_to_Fc               0.947 
_refine.correlation_coeff_Fo_to_Fc_free          0.925 
_refine.pdbx_overall_ESU_R                       0.196 
_refine.pdbx_overall_ESU_R_Free                  0.179 
_refine.overall_SU_ML                            0.123 
_refine.overall_SU_B                             10.564 
_refine.solvent_model_details                    MASK 
_refine.pdbx_solvent_vdw_probe_radii             1.200 
_refine.pdbx_solvent_ion_probe_radii             0.800 
_refine.pdbx_solvent_shrinkage_radii             0.800 
_refine.pdbx_method_to_determine_struct          MAD 
_refine.pdbx_stereochemistry_target_values       'MAXIMUM LIKELIHOOD WITH PHASES' 
_refine.pdbx_ls_sigma_I                          ? 
_refine.ls_number_reflns_all                     ? 
_refine.ls_R_factor_all                          ? 
_refine.ls_redundancy_reflns_obs                 ? 
_refine.pdbx_data_cutoff_high_absF               ? 
_refine.pdbx_data_cutoff_low_absF                ? 
_refine.ls_number_parameters                     ? 
_refine.ls_number_restraints                     ? 
_refine.ls_R_factor_R_free_error                 ? 
_refine.ls_R_factor_R_free_error_details         ? 
_refine.pdbx_starting_model                      ? 
_refine.pdbx_stereochem_target_val_spec_case     ? 
_refine.solvent_model_param_bsol                 ? 
_refine.solvent_model_param_ksol                 ? 
_refine.occupancy_max                            ? 
_refine.occupancy_min                            ? 
_refine.pdbx_isotropic_thermal_model             ? 
_refine.B_iso_min                                ? 
_refine.B_iso_max                                ? 
_refine.overall_SU_R_Cruickshank_DPI             ? 
_refine.overall_SU_R_free                        ? 
_refine.pdbx_data_cutoff_high_rms_absF           ? 
_refine.ls_wR_factor_R_free                      ? 
_refine.ls_wR_factor_R_work                      ? 
_refine.overall_FOM_free_R_set                   ? 
_refine.overall_FOM_work_R_set                   ? 
_refine.pdbx_overall_phase_error                 ? 
_refine.pdbx_refine_id                           'X-RAY DIFFRACTION' 
_refine.pdbx_TLS_residual_ADP_flag               'LIKELY RESIDUAL' 
_refine.pdbx_diffrn_id                           1 
_refine.pdbx_overall_SU_R_free_Cruickshank_DPI   ? 
_refine.pdbx_overall_SU_R_Blow_DPI               ? 
_refine.pdbx_overall_SU_R_free_Blow_DPI          ? 
# 
_refine_hist.pdbx_refine_id                   'X-RAY DIFFRACTION' 
_refine_hist.cycle_id                         LAST 
_refine_hist.pdbx_number_atoms_protein        1630 
_refine_hist.pdbx_number_atoms_nucleic_acid   0 
_refine_hist.pdbx_number_atoms_ligand         31 
_refine_hist.number_atoms_solvent             85 
_refine_hist.number_atoms_total               1746 
_refine_hist.d_res_high                       2.400 
_refine_hist.d_res_low                        28.296 
# 
loop_
_refine_ls_restr.type 
_refine_ls_restr.number 
_refine_ls_restr.dev_ideal 
_refine_ls_restr.dev_ideal_target 
_refine_ls_restr.weight 
_refine_ls_restr.pdbx_refine_id 
_refine_ls_restr.pdbx_restraint_function 
r_bond_refined_d       1694 0.018  0.022  ? 'X-RAY DIFFRACTION' ? 
r_bond_other_d         1173 0.001  0.020  ? 'X-RAY DIFFRACTION' ? 
r_angle_refined_deg    2288 1.934  1.985  ? 'X-RAY DIFFRACTION' ? 
r_angle_other_deg      2855 1.036  3.000  ? 'X-RAY DIFFRACTION' ? 
r_dihedral_angle_1_deg 193  5.346  5.000  ? 'X-RAY DIFFRACTION' ? 
r_dihedral_angle_2_deg 85   33.732 24.235 ? 'X-RAY DIFFRACTION' ? 
r_dihedral_angle_3_deg 305  13.949 15.000 ? 'X-RAY DIFFRACTION' ? 
r_dihedral_angle_4_deg 10   14.030 15.000 ? 'X-RAY DIFFRACTION' ? 
r_chiral_restr         244  0.098  0.200  ? 'X-RAY DIFFRACTION' ? 
r_gen_planes_refined   1811 0.008  0.020  ? 'X-RAY DIFFRACTION' ? 
r_gen_planes_other     345  0.001  0.020  ? 'X-RAY DIFFRACTION' ? 
r_mcbond_it            970  0.679  1.500  ? 'X-RAY DIFFRACTION' ? 
r_mcbond_other         388  0.147  1.500  ? 'X-RAY DIFFRACTION' ? 
r_mcangle_it           1572 1.314  2.000  ? 'X-RAY DIFFRACTION' ? 
r_scbond_it            724  2.146  3.000  ? 'X-RAY DIFFRACTION' ? 
r_scangle_it           716  3.385  4.500  ? 'X-RAY DIFFRACTION' ? 
# 
_refine_ls_shell.d_res_high                       2.400 
_refine_ls_shell.d_res_low                        2.462 
_refine_ls_shell.pdbx_total_number_of_bins_used   20 
_refine_ls_shell.percent_reflns_obs               98.370 
_refine_ls_shell.number_reflns_R_work             1200 
_refine_ls_shell.R_factor_all                     ? 
_refine_ls_shell.R_factor_R_work                  0.301 
_refine_ls_shell.R_factor_R_free                  0.349 
_refine_ls_shell.percent_reflns_R_free            ? 
_refine_ls_shell.number_reflns_R_free             66 
_refine_ls_shell.R_factor_R_free_error            ? 
_refine_ls_shell.number_reflns_all                1266 
_refine_ls_shell.number_reflns_obs                ? 
_refine_ls_shell.redundancy_reflns_obs            ? 
_refine_ls_shell.pdbx_refine_id                   'X-RAY DIFFRACTION' 
# 
_struct.entry_id                  3CEB 
_struct.title                     
'Crystal structure of a putative 4-amino-4-deoxychorismate lyase (hs_0128) from haemophilus somnus 129pt at 2.40 A resolution' 
_struct.pdbx_model_details        ? 
_struct.pdbx_CASP_flag            ? 
_struct.pdbx_model_type_details   ? 
# 
_struct_keywords.text            
;D-aminoacid aminotransferase-like plp-dependent enzymes fold, structural genomics, Joint Center for Structural Genomics, JCSG, Protein Structure Initiative, PSI-2, lyase
;
_struct_keywords.pdbx_keywords   LYASE 
_struct_keywords.entry_id        3CEB 
# 
loop_
_struct_asym.id 
_struct_asym.pdbx_blank_PDB_chainid_flag 
_struct_asym.pdbx_modified 
_struct_asym.entity_id 
_struct_asym.details 
A N N 1 ? 
B N N 2 ? 
C N N 2 ? 
D N N 2 ? 
E N N 2 ? 
F N N 2 ? 
G N N 3 ? 
H N N 4 ? 
# 
_struct_biol.id        1 
_struct_biol.details   ? 
# 
loop_
_struct_conf.conf_type_id 
_struct_conf.id 
_struct_conf.pdbx_PDB_helix_id 
_struct_conf.beg_label_comp_id 
_struct_conf.beg_label_asym_id 
_struct_conf.beg_label_seq_id 
_struct_conf.pdbx_beg_PDB_ins_code 
_struct_conf.end_label_comp_id 
_struct_conf.end_label_asym_id 
_struct_conf.end_label_seq_id 
_struct_conf.pdbx_end_PDB_ins_code 
_struct_conf.beg_auth_comp_id 
_struct_conf.beg_auth_asym_id 
_struct_conf.beg_auth_seq_id 
_struct_conf.end_auth_comp_id 
_struct_conf.end_auth_asym_id 
_struct_conf.end_auth_seq_id 
_struct_conf.pdbx_PDB_helix_class 
_struct_conf.details 
_struct_conf.pdbx_PDB_helix_length 
HELX_P HELX_P1 1 ASN A 20  ? TYR A 36  ? ASN A 19  TYR A 35  1 ? 17 
HELX_P HELX_P2 2 ASP A 45  ? LYS A 52  ? ASP A 44  LYS A 51  1 ? 8  
HELX_P HELX_P3 3 HIS A 53  ? THR A 58  ? HIS A 52  THR A 57  5 ? 6  
HELX_P HELX_P4 4 ARG A 107 ? LYS A 115 ? ARG A 106 LYS A 114 1 ? 9  
HELX_P HELX_P5 5 GLN A 116 ? GLU A 118 ? GLN A 115 GLU A 117 5 ? 3  
HELX_P HELX_P6 6 GLY A 157 ? GLN A 166 ? GLY A 156 GLN A 165 1 ? 10 
HELX_P HELX_P7 7 PHE A 175 ? TYR A 182 ? PHE A 174 TYR A 181 5 ? 8  
# 
_struct_conf_type.id          HELX_P 
_struct_conf_type.criteria    ? 
_struct_conf_type.reference   ? 
# 
loop_
_struct_conn.id 
_struct_conn.conn_type_id 
_struct_conn.pdbx_leaving_atom_flag 
_struct_conn.pdbx_PDB_id 
_struct_conn.ptnr1_label_asym_id 
_struct_conn.ptnr1_label_comp_id 
_struct_conn.ptnr1_label_seq_id 
_struct_conn.ptnr1_label_atom_id 
_struct_conn.pdbx_ptnr1_label_alt_id 
_struct_conn.pdbx_ptnr1_PDB_ins_code 
_struct_conn.pdbx_ptnr1_standard_comp_id 
_struct_conn.ptnr1_symmetry 
_struct_conn.ptnr2_label_asym_id 
_struct_conn.ptnr2_label_comp_id 
_struct_conn.ptnr2_label_seq_id 
_struct_conn.ptnr2_label_atom_id 
_struct_conn.pdbx_ptnr2_label_alt_id 
_struct_conn.pdbx_ptnr2_PDB_ins_code 
_struct_conn.ptnr1_auth_asym_id 
_struct_conn.ptnr1_auth_comp_id 
_struct_conn.ptnr1_auth_seq_id 
_struct_conn.ptnr2_auth_asym_id 
_struct_conn.ptnr2_auth_comp_id 
_struct_conn.ptnr2_auth_seq_id 
_struct_conn.ptnr2_symmetry 
_struct_conn.pdbx_ptnr3_label_atom_id 
_struct_conn.pdbx_ptnr3_label_seq_id 
_struct_conn.pdbx_ptnr3_label_comp_id 
_struct_conn.pdbx_ptnr3_label_asym_id 
_struct_conn.pdbx_ptnr3_label_alt_id 
_struct_conn.pdbx_ptnr3_PDB_ins_code 
_struct_conn.details 
_struct_conn.pdbx_dist_value 
_struct_conn.pdbx_value_order 
_struct_conn.pdbx_role 
covale1  covale both ? A GLY 1   C ? ? ? 1_555 A MSE 2   N ? ? A GLY 0   A MSE 1   1_555 ? ? ? ? ? ? ? 1.323 ? ? 
covale2  covale both ? A MSE 2   C ? ? ? 1_555 A TRP 3   N ? ? A MSE 1   A TRP 2   1_555 ? ? ? ? ? ? ? 1.317 ? ? 
covale3  covale both ? A LYS 38  C ? ? ? 1_555 A MSE 39  N ? ? A LYS 37  A MSE 38  1_555 ? ? ? ? ? ? ? 1.334 ? ? 
covale4  covale both ? A MSE 39  C ? ? ? 1_555 A LYS 40  N ? ? A MSE 38  A LYS 39  1_555 ? ? ? ? ? ? ? 1.323 ? ? 
covale5  covale both ? A LEU 102 C ? ? ? 1_555 A LLP 103 N ? ? A LEU 101 A LLP 102 1_555 ? ? ? ? ? ? ? 1.305 ? ? 
covale6  covale both ? A LLP 103 C ? ? ? 1_555 A PHE 104 N ? ? A LLP 102 A PHE 103 1_555 ? ? ? ? ? ? ? 1.336 ? ? 
covale7  covale both ? A ILE 123 C ? ? ? 1_555 A MSE 124 N ? ? A ILE 122 A MSE 123 1_555 ? ? ? ? ? ? ? 1.319 ? ? 
covale8  covale both ? A MSE 124 C ? ? ? 1_555 A ILE 125 N ? ? A MSE 123 A ILE 124 1_555 ? ? ? ? ? ? ? 1.327 ? ? 
covale9  covale both ? A ALA 190 C ? ? ? 1_555 A MSE 191 N ? ? A ALA 189 A MSE 190 1_555 ? ? ? ? ? ? ? 1.341 ? ? 
covale10 covale both ? A MSE 191 C ? ? ? 1_555 A ASN 192 N ? ? A MSE 190 A ASN 191 1_555 ? ? ? ? ? ? ? 1.330 ? ? 
# 
_struct_conn_type.id          covale 
_struct_conn_type.criteria    ? 
_struct_conn_type.reference   ? 
# 
loop_
_struct_sheet.id 
_struct_sheet.type 
_struct_sheet.number_strands 
_struct_sheet.details 
A ? 4 ? 
B ? 3 ? 
C ? 4 ? 
# 
loop_
_struct_sheet_order.sheet_id 
_struct_sheet_order.range_id_1 
_struct_sheet_order.range_id_2 
_struct_sheet_order.offset 
_struct_sheet_order.sense 
A 1 2 ? anti-parallel 
A 2 3 ? anti-parallel 
A 3 4 ? anti-parallel 
B 1 2 ? parallel      
B 2 3 ? anti-parallel 
C 1 2 ? parallel      
C 2 3 ? anti-parallel 
C 3 4 ? anti-parallel 
# 
loop_
_struct_sheet_range.sheet_id 
_struct_sheet_range.id 
_struct_sheet_range.beg_label_comp_id 
_struct_sheet_range.beg_label_asym_id 
_struct_sheet_range.beg_label_seq_id 
_struct_sheet_range.pdbx_beg_PDB_ins_code 
_struct_sheet_range.end_label_comp_id 
_struct_sheet_range.end_label_asym_id 
_struct_sheet_range.end_label_seq_id 
_struct_sheet_range.pdbx_end_PDB_ins_code 
_struct_sheet_range.beg_auth_comp_id 
_struct_sheet_range.beg_auth_asym_id 
_struct_sheet_range.beg_auth_seq_id 
_struct_sheet_range.end_auth_comp_id 
_struct_sheet_range.end_auth_asym_id 
_struct_sheet_range.end_auth_seq_id 
A 1 GLN A 17  ? ALA A 18  ? GLN A 16  ALA A 17  
A 2 LEU A 7   ? GLU A 14  ? LEU A 6   GLU A 13  
A 3 LEU A 63  ? TYR A 70  ? LEU A 62  TYR A 69  
A 4 TYR A 75  ? TYR A 82  ? TYR A 74  TYR A 81  
B 1 PHE A 90  ? PHE A 94  ? PHE A 89  PHE A 93  
B 2 GLU A 122 ? ARG A 127 ? GLU A 121 ARG A 126 
B 3 LYS A 130 ? VAL A 131 ? LYS A 129 VAL A 130 
C 1 ILE A 170 ? ARG A 172 ? ILE A 169 ARG A 171 
C 2 GLN A 146 ? PRO A 150 ? GLN A 145 PRO A 149 
C 3 ASN A 138 ? GLN A 143 ? ASN A 137 GLN A 142 
C 4 ILE A 185 ? ILE A 188 ? ILE A 184 ILE A 187 
# 
loop_
_pdbx_struct_sheet_hbond.sheet_id 
_pdbx_struct_sheet_hbond.range_id_1 
_pdbx_struct_sheet_hbond.range_id_2 
_pdbx_struct_sheet_hbond.range_1_label_atom_id 
_pdbx_struct_sheet_hbond.range_1_label_comp_id 
_pdbx_struct_sheet_hbond.range_1_label_asym_id 
_pdbx_struct_sheet_hbond.range_1_label_seq_id 
_pdbx_struct_sheet_hbond.range_1_PDB_ins_code 
_pdbx_struct_sheet_hbond.range_1_auth_atom_id 
_pdbx_struct_sheet_hbond.range_1_auth_comp_id 
_pdbx_struct_sheet_hbond.range_1_auth_asym_id 
_pdbx_struct_sheet_hbond.range_1_auth_seq_id 
_pdbx_struct_sheet_hbond.range_2_label_atom_id 
_pdbx_struct_sheet_hbond.range_2_label_comp_id 
_pdbx_struct_sheet_hbond.range_2_label_asym_id 
_pdbx_struct_sheet_hbond.range_2_label_seq_id 
_pdbx_struct_sheet_hbond.range_2_PDB_ins_code 
_pdbx_struct_sheet_hbond.range_2_auth_atom_id 
_pdbx_struct_sheet_hbond.range_2_auth_comp_id 
_pdbx_struct_sheet_hbond.range_2_auth_asym_id 
_pdbx_struct_sheet_hbond.range_2_auth_seq_id 
A 1 2 O GLN A 17  ? O GLN A 16  N GLU A 14  ? N GLU A 13  
A 2 3 N ILE A 11  ? N ILE A 10  O CYS A 66  ? O CYS A 65  
A 3 4 N ARG A 65  ? N ARG A 64  O PHE A 80  ? O PHE A 79  
B 1 2 N VAL A 93  ? N VAL A 92  O ILE A 126 ? O ILE A 125 
B 2 3 N ARG A 127 ? N ARG A 126 O LYS A 130 ? O LYS A 129 
C 1 2 O ILE A 170 ? O ILE A 169 N THR A 149 ? N THR A 148 
C 2 3 O GLN A 146 ? O GLN A 145 N GLN A 143 ? N GLN A 142 
C 3 4 N ILE A 140 ? N ILE A 139 O ARG A 186 ? O ARG A 185 
# 
loop_
_struct_site.id 
_struct_site.pdbx_evidence_code 
_struct_site.pdbx_auth_asym_id 
_struct_site.pdbx_auth_comp_id 
_struct_site.pdbx_auth_seq_id 
_struct_site.pdbx_auth_ins_code 
_struct_site.pdbx_num_residues 
_struct_site.details 
AC1 Software A SO4 194 ? 7 'BINDING SITE FOR RESIDUE SO4 A 194' 
AC2 Software A SO4 195 ? 6 'BINDING SITE FOR RESIDUE SO4 A 195' 
AC3 Software A SO4 196 ? 3 'BINDING SITE FOR RESIDUE SO4 A 196' 
AC4 Software A SO4 197 ? 3 'BINDING SITE FOR RESIDUE SO4 A 197' 
AC5 Software A SO4 198 ? 4 'BINDING SITE FOR RESIDUE SO4 A 198' 
AC6 Software A GOL 199 ? 5 'BINDING SITE FOR RESIDUE GOL A 199' 
# 
loop_
_struct_site_gen.id 
_struct_site_gen.site_id 
_struct_site_gen.pdbx_num_res 
_struct_site_gen.label_comp_id 
_struct_site_gen.label_asym_id 
_struct_site_gen.label_seq_id 
_struct_site_gen.pdbx_auth_ins_code 
_struct_site_gen.auth_comp_id 
_struct_site_gen.auth_asym_id 
_struct_site_gen.auth_seq_id 
_struct_site_gen.label_atom_id 
_struct_site_gen.label_alt_id 
_struct_site_gen.symmetry 
_struct_site_gen.details 
1  AC1 7 TYR A 36  ? TYR A 35  . ? 1_555 ? 
2  AC1 7 HIS A 53  ? HIS A 52  . ? 3_564 ? 
3  AC1 7 ASN A 71  ? ASN A 70  . ? 1_555 ? 
4  AC1 7 HIS A 72  ? HIS A 71  . ? 1_555 ? 
5  AC1 7 TYR A 75  ? TYR A 74  . ? 3_564 ? 
6  AC1 7 LEU A 77  ? LEU A 76  . ? 3_564 ? 
7  AC1 7 HOH H .   ? HOH A 214 . ? 3_564 ? 
8  AC2 6 ASN A 20  ? ASN A 19  . ? 1_555 ? 
9  AC2 6 ILE A 21  ? ILE A 20  . ? 1_555 ? 
10 AC2 6 SER A 22  ? SER A 21  . ? 1_555 ? 
11 AC2 6 TYR A 23  ? TYR A 22  . ? 1_555 ? 
12 AC2 6 HOH H .   ? HOH A 227 . ? 1_555 ? 
13 AC2 6 HOH H .   ? HOH A 261 . ? 1_555 ? 
14 AC3 3 HIS A 59  ? HIS A 58  . ? 1_555 ? 
15 AC3 3 ARG A 60  ? ARG A 59  . ? 1_555 ? 
16 AC3 3 GLU A 61  ? GLU A 60  . ? 1_555 ? 
17 AC4 3 CYS A 95  ? CYS A 94  . ? 1_555 ? 
18 AC4 3 ASP A 96  ? ASP A 95  . ? 1_555 ? 
19 AC4 3 HIS A 97  ? HIS A 96  . ? 1_555 ? 
20 AC5 4 ARG A 107 ? ARG A 106 . ? 1_555 ? 
21 AC5 4 ASN A 111 ? ASN A 110 . ? 1_555 ? 
22 AC5 4 HOH H .   ? HOH A 218 . ? 1_555 ? 
23 AC5 4 HOH H .   ? HOH A 240 . ? 1_555 ? 
24 AC6 5 LYS A 85  ? LYS A 84  . ? 1_555 ? 
25 AC6 5 TYR A 87  ? TYR A 86  . ? 1_555 ? 
26 AC6 5 ARG A 186 ? ARG A 185 . ? 1_555 ? 
27 AC6 5 LEU A 187 ? LEU A 186 . ? 1_555 ? 
28 AC6 5 ASN A 192 ? ASN A 191 . ? 1_555 ? 
# 
_atom_sites.entry_id                    3CEB 
_atom_sites.fract_transf_matrix[1][1]   0.00447735 
_atom_sites.fract_transf_matrix[1][2]   -0.00112050 
_atom_sites.fract_transf_matrix[1][3]   0.00617864 
_atom_sites.fract_transf_matrix[2][1]   0.00761538 
_atom_sites.fract_transf_matrix[2][2]   -0.00085962 
_atom_sites.fract_transf_matrix[2][3]   -0.00086142 
_atom_sites.fract_transf_matrix[3][1]   0.00357969 
_atom_sites.fract_transf_matrix[3][2]   0.02903544 
_atom_sites.fract_transf_matrix[3][3]   0.00267158 
_atom_sites.fract_transf_vector[1]      0.154343 
_atom_sites.fract_transf_vector[2]      0.547459 
_atom_sites.fract_transf_vector[3]      -0.049976 
# 
loop_
_atom_type.symbol 
C  
N  
O  
P  
S  
SE 
# 
loop_
_atom_site.group_PDB 
_atom_site.id 
_atom_site.type_symbol 
_atom_site.label_atom_id 
_atom_site.label_alt_id 
_atom_site.label_comp_id 
_atom_site.label_asym_id 
_atom_site.label_entity_id 
_atom_site.label_seq_id 
_atom_site.pdbx_PDB_ins_code 
_atom_site.Cartn_x 
_atom_site.Cartn_y 
_atom_site.Cartn_z 
_atom_site.occupancy 
_atom_site.B_iso_or_equiv 
_atom_site.pdbx_formal_charge 
_atom_site.auth_seq_id 
_atom_site.auth_comp_id 
_atom_site.auth_asym_id 
_atom_site.auth_atom_id 
_atom_site.pdbx_PDB_model_num 
ATOM   1    N  N     . GLY A 1 1   ? 14.822  1.167   4.353   1.00 51.84 ? 0   GLY A N     1 
ATOM   2    C  CA    . GLY A 1 1   ? 15.867  0.756   3.444   1.00 51.43 ? 0   GLY A CA    1 
ATOM   3    C  C     . GLY A 1 1   ? 16.490  -0.555  3.850   1.00 50.81 ? 0   GLY A C     1 
ATOM   4    O  O     . GLY A 1 1   ? 16.660  -1.433  3.024   1.00 52.07 ? 0   GLY A O     1 
HETATM 5    N  N     . MSE A 1 2   ? 16.761  -0.689  5.139   1.00 48.21 ? 1   MSE A N     1 
HETATM 6    C  CA    . MSE A 1 2   ? 17.792  -1.525  5.702   1.00 45.61 ? 1   MSE A CA    1 
HETATM 7    C  C     . MSE A 1 2   ? 18.054  -2.936  5.211   1.00 43.10 ? 1   MSE A C     1 
HETATM 8    O  O     . MSE A 1 2   ? 17.163  -3.659  4.910   1.00 43.15 ? 1   MSE A O     1 
HETATM 9    C  CB    . MSE A 1 2   ? 17.643  -1.528  7.177   1.00 45.45 ? 1   MSE A CB    1 
HETATM 10   C  CG    . MSE A 1 2   ? 17.062  -0.300  7.669   1.00 45.89 ? 1   MSE A CG    1 
HETATM 11   SE SE    . MSE A 1 2   ? 16.480  -0.528  9.367   0.75 47.92 ? 1   MSE A SE    1 
HETATM 12   C  CE    . MSE A 1 2   ? 14.689  -0.507  8.982   1.00 47.44 ? 1   MSE A CE    1 
ATOM   13   N  N     . TRP A 1 3   ? 19.314  -3.308  5.131   1.00 39.95 ? 2   TRP A N     1 
ATOM   14   C  CA    . TRP A 1 3   ? 19.700  -4.462  4.375   1.00 37.54 ? 2   TRP A CA    1 
ATOM   15   C  C     . TRP A 1 3   ? 19.107  -5.741  4.871   1.00 36.82 ? 2   TRP A C     1 
ATOM   16   O  O     . TRP A 1 3   ? 18.816  -6.613  4.110   1.00 36.43 ? 2   TRP A O     1 
ATOM   17   C  CB    . TRP A 1 3   ? 21.181  -4.643  4.354   1.00 37.06 ? 2   TRP A CB    1 
ATOM   18   C  CG    . TRP A 1 3   ? 21.920  -3.702  3.571   1.00 32.50 ? 2   TRP A CG    1 
ATOM   19   C  CD1   . TRP A 1 3   ? 21.657  -3.291  2.338   1.00 28.81 ? 2   TRP A CD1   1 
ATOM   20   C  CD2   . TRP A 1 3   ? 23.102  -3.059  3.968   1.00 27.55 ? 2   TRP A CD2   1 
ATOM   21   N  NE1   . TRP A 1 3   ? 22.583  -2.414  1.932   1.00 25.96 ? 2   TRP A NE1   1 
ATOM   22   C  CE2   . TRP A 1 3   ? 23.499  -2.260  2.925   1.00 25.69 ? 2   TRP A CE2   1 
ATOM   23   C  CE3   . TRP A 1 3   ? 23.868  -3.095  5.113   1.00 26.31 ? 2   TRP A CE3   1 
ATOM   24   C  CZ2   . TRP A 1 3   ? 24.626  -1.496  2.984   1.00 25.98 ? 2   TRP A CZ2   1 
ATOM   25   C  CZ3   . TRP A 1 3   ? 24.959  -2.339  5.171   1.00 28.58 ? 2   TRP A CZ3   1 
ATOM   26   C  CH2   . TRP A 1 3   ? 25.341  -1.550  4.117   1.00 27.36 ? 2   TRP A CH2   1 
ATOM   27   N  N     . GLN A 1 4   ? 18.974  -5.888  6.161   1.00 36.24 ? 3   GLN A N     1 
ATOM   28   C  CA    . GLN A 1 4   ? 18.560  -7.225  6.629   1.00 36.47 ? 3   GLN A CA    1 
ATOM   29   C  C     . GLN A 1 4   ? 17.058  -7.424  6.812   1.00 35.69 ? 3   GLN A C     1 
ATOM   30   O  O     . GLN A 1 4   ? 16.627  -8.519  7.145   1.00 36.45 ? 3   GLN A O     1 
ATOM   31   C  CB    . GLN A 1 4   ? 19.294  -7.617  7.904   1.00 36.88 ? 3   GLN A CB    1 
ATOM   32   C  CG    . GLN A 1 4   ? 18.914  -6.811  9.136   1.00 35.93 ? 3   GLN A CG    1 
ATOM   33   C  CD    . GLN A 1 4   ? 20.039  -6.906  10.075  1.00 36.67 ? 3   GLN A CD    1 
ATOM   34   O  OE1   . GLN A 1 4   ? 21.203  -6.695  9.663   1.00 36.56 ? 3   GLN A OE1   1 
ATOM   35   N  NE2   . GLN A 1 4   ? 19.753  -7.270  11.334  1.00 35.92 ? 3   GLN A NE2   1 
ATOM   36   N  N     . PHE A 1 5   ? 16.290  -6.364  6.572   1.00 33.74 ? 4   PHE A N     1 
ATOM   37   C  CA    . PHE A 1 5   ? 14.857  -6.421  6.618   1.00 32.19 ? 4   PHE A CA    1 
ATOM   38   C  C     . PHE A 1 5   ? 14.314  -6.133  5.235   1.00 30.49 ? 4   PHE A C     1 
ATOM   39   O  O     . PHE A 1 5   ? 14.235  -4.986  4.817   1.00 30.40 ? 4   PHE A O     1 
ATOM   40   C  CB    . PHE A 1 5   ? 14.368  -5.371  7.581   1.00 33.08 ? 4   PHE A CB    1 
ATOM   41   C  CG    . PHE A 1 5   ? 14.909  -5.541  8.954   1.00 34.40 ? 4   PHE A CG    1 
ATOM   42   C  CD1   . PHE A 1 5   ? 14.445  -6.562  9.769   1.00 35.27 ? 4   PHE A CD1   1 
ATOM   43   C  CD2   . PHE A 1 5   ? 15.882  -4.693  9.438   1.00 35.01 ? 4   PHE A CD2   1 
ATOM   44   C  CE1   . PHE A 1 5   ? 14.961  -6.730  11.006  1.00 35.39 ? 4   PHE A CE1   1 
ATOM   45   C  CE2   . PHE A 1 5   ? 16.398  -4.868  10.685  1.00 33.88 ? 4   PHE A CE2   1 
ATOM   46   C  CZ    . PHE A 1 5   ? 15.929  -5.866  11.468  1.00 35.29 ? 4   PHE A CZ    1 
ATOM   47   N  N     . PRO A 1 6   ? 13.902  -7.164  4.520   1.00 28.62 ? 5   PRO A N     1 
ATOM   48   C  CA    . PRO A 1 6   ? 13.539  -6.981  3.123   1.00 28.07 ? 5   PRO A CA    1 
ATOM   49   C  C     . PRO A 1 6   ? 12.067  -6.774  2.839   1.00 28.06 ? 5   PRO A C     1 
ATOM   50   O  O     . PRO A 1 6   ? 11.677  -6.615  1.697   1.00 28.22 ? 5   PRO A O     1 
ATOM   51   C  CB    . PRO A 1 6   ? 13.971  -8.291  2.520   1.00 28.37 ? 5   PRO A CB    1 
ATOM   52   C  CG    . PRO A 1 6   ? 13.657  -9.265  3.619   1.00 27.95 ? 5   PRO A CG    1 
ATOM   53   C  CD    . PRO A 1 6   ? 13.994  -8.580  4.894   1.00 27.85 ? 5   PRO A CD    1 
ATOM   54   N  N     . LEU A 1 7   ? 11.265  -6.763  3.877   1.00 28.60 ? 6   LEU A N     1 
ATOM   55   C  CA    . LEU A 1 7   ? 9.840   -6.499  3.749   1.00 29.04 ? 6   LEU A CA    1 
ATOM   56   C  C     . LEU A 1 7   ? 9.386   -5.476  4.817   1.00 29.96 ? 6   LEU A C     1 
ATOM   57   O  O     . LEU A 1 7   ? 10.040  -5.285  5.836   1.00 29.58 ? 6   LEU A O     1 
ATOM   58   C  CB    . LEU A 1 7   ? 9.062   -7.806  3.969   1.00 28.72 ? 6   LEU A CB    1 
ATOM   59   C  CG    . LEU A 1 7   ? 9.313   -8.976  3.026   1.00 27.52 ? 6   LEU A CG    1 
ATOM   60   C  CD1   . LEU A 1 7   ? 8.766   -10.290 3.578   1.00 25.50 ? 6   LEU A CD1   1 
ATOM   61   C  CD2   . LEU A 1 7   ? 8.717   -8.667  1.695   1.00 25.01 ? 6   LEU A CD2   1 
ATOM   62   N  N     . PHE A 1 8   ? 8.253   -4.825  4.586   1.00 31.07 ? 7   PHE A N     1 
ATOM   63   C  CA    . PHE A 1 8   ? 7.658   -3.943  5.615   1.00 31.15 ? 7   PHE A CA    1 
ATOM   64   C  C     . PHE A 1 8   ? 6.141   -3.754  5.513   1.00 31.74 ? 7   PHE A C     1 
ATOM   65   O  O     . PHE A 1 8   ? 5.506   -4.167  4.536   1.00 31.89 ? 7   PHE A O     1 
ATOM   66   C  CB    . PHE A 1 8   ? 8.328   -2.590  5.607   1.00 30.61 ? 7   PHE A CB    1 
ATOM   67   C  CG    . PHE A 1 8   ? 8.040   -1.757  4.392   1.00 29.86 ? 7   PHE A CG    1 
ATOM   68   C  CD1   . PHE A 1 8   ? 8.682   -1.993  3.214   1.00 29.09 ? 7   PHE A CD1   1 
ATOM   69   C  CD2   . PHE A 1 8   ? 7.163   -0.670  4.461   1.00 29.13 ? 7   PHE A CD2   1 
ATOM   70   C  CE1   . PHE A 1 8   ? 8.448   -1.175  2.104   1.00 29.48 ? 7   PHE A CE1   1 
ATOM   71   C  CE2   . PHE A 1 8   ? 6.929   0.136   3.355   1.00 27.05 ? 7   PHE A CE2   1 
ATOM   72   C  CZ    . PHE A 1 8   ? 7.554   -0.120  2.189   1.00 27.48 ? 7   PHE A CZ    1 
ATOM   73   N  N     . GLU A 1 9   ? 5.594   -3.155  6.569   1.00 31.55 ? 8   GLU A N     1 
ATOM   74   C  CA    . GLU A 1 9   ? 4.179   -2.814  6.660   1.00 31.84 ? 8   GLU A CA    1 
ATOM   75   C  C     . GLU A 1 9   ? 4.109   -1.354  7.128   1.00 32.65 ? 8   GLU A C     1 
ATOM   76   O  O     . GLU A 1 9   ? 4.920   -0.925  7.946   1.00 34.24 ? 8   GLU A O     1 
ATOM   77   C  CB    . GLU A 1 9   ? 3.460   -3.732  7.659   1.00 31.66 ? 8   GLU A CB    1 
ATOM   78   C  CG    . GLU A 1 9   ? 3.214   -5.157  7.134   1.00 32.88 ? 8   GLU A CG    1 
ATOM   79   C  CD    . GLU A 1 9   ? 2.137   -5.224  6.040   1.00 32.80 ? 8   GLU A CD    1 
ATOM   80   O  OE1   . GLU A 1 9   ? 1.213   -4.391  6.081   1.00 31.86 ? 8   GLU A OE1   1 
ATOM   81   O  OE2   . GLU A 1 9   ? 2.233   -6.093  5.129   1.00 35.28 ? 8   GLU A OE2   1 
ATOM   82   N  N     . THR A 1 10  ? 3.178   -0.581  6.596   1.00 32.32 ? 9   THR A N     1 
ATOM   83   C  CA    . THR A 1 10  ? 2.994   0.792   7.029   1.00 32.21 ? 9   THR A CA    1 
ATOM   84   C  C     . THR A 1 10  ? 1.601   0.896   7.611   1.00 31.25 ? 9   THR A C     1 
ATOM   85   O  O     . THR A 1 10  ? 0.614   0.672   6.917   1.00 29.98 ? 9   THR A O     1 
ATOM   86   C  CB    . THR A 1 10  ? 3.148   1.739   5.849   1.00 32.91 ? 9   THR A CB    1 
ATOM   87   O  OG1   . THR A 1 10  ? 4.433   1.520   5.285   1.00 35.92 ? 9   THR A OG1   1 
ATOM   88   C  CG2   . THR A 1 10  ? 3.057   3.192   6.249   1.00 32.79 ? 9   THR A CG2   1 
ATOM   89   N  N     . ILE A 1 11  ? 1.544   1.231   8.894   1.00 30.29 ? 10  ILE A N     1 
ATOM   90   C  CA    . ILE A 1 11  ? 0.306   1.291   9.618   1.00 30.19 ? 10  ILE A CA    1 
ATOM   91   C  C     . ILE A 1 11  ? -0.044  2.703   10.028  1.00 30.84 ? 10  ILE A C     1 
ATOM   92   O  O     . ILE A 1 11  ? 0.793   3.481   10.490  1.00 31.60 ? 10  ILE A O     1 
ATOM   93   C  CB    . ILE A 1 11  ? 0.401   0.413   10.857  1.00 30.51 ? 10  ILE A CB    1 
ATOM   94   C  CG1   . ILE A 1 11  ? 0.668   -1.051  10.421  1.00 29.57 ? 10  ILE A CG1   1 
ATOM   95   C  CG2   . ILE A 1 11  ? -0.861  0.582   11.733  1.00 29.15 ? 10  ILE A CG2   1 
ATOM   96   C  CD1   . ILE A 1 11  ? 1.365   -1.880  11.469  1.00 30.62 ? 10  ILE A CD1   1 
ATOM   97   N  N     . LEU A 1 12  ? -1.309  3.042   9.831   1.00 30.69 ? 11  LEU A N     1 
ATOM   98   C  CA    . LEU A 1 12  ? -1.813  4.358   10.196  1.00 29.79 ? 11  LEU A CA    1 
ATOM   99   C  C     . LEU A 1 12  ? -2.385  4.324   11.615  1.00 29.31 ? 11  LEU A C     1 
ATOM   100  O  O     . LEU A 1 12  ? -3.051  3.378   12.001  1.00 29.16 ? 11  LEU A O     1 
ATOM   101  C  CB    . LEU A 1 12  ? -2.888  4.767   9.198   1.00 29.42 ? 11  LEU A CB    1 
ATOM   102  C  CG    . LEU A 1 12  ? -3.714  6.026   9.439   1.00 30.49 ? 11  LEU A CG    1 
ATOM   103  C  CD1   . LEU A 1 12  ? -2.842  7.265   9.464   1.00 30.19 ? 11  LEU A CD1   1 
ATOM   104  C  CD2   . LEU A 1 12  ? -4.815  6.131   8.355   1.00 28.91 ? 11  LEU A CD2   1 
ATOM   105  N  N     . ILE A 1 13  ? -2.041  5.332   12.393  1.00 28.96 ? 12  ILE A N     1 
ATOM   106  C  CA    . ILE A 1 13  ? -2.743  5.636   13.618  1.00 28.80 ? 12  ILE A CA    1 
ATOM   107  C  C     . ILE A 1 13  ? -3.577  6.860   13.275  1.00 30.27 ? 12  ILE A C     1 
ATOM   108  O  O     . ILE A 1 13  ? -3.064  7.867   12.814  1.00 29.85 ? 12  ILE A O     1 
ATOM   109  C  CB    . ILE A 1 13  ? -1.820  5.992   14.775  1.00 28.05 ? 12  ILE A CB    1 
ATOM   110  C  CG1   . ILE A 1 13  ? -0.680  4.947   14.921  1.00 27.84 ? 12  ILE A CG1   1 
ATOM   111  C  CG2   . ILE A 1 13  ? -2.626  6.138   16.035  1.00 25.52 ? 12  ILE A CG2   1 
ATOM   112  C  CD1   . ILE A 1 13  ? -1.082  3.521   14.972  1.00 25.19 ? 12  ILE A CD1   1 
ATOM   113  N  N     . GLU A 1 14  ? -4.874  6.774   13.483  1.00 32.05 ? 13  GLU A N     1 
ATOM   114  C  CA    . GLU A 1 14  ? -5.754  7.902   13.183  1.00 33.41 ? 13  GLU A CA    1 
ATOM   115  C  C     . GLU A 1 14  ? -6.795  8.024   14.238  1.00 34.03 ? 13  GLU A C     1 
ATOM   116  O  O     . GLU A 1 14  ? -7.455  7.057   14.571  1.00 33.79 ? 13  GLU A O     1 
ATOM   117  C  CB    . GLU A 1 14  ? -6.427  7.708   11.819  1.00 33.72 ? 13  GLU A CB    1 
ATOM   118  C  CG    . GLU A 1 14  ? -7.594  8.642   11.549  1.00 32.87 ? 13  GLU A CG    1 
ATOM   119  C  CD    . GLU A 1 14  ? -8.174  8.385   10.186  1.00 34.92 ? 13  GLU A CD    1 
ATOM   120  O  OE1   . GLU A 1 14  ? -8.267  7.212   9.775   1.00 33.24 ? 13  GLU A OE1   1 
ATOM   121  O  OE2   . GLU A 1 14  ? -8.531  9.356   9.498   1.00 39.03 ? 13  GLU A OE2   1 
ATOM   122  N  N     . GLN A 1 15  ? -6.948  9.229   14.763  1.00 36.23 ? 14  GLN A N     1 
ATOM   123  C  CA    . GLN A 1 15  ? -7.920  9.450   15.837  1.00 37.46 ? 14  GLN A CA    1 
ATOM   124  C  C     . GLN A 1 15  ? -7.596  8.503   16.993  1.00 38.01 ? 14  GLN A C     1 
ATOM   125  O  O     . GLN A 1 15  ? -8.503  7.947   17.579  1.00 38.01 ? 14  GLN A O     1 
ATOM   126  C  CB    . GLN A 1 15  ? -9.332  9.114   15.337  1.00 37.87 ? 14  GLN A CB    1 
ATOM   127  C  CG    . GLN A 1 15  ? -9.720  9.785   14.034  1.00 39.22 ? 14  GLN A CG    1 
ATOM   128  C  CD    . GLN A 1 15  ? -10.709 10.867  14.219  1.00 40.85 ? 14  GLN A CD    1 
ATOM   129  O  OE1   . GLN A 1 15  ? -10.692 11.588  15.233  1.00 39.99 ? 14  GLN A OE1   1 
ATOM   130  N  NE2   . GLN A 1 15  ? -11.625 10.988  13.241  1.00 42.11 ? 14  GLN A NE2   1 
ATOM   131  N  N     . GLY A 1 16  ? -6.314  8.244   17.246  1.00 38.50 ? 15  GLY A N     1 
ATOM   132  C  CA    . GLY A 1 16  ? -5.924  7.408   18.367  1.00 38.46 ? 15  GLY A CA    1 
ATOM   133  C  C     . GLY A 1 16  ? -6.326  5.951   18.223  1.00 39.07 ? 15  GLY A C     1 
ATOM   134  O  O     . GLY A 1 16  ? -6.478  5.236   19.211  1.00 39.21 ? 15  GLY A O     1 
ATOM   135  N  N     . GLN A 1 17  ? -6.522  5.496   16.992  1.00 39.28 ? 16  GLN A N     1 
ATOM   136  C  CA    . GLN A 1 17  ? -6.603  4.049   16.763  1.00 39.56 ? 16  GLN A CA    1 
ATOM   137  C  C     . GLN A 1 17  ? -5.675  3.608   15.632  1.00 38.44 ? 16  GLN A C     1 
ATOM   138  O  O     . GLN A 1 17  ? -5.500  4.303   14.642  1.00 38.60 ? 16  GLN A O     1 
ATOM   139  C  CB    . GLN A 1 17  ? -8.003  3.619   16.377  1.00 40.56 ? 16  GLN A CB    1 
ATOM   140  C  CG    . GLN A 1 17  ? -9.116  3.899   17.371  1.00 44.10 ? 16  GLN A CG    1 
ATOM   141  C  CD    . GLN A 1 17  ? -10.452 3.844   16.647  1.00 48.64 ? 16  GLN A CD    1 
ATOM   142  O  OE1   . GLN A 1 17  ? -10.546 3.244   15.555  1.00 52.80 ? 16  GLN A OE1   1 
ATOM   143  N  NE2   . GLN A 1 17  ? -11.470 4.496   17.201  1.00 48.24 ? 16  GLN A NE2   1 
ATOM   144  N  N     . ALA A 1 18  ? -5.082  2.443   15.796  1.00 37.08 ? 17  ALA A N     1 
ATOM   145  C  CA    . ALA A 1 18  ? -4.331  1.803   14.724  1.00 36.09 ? 17  ALA A CA    1 
ATOM   146  C  C     . ALA A 1 18  ? -5.398  1.331   13.757  1.00 35.22 ? 17  ALA A C     1 
ATOM   147  O  O     . ALA A 1 18  ? -6.414  0.817   14.162  1.00 34.55 ? 17  ALA A O     1 
ATOM   148  C  CB    . ALA A 1 18  ? -3.518  0.608   15.268  1.00 34.87 ? 17  ALA A CB    1 
ATOM   149  N  N     . LYS A 1 19  ? -5.181  1.518   12.470  1.00 35.04 ? 18  LYS A N     1 
ATOM   150  C  CA    . LYS A 1 19  ? -6.191  1.162   11.471  1.00 34.19 ? 18  LYS A CA    1 
ATOM   151  C  C     . LYS A 1 19  ? -5.911  -0.106  10.680  1.00 33.54 ? 18  LYS A C     1 
ATOM   152  O  O     . LYS A 1 19  ? -4.773  -0.364  10.282  1.00 33.15 ? 18  LYS A O     1 
ATOM   153  C  CB    . LYS A 1 19  ? -6.317  2.305   10.476  1.00 34.24 ? 18  LYS A CB    1 
ATOM   154  C  CG    . LYS A 1 19  ? -6.812  3.594   11.090  1.00 36.01 ? 18  LYS A CG    1 
ATOM   155  C  CD    . LYS A 1 19  ? -8.154  3.383   11.765  1.00 38.72 ? 18  LYS A CD    1 
ATOM   156  C  CE    . LYS A 1 19  ? -8.971  4.627   11.640  1.00 41.48 ? 18  LYS A CE    1 
ATOM   157  N  NZ    . LYS A 1 19  ? -10.319 4.529   12.273  1.00 44.12 ? 18  LYS A NZ    1 
ATOM   158  N  N     . ASN A 1 20  ? -6.982  -0.862  10.411  1.00 32.94 ? 19  ASN A N     1 
ATOM   159  C  CA    . ASN A 1 20  ? -6.929  -2.032  9.518   1.00 32.12 ? 19  ASN A CA    1 
ATOM   160  C  C     . ASN A 1 20  ? -5.882  -3.022  9.940   1.00 31.85 ? 19  ASN A C     1 
ATOM   161  O  O     . ASN A 1 20  ? -5.263  -3.692  9.128   1.00 32.11 ? 19  ASN A O     1 
ATOM   162  C  CB    . ASN A 1 20  ? -6.680  -1.576  8.091   1.00 31.87 ? 19  ASN A CB    1 
ATOM   163  C  CG    . ASN A 1 20  ? -7.820  -0.717  7.550   1.00 33.36 ? 19  ASN A CG    1 
ATOM   164  O  OD1   . ASN A 1 20  ? -8.985  -0.859  7.955   1.00 33.57 ? 19  ASN A OD1   1 
ATOM   165  N  ND2   . ASN A 1 20  ? -7.496  0.158   6.610   1.00 35.65 ? 19  ASN A ND2   1 
ATOM   166  N  N     . ILE A 1 21  ? -5.710  -3.133  11.245  1.00 31.89 ? 20  ILE A N     1 
ATOM   167  C  CA    . ILE A 1 21  ? -4.636  -3.937  11.802  1.00 31.71 ? 20  ILE A CA    1 
ATOM   168  C  C     . ILE A 1 21  ? -4.753  -5.392  11.355  1.00 30.71 ? 20  ILE A C     1 
ATOM   169  O  O     . ILE A 1 21  ? -3.760  -5.987  10.974  1.00 31.34 ? 20  ILE A O     1 
ATOM   170  C  CB    . ILE A 1 21  ? -4.486  -3.791  13.394  1.00 32.23 ? 20  ILE A CB    1 
ATOM   171  C  CG1   . ILE A 1 21  ? -3.063  -4.135  13.778  1.00 32.23 ? 20  ILE A CG1   1 
ATOM   172  C  CG2   . ILE A 1 21  ? -5.505  -4.653  14.163  1.00 31.97 ? 20  ILE A CG2   1 
ATOM   173  C  CD1   . ILE A 1 21  ? -2.103  -3.233  13.042  1.00 33.64 ? 20  ILE A CD1   1 
ATOM   174  N  N     . SER A 1 22  ? -5.934  -5.980  11.333  1.00 29.06 ? 21  SER A N     1 
ATOM   175  C  CA    . SER A 1 22  ? -5.951  -7.390  10.970  1.00 28.31 ? 21  SER A CA    1 
ATOM   176  C  C     . SER A 1 22  ? -5.582  -7.606  9.519   1.00 28.09 ? 21  SER A C     1 
ATOM   177  O  O     . SER A 1 22  ? -5.176  -8.702  9.136   1.00 26.71 ? 21  SER A O     1 
ATOM   178  C  CB    . SER A 1 22  ? -7.284  -8.030  11.256  1.00 27.64 ? 21  SER A CB    1 
ATOM   179  O  OG    . SER A 1 22  ? -8.239  -7.405  10.501  1.00 26.76 ? 21  SER A OG    1 
ATOM   180  N  N     . TYR A 1 23  ? -5.722  -6.555  8.720   1.00 28.33 ? 22  TYR A N     1 
ATOM   181  C  CA    . TYR A 1 23  ? -5.419  -6.670  7.279   1.00 28.44 ? 22  TYR A CA    1 
ATOM   182  C  C     . TYR A 1 23  ? -3.931  -6.696  7.124   1.00 28.53 ? 22  TYR A C     1 
ATOM   183  O  O     . TYR A 1 23  ? -3.374  -7.398  6.263   1.00 28.30 ? 22  TYR A O     1 
ATOM   184  C  CB    . TYR A 1 23  ? -6.035  -5.539  6.458   1.00 28.40 ? 22  TYR A CB    1 
ATOM   185  C  CG    . TYR A 1 23  ? -7.521  -5.691  6.303   1.00 26.76 ? 22  TYR A CG    1 
ATOM   186  C  CD1   . TYR A 1 23  ? -8.410  -5.146  7.229   1.00 25.82 ? 22  TYR A CD1   1 
ATOM   187  C  CD2   . TYR A 1 23  ? -8.047  -6.406  5.255   1.00 25.42 ? 22  TYR A CD2   1 
ATOM   188  C  CE1   . TYR A 1 23  ? -9.797  -5.292  7.071   1.00 23.45 ? 22  TYR A CE1   1 
ATOM   189  C  CE2   . TYR A 1 23  ? -9.410  -6.555  5.109   1.00 23.47 ? 22  TYR A CE2   1 
ATOM   190  C  CZ    . TYR A 1 23  ? -10.274 -6.008  6.026   1.00 23.60 ? 22  TYR A CZ    1 
ATOM   191  O  OH    . TYR A 1 23  ? -11.640 -6.191  5.845   1.00 25.67 ? 22  TYR A OH    1 
ATOM   192  N  N     . HIS A 1 24  ? -3.284  -5.974  8.019   1.00 28.30 ? 23  HIS A N     1 
ATOM   193  C  CA    . HIS A 1 24  ? -1.858  -5.902  7.992   1.00 28.05 ? 23  HIS A CA    1 
ATOM   194  C  C     . HIS A 1 24  ? -1.306  -7.222  8.475   1.00 28.39 ? 23  HIS A C     1 
ATOM   195  O  O     . HIS A 1 24  ? -0.353  -7.760  7.916   1.00 28.78 ? 23  HIS A O     1 
ATOM   196  C  CB    . HIS A 1 24  ? -1.364  -4.738  8.843   1.00 28.20 ? 23  HIS A CB    1 
ATOM   197  C  CG    . HIS A 1 24  ? -1.542  -3.391  8.207   1.00 28.95 ? 23  HIS A CG    1 
ATOM   198  N  ND1   . HIS A 1 24  ? -0.724  -2.930  7.197   1.00 28.74 ? 23  HIS A ND1   1 
ATOM   199  C  CD2   . HIS A 1 24  ? -2.412  -2.380  8.478   1.00 29.52 ? 23  HIS A CD2   1 
ATOM   200  C  CE1   . HIS A 1 24  ? -1.102  -1.710  6.853   1.00 30.34 ? 23  HIS A CE1   1 
ATOM   201  N  NE2   . HIS A 1 24  ? -2.132  -1.355  7.604   1.00 30.01 ? 23  HIS A NE2   1 
ATOM   202  N  N     . GLN A 1 25  ? -1.901  -7.760  9.526   1.00 29.26 ? 24  GLN A N     1 
ATOM   203  C  CA    . GLN A 1 25  ? -1.436  -9.041  10.065  1.00 29.50 ? 24  GLN A CA    1 
ATOM   204  C  C     . GLN A 1 25  ? -1.561  -10.123 8.987   1.00 30.00 ? 24  GLN A C     1 
ATOM   205  O  O     . GLN A 1 25  ? -0.681  -10.942 8.870   1.00 29.56 ? 24  GLN A O     1 
ATOM   206  C  CB    . GLN A 1 25  ? -2.242  -9.453  11.312  1.00 30.38 ? 24  GLN A CB    1 
ATOM   207  C  CG    . GLN A 1 25  ? -1.771  -10.777 12.009  1.00 28.79 ? 24  GLN A CG    1 
ATOM   208  C  CD    . GLN A 1 25  ? -0.467  -10.591 12.756  1.00 30.14 ? 24  GLN A CD    1 
ATOM   209  O  OE1   . GLN A 1 25  ? -0.215  -9.499  13.303  1.00 27.94 ? 24  GLN A OE1   1 
ATOM   210  N  NE2   . GLN A 1 25  ? 0.389   -11.648 12.773  1.00 25.68 ? 24  GLN A NE2   1 
ATOM   211  N  N     . GLN A 1 26  ? -2.630  -10.089 8.181   1.00 30.33 ? 25  GLN A N     1 
ATOM   212  C  CA    . GLN A 1 26  ? -2.856  -11.147 7.190   1.00 31.32 ? 25  GLN A CA    1 
ATOM   213  C  C     . GLN A 1 26  ? -1.782  -11.137 6.137   1.00 30.39 ? 25  GLN A C     1 
ATOM   214  O  O     . GLN A 1 26  ? -1.263  -12.203 5.793   1.00 29.85 ? 25  GLN A O     1 
ATOM   215  C  CB    . GLN A 1 26  ? -4.176  -11.056 6.417   1.00 31.28 ? 25  GLN A CB    1 
ATOM   216  C  CG    . GLN A 1 26  ? -5.396  -11.271 7.205   1.00 36.07 ? 25  GLN A CG    1 
ATOM   217  C  CD    . GLN A 1 26  ? -6.663  -11.296 6.296   1.00 43.42 ? 25  GLN A CD    1 
ATOM   218  O  OE1   . GLN A 1 26  ? -7.600  -10.477 6.467   1.00 46.94 ? 25  GLN A OE1   1 
ATOM   219  N  NE2   . GLN A 1 26  ? -6.680  -12.233 5.320   1.00 42.68 ? 25  GLN A NE2   1 
ATOM   220  N  N     . ARG A 1 27  ? -1.506  -9.939  5.614   1.00 29.33 ? 26  ARG A N     1 
ATOM   221  C  CA    . ARG A 1 27  ? -0.516  -9.766  4.553   1.00 29.08 ? 26  ARG A CA    1 
ATOM   222  C  C     . ARG A 1 27  ? 0.841   -10.118 5.082   1.00 29.11 ? 26  ARG A C     1 
ATOM   223  O  O     . ARG A 1 27  ? 1.649   -10.777 4.415   1.00 28.83 ? 26  ARG A O     1 
ATOM   224  C  CB    . ARG A 1 27  ? -0.486  -8.334  3.999   1.00 29.38 ? 26  ARG A CB    1 
ATOM   225  C  CG    . ARG A 1 27  ? 0.487   -8.177  2.847   1.00 29.34 ? 26  ARG A CG    1 
ATOM   226  C  CD    . ARG A 1 27  ? 0.404   -6.891  2.123   1.00 28.84 ? 26  ARG A CD    1 
ATOM   227  N  NE    . ARG A 1 27  ? 0.694   -5.767  2.997   1.00 29.33 ? 26  ARG A NE    1 
ATOM   228  C  CZ    . ARG A 1 27  ? 0.548   -4.491  2.653   1.00 30.63 ? 26  ARG A CZ    1 
ATOM   229  N  NH1   . ARG A 1 27  ? 0.145   -4.158  1.430   1.00 28.93 ? 26  ARG A NH1   1 
ATOM   230  N  NH2   . ARG A 1 27  ? 0.809   -3.539  3.557   1.00 31.95 ? 26  ARG A NH2   1 
ATOM   231  N  N     . TYR A 1 28  ? 1.086   -9.686  6.304   1.00 29.01 ? 27  TYR A N     1 
ATOM   232  C  CA    . TYR A 1 28  ? 2.340   -10.023 6.955   1.00 29.18 ? 27  TYR A CA    1 
ATOM   233  C  C     . TYR A 1 28  ? 2.532   -11.552 6.951   1.00 29.75 ? 27  TYR A C     1 
ATOM   234  O  O     . TYR A 1 28  ? 3.578   -12.047 6.546   1.00 30.24 ? 27  TYR A O     1 
ATOM   235  C  CB    . TYR A 1 28  ? 2.408   -9.405  8.358   1.00 28.64 ? 27  TYR A CB    1 
ATOM   236  C  CG    . TYR A 1 28  ? 3.442   -9.957  9.302   1.00 27.89 ? 27  TYR A CG    1 
ATOM   237  C  CD1   . TYR A 1 28  ? 4.774   -9.939  8.983   1.00 27.34 ? 27  TYR A CD1   1 
ATOM   238  C  CD2   . TYR A 1 28  ? 3.078   -10.455 10.550  1.00 25.97 ? 27  TYR A CD2   1 
ATOM   239  C  CE1   . TYR A 1 28  ? 5.707   -10.437 9.853   1.00 27.63 ? 27  TYR A CE1   1 
ATOM   240  C  CE2   . TYR A 1 28  ? 3.999   -10.937 11.416  1.00 25.54 ? 27  TYR A CE2   1 
ATOM   241  C  CZ    . TYR A 1 28  ? 5.321   -10.939 11.069  1.00 27.29 ? 27  TYR A CZ    1 
ATOM   242  O  OH    . TYR A 1 28  ? 6.288   -11.414 11.931  1.00 24.54 ? 27  TYR A OH    1 
ATOM   243  N  N     . GLU A 1 29  ? 1.534   -12.313 7.341   1.00 29.53 ? 28  GLU A N     1 
ATOM   244  C  CA    . GLU A 1 29  ? 1.748   -13.762 7.413   1.00 30.37 ? 28  GLU A CA    1 
ATOM   245  C  C     . GLU A 1 29  ? 1.858   -14.394 6.020   1.00 29.96 ? 28  GLU A C     1 
ATOM   246  O  O     . GLU A 1 29  ? 2.625   -15.331 5.805   1.00 30.07 ? 28  GLU A O     1 
ATOM   247  C  CB    . GLU A 1 29  ? 0.648   -14.466 8.231   1.00 30.60 ? 28  GLU A CB    1 
ATOM   248  C  CG    . GLU A 1 29  ? 0.363   -13.800 9.580   1.00 33.48 ? 28  GLU A CG    1 
ATOM   249  C  CD    . GLU A 1 29  ? -0.379  -14.657 10.591  1.00 38.41 ? 28  GLU A CD    1 
ATOM   250  O  OE1   . GLU A 1 29  ? -0.734  -15.841 10.257  1.00 44.79 ? 28  GLU A OE1   1 
ATOM   251  O  OE2   . GLU A 1 29  ? -0.574  -14.140 11.732  1.00 36.96 ? 28  GLU A OE2   1 
ATOM   252  N  N     . LYS A 1 30  ? 1.044   -13.892 5.097   1.00 29.76 ? 29  LYS A N     1 
ATOM   253  C  CA    . LYS A 1 30  ? 1.007   -14.346 3.683   1.00 29.10 ? 29  LYS A CA    1 
ATOM   254  C  C     . LYS A 1 30  ? 2.429   -14.120 3.136   1.00 28.48 ? 29  LYS A C     1 
ATOM   255  O  O     . LYS A 1 30  ? 3.012   -14.939 2.468   1.00 28.57 ? 29  LYS A O     1 
ATOM   256  C  CB    . LYS A 1 30  ? -0.015  -13.479 2.943   1.00 29.16 ? 29  LYS A CB    1 
ATOM   257  C  CG    . LYS A 1 30  ? -0.910  -14.068 1.884   1.00 30.80 ? 29  LYS A CG    1 
ATOM   258  C  CD    . LYS A 1 30  ? -2.299  -13.240 1.913   1.00 33.26 ? 29  LYS A CD    1 
ATOM   259  N  N     . SER A 1 31  ? 3.014   -13.009 3.534   1.00 28.16 ? 30  SER A N     1 
ATOM   260  C  CA    . SER A 1 31  ? 4.312   -12.617 3.056   1.00 28.24 ? 30  SER A CA    1 
ATOM   261  C  C     . SER A 1 31  ? 5.393   -13.495 3.623   1.00 27.65 ? 30  SER A C     1 
ATOM   262  O  O     . SER A 1 31  ? 6.262   -13.964 2.900   1.00 27.33 ? 30  SER A O     1 
ATOM   263  C  CB    . SER A 1 31  ? 4.553   -11.151 3.390   1.00 28.81 ? 30  SER A CB    1 
ATOM   264  O  OG    . SER A 1 31  ? 3.606   -10.364 2.677   1.00 29.09 ? 30  SER A OG    1 
ATOM   265  N  N     . LEU A 1 32  ? 5.310   -13.764 4.914   1.00 27.84 ? 31  LEU A N     1 
ATOM   266  C  CA    . LEU A 1 32  ? 6.252   -14.674 5.544   1.00 28.14 ? 31  LEU A CA    1 
ATOM   267  C  C     . LEU A 1 32  ? 6.205   -16.045 4.853   1.00 28.68 ? 31  LEU A C     1 
ATOM   268  O  O     . LEU A 1 32  ? 7.225   -16.642 4.562   1.00 28.00 ? 31  LEU A O     1 
ATOM   269  C  CB    . LEU A 1 32  ? 5.983   -14.805 7.045   1.00 28.23 ? 31  LEU A CB    1 
ATOM   270  C  CG    . LEU A 1 32  ? 6.368   -13.628 7.952   1.00 29.55 ? 31  LEU A CG    1 
ATOM   271  C  CD1   . LEU A 1 32  ? 6.002   -13.958 9.401   1.00 30.69 ? 31  LEU A CD1   1 
ATOM   272  C  CD2   . LEU A 1 32  ? 7.823   -13.295 7.824   1.00 23.65 ? 31  LEU A CD2   1 
ATOM   273  N  N     . LEU A 1 33  ? 5.004   -16.521 4.565   1.00 29.52 ? 32  LEU A N     1 
ATOM   274  C  CA    . LEU A 1 33  ? 4.843   -17.808 3.871   1.00 30.32 ? 32  LEU A CA    1 
ATOM   275  C  C     . LEU A 1 33  ? 5.404   -17.831 2.447   1.00 30.77 ? 32  LEU A C     1 
ATOM   276  O  O     . LEU A 1 33  ? 5.979   -18.816 2.011   1.00 31.90 ? 32  LEU A O     1 
ATOM   277  C  CB    . LEU A 1 33  ? 3.373   -18.217 3.832   1.00 29.87 ? 32  LEU A CB    1 
ATOM   278  C  CG    . LEU A 1 33  ? 2.798   -18.582 5.201   1.00 29.23 ? 32  LEU A CG    1 
ATOM   279  C  CD1   . LEU A 1 33  ? 1.235   -18.670 5.165   1.00 27.11 ? 32  LEU A CD1   1 
ATOM   280  C  CD2   . LEU A 1 33  ? 3.444   -19.869 5.661   1.00 27.73 ? 32  LEU A CD2   1 
ATOM   281  N  N     . LYS A 1 34  ? 5.239   -16.755 1.706   1.00 31.60 ? 33  LYS A N     1 
ATOM   282  C  CA    . LYS A 1 34  ? 5.756   -16.730 0.335   1.00 31.56 ? 33  LYS A CA    1 
ATOM   283  C  C     . LYS A 1 34  ? 7.287   -16.562 0.329   1.00 31.52 ? 33  LYS A C     1 
ATOM   284  O  O     . LYS A 1 34  ? 7.994   -17.320 -0.310  1.00 31.83 ? 33  LYS A O     1 
ATOM   285  C  CB    . LYS A 1 34  ? 5.107   -15.612 -0.482  1.00 31.40 ? 33  LYS A CB    1 
ATOM   286  C  CG    . LYS A 1 34  ? 5.555   -15.617 -1.934  1.00 33.82 ? 33  LYS A CG    1 
ATOM   287  C  CD    . LYS A 1 34  ? 5.065   -14.383 -2.721  1.00 37.52 ? 33  LYS A CD    1 
ATOM   288  C  CE    . LYS A 1 34  ? 5.368   -14.496 -4.234  1.00 38.47 ? 33  LYS A CE    1 
ATOM   289  N  NZ    . LYS A 1 34  ? 4.493   -13.569 -5.032  1.00 38.41 ? 33  LYS A NZ    1 
ATOM   290  N  N     . PHE A 1 35  ? 7.780   -15.595 1.088   1.00 31.36 ? 34  PHE A N     1 
ATOM   291  C  CA    . PHE A 1 35  ? 9.201   -15.201 1.083   1.00 31.35 ? 34  PHE A CA    1 
ATOM   292  C  C     . PHE A 1 35  ? 10.106  -16.205 1.798   1.00 31.31 ? 34  PHE A C     1 
ATOM   293  O  O     . PHE A 1 35  ? 11.267  -16.342 1.454   1.00 31.60 ? 34  PHE A O     1 
ATOM   294  C  CB    . PHE A 1 35  ? 9.350   -13.828 1.762   1.00 31.40 ? 34  PHE A CB    1 
ATOM   295  C  CG    . PHE A 1 35  ? 10.650  -13.121 1.479   1.00 31.72 ? 34  PHE A CG    1 
ATOM   296  C  CD1   . PHE A 1 35  ? 10.821  -12.376 0.318   1.00 33.54 ? 34  PHE A CD1   1 
ATOM   297  C  CD2   . PHE A 1 35  ? 11.679  -13.143 2.378   1.00 31.57 ? 34  PHE A CD2   1 
ATOM   298  C  CE1   . PHE A 1 35  ? 12.004  -11.701 0.056   1.00 31.81 ? 34  PHE A CE1   1 
ATOM   299  C  CE2   . PHE A 1 35  ? 12.869  -12.470 2.106   1.00 31.55 ? 34  PHE A CE2   1 
ATOM   300  C  CZ    . PHE A 1 35  ? 13.011  -11.747 0.946   1.00 30.54 ? 34  PHE A CZ    1 
ATOM   301  N  N     . TYR A 1 36  ? 9.573   -16.892 2.801   1.00 31.28 ? 35  TYR A N     1 
ATOM   302  C  CA    . TYR A 1 36  ? 10.343  -17.863 3.595   1.00 30.76 ? 35  TYR A CA    1 
ATOM   303  C  C     . TYR A 1 36  ? 9.713   -19.239 3.535   1.00 31.68 ? 35  TYR A C     1 
ATOM   304  O  O     . TYR A 1 36  ? 9.499   -19.878 4.551   1.00 32.23 ? 35  TYR A O     1 
ATOM   305  C  CB    . TYR A 1 36  ? 10.434  -17.412 5.052   1.00 30.17 ? 35  TYR A CB    1 
ATOM   306  C  CG    . TYR A 1 36  ? 11.150  -16.082 5.241   1.00 28.30 ? 35  TYR A CG    1 
ATOM   307  C  CD1   . TYR A 1 36  ? 12.525  -15.959 5.060   1.00 29.20 ? 35  TYR A CD1   1 
ATOM   308  C  CD2   . TYR A 1 36  ? 10.447  -14.951 5.647   1.00 26.74 ? 35  TYR A CD2   1 
ATOM   309  C  CE1   . TYR A 1 36  ? 13.184  -14.696 5.275   1.00 26.67 ? 35  TYR A CE1   1 
ATOM   310  C  CE2   . TYR A 1 36  ? 11.064  -13.744 5.874   1.00 27.69 ? 35  TYR A CE2   1 
ATOM   311  C  CZ    . TYR A 1 36  ? 12.417  -13.609 5.672   1.00 28.96 ? 35  TYR A CZ    1 
ATOM   312  O  OH    . TYR A 1 36  ? 12.953  -12.364 5.858   1.00 29.38 ? 35  TYR A OH    1 
ATOM   313  N  N     . PRO A 1 37  ? 9.416   -19.715 2.327   1.00 33.10 ? 36  PRO A N     1 
ATOM   314  C  CA    . PRO A 1 37  ? 8.746   -21.006 2.295   1.00 33.88 ? 36  PRO A CA    1 
ATOM   315  C  C     . PRO A 1 37  ? 9.636   -22.124 2.892   1.00 35.07 ? 36  PRO A C     1 
ATOM   316  O  O     . PRO A 1 37  ? 10.880  -22.028 2.932   1.00 36.11 ? 36  PRO A O     1 
ATOM   317  C  CB    . PRO A 1 37  ? 8.556   -21.217 0.796   1.00 33.37 ? 36  PRO A CB    1 
ATOM   318  C  CG    . PRO A 1 37  ? 9.874   -20.666 0.205   1.00 32.33 ? 36  PRO A CG    1 
ATOM   319  C  CD    . PRO A 1 37  ? 10.099  -19.408 1.042   1.00 33.03 ? 36  PRO A CD    1 
ATOM   320  N  N     . LYS A 1 38  ? 9.002   -23.178 3.373   1.00 36.62 ? 37  LYS A N     1 
ATOM   321  C  CA    . LYS A 1 38  ? 9.749   -24.349 3.903   1.00 36.90 ? 37  LYS A CA    1 
ATOM   322  C  C     . LYS A 1 38  ? 10.234  -24.008 5.334   1.00 37.40 ? 37  LYS A C     1 
ATOM   323  O  O     . LYS A 1 38  ? 10.682  -24.883 6.057   1.00 38.67 ? 37  LYS A O     1 
ATOM   324  C  CB    . LYS A 1 38  ? 10.916  -24.735 2.965   1.00 36.43 ? 37  LYS A CB    1 
HETATM 325  N  N     . MSE A 1 39  ? 10.086  -22.758 5.776   1.00 36.64 ? 38  MSE A N     1 
HETATM 326  C  CA    . MSE A 1 39  ? 10.530  -22.410 7.125   1.00 36.48 ? 38  MSE A CA    1 
HETATM 327  C  C     . MSE A 1 39  ? 9.374   -22.463 8.104   1.00 37.28 ? 38  MSE A C     1 
HETATM 328  O  O     . MSE A 1 39  ? 8.274   -22.141 7.734   1.00 38.29 ? 38  MSE A O     1 
HETATM 329  C  CB    . MSE A 1 39  ? 11.140  -21.004 7.173   1.00 35.49 ? 38  MSE A CB    1 
HETATM 330  C  CG    . MSE A 1 39  ? 12.506  -20.883 6.541   1.00 32.50 ? 38  MSE A CG    1 
HETATM 331  SE SE    . MSE A 1 39  ? 13.416  -19.305 7.214   0.75 22.81 ? 38  MSE A SE    1 
HETATM 332  C  CE    . MSE A 1 39  ? 14.114  -20.035 8.887   1.00 25.65 ? 38  MSE A CE    1 
ATOM   333  N  N     . LYS A 1 40  ? 9.613   -22.825 9.353   1.00 37.15 ? 39  LYS A N     1 
ATOM   334  C  CA    . LYS A 1 40  ? 8.528   -22.812 10.323  1.00 37.69 ? 39  LYS A CA    1 
ATOM   335  C  C     . LYS A 1 40  ? 8.641   -21.622 11.255  1.00 38.38 ? 39  LYS A C     1 
ATOM   336  O  O     . LYS A 1 40  ? 9.292   -21.711 12.274  1.00 38.73 ? 39  LYS A O     1 
ATOM   337  C  CB    . LYS A 1 40  ? 8.469   -24.134 11.104  1.00 37.36 ? 39  LYS A CB    1 
ATOM   338  C  CG    . LYS A 1 40  ? 7.603   -25.192 10.321  1.00 37.20 ? 39  LYS A CG    1 
ATOM   339  C  CD    . LYS A 1 40  ? 8.049   -26.650 10.479  1.00 36.17 ? 39  LYS A CD    1 
ATOM   340  C  CE    . LYS A 1 40  ? 9.447   -26.932 9.908   1.00 34.89 ? 39  LYS A CE    1 
ATOM   341  N  NZ    . LYS A 1 40  ? 10.040  -28.164 10.553  1.00 34.82 ? 39  LYS A NZ    1 
ATOM   342  N  N     . LEU A 1 41  ? 7.958   -20.529 10.933  1.00 38.52 ? 40  LEU A N     1 
ATOM   343  C  CA    . LEU A 1 41  ? 8.136   -19.282 11.689  1.00 39.06 ? 40  LEU A CA    1 
ATOM   344  C  C     . LEU A 1 41  ? 7.153   -19.004 12.805  1.00 39.57 ? 40  LEU A C     1 
ATOM   345  O  O     . LEU A 1 41  ? 6.107   -19.581 12.850  1.00 40.64 ? 40  LEU A O     1 
ATOM   346  C  CB    . LEU A 1 41  ? 8.084   -18.122 10.705  1.00 38.73 ? 40  LEU A CB    1 
ATOM   347  C  CG    . LEU A 1 41  ? 9.152   -18.192 9.613   1.00 38.68 ? 40  LEU A CG    1 
ATOM   348  C  CD1   . LEU A 1 41  ? 9.088   -16.929 8.837   1.00 36.00 ? 40  LEU A CD1   1 
ATOM   349  C  CD2   . LEU A 1 41  ? 10.610  -18.453 10.180  1.00 36.82 ? 40  LEU A CD2   1 
ATOM   350  N  N     . GLN A 1 42  ? 7.488   -18.098 13.708  1.00 39.98 ? 41  GLN A N     1 
ATOM   351  C  CA    . GLN A 1 42  ? 6.508   -17.651 14.732  1.00 40.41 ? 41  GLN A CA    1 
ATOM   352  C  C     . GLN A 1 42  ? 6.187   -16.227 14.436  1.00 39.06 ? 41  GLN A C     1 
ATOM   353  O  O     . GLN A 1 42  ? 6.930   -15.372 14.798  1.00 39.31 ? 41  GLN A O     1 
ATOM   354  C  CB    . GLN A 1 42  ? 7.130   -17.612 16.116  1.00 41.03 ? 41  GLN A CB    1 
ATOM   355  C  CG    . GLN A 1 42  ? 8.198   -18.668 16.313  1.00 45.58 ? 41  GLN A CG    1 
ATOM   356  C  CD    . GLN A 1 42  ? 7.579   -19.990 16.682  1.00 50.95 ? 41  GLN A CD    1 
ATOM   357  O  OE1   . GLN A 1 42  ? 6.991   -20.095 17.772  1.00 54.63 ? 41  GLN A OE1   1 
ATOM   358  N  NE2   . GLN A 1 42  ? 7.684   -21.012 15.786  1.00 50.61 ? 41  GLN A NE2   1 
ATOM   359  N  N     . PRO A 1 43  ? 5.086   -15.947 13.789  1.00 38.03 ? 42  PRO A N     1 
ATOM   360  C  CA    . PRO A 1 43  ? 4.971   -14.537 13.445  1.00 36.95 ? 42  PRO A CA    1 
ATOM   361  C  C     . PRO A 1 43  ? 4.699   -13.577 14.607  1.00 36.09 ? 42  PRO A C     1 
ATOM   362  O  O     . PRO A 1 43  ? 4.060   -13.919 15.569  1.00 35.24 ? 42  PRO A O     1 
ATOM   363  C  CB    . PRO A 1 43  ? 3.798   -14.505 12.461  1.00 37.66 ? 42  PRO A CB    1 
ATOM   364  C  CG    . PRO A 1 43  ? 3.232   -15.874 12.415  1.00 37.13 ? 42  PRO A CG    1 
ATOM   365  C  CD    . PRO A 1 43  ? 4.262   -16.816 12.946  1.00 38.42 ? 42  PRO A CD    1 
ATOM   366  N  N     . PHE A 1 44  ? 5.214   -12.360 14.503  1.00 34.76 ? 43  PHE A N     1 
ATOM   367  C  CA    . PHE A 1 44  ? 4.914   -11.343 15.495  1.00 33.62 ? 43  PHE A CA    1 
ATOM   368  C  C     . PHE A 1 44  ? 3.447   -10.985 15.478  1.00 33.37 ? 43  PHE A C     1 
ATOM   369  O  O     . PHE A 1 44  ? 2.744   -11.150 14.474  1.00 33.50 ? 43  PHE A O     1 
ATOM   370  C  CB    . PHE A 1 44  ? 5.769   -10.097 15.202  1.00 34.29 ? 43  PHE A CB    1 
ATOM   371  C  CG    . PHE A 1 44  ? 7.236   -10.317 15.490  1.00 31.89 ? 43  PHE A CG    1 
ATOM   372  C  CD1   . PHE A 1 44  ? 7.662   -10.477 16.783  1.00 28.28 ? 43  PHE A CD1   1 
ATOM   373  C  CD2   . PHE A 1 44  ? 8.133   -10.466 14.477  1.00 30.86 ? 43  PHE A CD2   1 
ATOM   374  C  CE1   . PHE A 1 44  ? 8.974   -10.740 17.057  1.00 31.51 ? 43  PHE A CE1   1 
ATOM   375  C  CE2   . PHE A 1 44  ? 9.474   -10.737 14.751  1.00 32.97 ? 43  PHE A CE2   1 
ATOM   376  C  CZ    . PHE A 1 44  ? 9.893   -10.875 16.028  1.00 30.36 ? 43  PHE A CZ    1 
ATOM   377  N  N     . ASP A 1 45  ? 2.950   -10.520 16.603  1.00 33.06 ? 44  ASP A N     1 
ATOM   378  C  CA    . ASP A 1 45  ? 1.563   -10.037 16.657  1.00 33.09 ? 44  ASP A CA    1 
ATOM   379  C  C     . ASP A 1 45  ? 1.650   -8.519  16.491  1.00 33.69 ? 44  ASP A C     1 
ATOM   380  O  O     . ASP A 1 45  ? 1.987   -7.781  17.416  1.00 33.58 ? 44  ASP A O     1 
ATOM   381  C  CB    . ASP A 1 45  ? 0.926   -10.468 17.968  1.00 33.25 ? 44  ASP A CB    1 
ATOM   382  C  CG    . ASP A 1 45  ? -0.492  -9.975  18.146  1.00 34.18 ? 44  ASP A CG    1 
ATOM   383  O  OD1   . ASP A 1 45  ? -0.933  -8.985  17.499  1.00 33.86 ? 44  ASP A OD1   1 
ATOM   384  O  OD2   . ASP A 1 45  ? -1.157  -10.589 18.997  1.00 35.32 ? 44  ASP A OD2   1 
ATOM   385  N  N     . LEU A 1 46  ? 1.413   -8.063  15.269  1.00 34.18 ? 45  LEU A N     1 
ATOM   386  C  CA    . LEU A 1 46  ? 1.531   -6.656  14.940  1.00 34.17 ? 45  LEU A CA    1 
ATOM   387  C  C     . LEU A 1 46  ? 0.631   -5.770  15.814  1.00 33.98 ? 45  LEU A C     1 
ATOM   388  O  O     . LEU A 1 46  ? 1.000   -4.675  16.162  1.00 35.13 ? 45  LEU A O     1 
ATOM   389  C  CB    . LEU A 1 46  ? 1.193   -6.429  13.460  1.00 34.19 ? 45  LEU A CB    1 
ATOM   390  C  CG    . LEU A 1 46  ? 2.034   -7.134  12.380  1.00 34.24 ? 45  LEU A CG    1 
ATOM   391  C  CD1   . LEU A 1 46  ? 1.714   -6.573  10.964  1.00 32.17 ? 45  LEU A CD1   1 
ATOM   392  C  CD2   . LEU A 1 46  ? 3.528   -7.021  12.707  1.00 30.39 ? 45  LEU A CD2   1 
ATOM   393  N  N     . ALA A 1 47  ? -0.553  -6.229  16.169  1.00 33.68 ? 46  ALA A N     1 
ATOM   394  C  CA    . ALA A 1 47  ? -1.432  -5.409  17.008  1.00 33.09 ? 46  ALA A CA    1 
ATOM   395  C  C     . ALA A 1 47  ? -0.760  -5.191  18.350  1.00 32.59 ? 46  ALA A C     1 
ATOM   396  O  O     . ALA A 1 47  ? -0.756  -4.087  18.876  1.00 32.59 ? 46  ALA A O     1 
ATOM   397  C  CB    . ALA A 1 47  ? -2.809  -6.060  17.198  1.00 32.16 ? 46  ALA A CB    1 
ATOM   398  N  N     . LYS A 1 48  ? -0.174  -6.244  18.905  1.00 32.71 ? 47  LYS A N     1 
ATOM   399  C  CA    . LYS A 1 48  ? 0.484   -6.137  20.224  1.00 32.76 ? 47  LYS A CA    1 
ATOM   400  C  C     . LYS A 1 48  ? 1.703   -5.196  20.216  1.00 32.09 ? 47  LYS A C     1 
ATOM   401  O  O     . LYS A 1 48  ? 1.923   -4.478  21.173  1.00 31.87 ? 47  LYS A O     1 
ATOM   402  C  CB    . LYS A 1 48  ? 0.914   -7.478  20.747  1.00 33.03 ? 47  LYS A CB    1 
ATOM   403  C  CG    . LYS A 1 48  ? -0.223  -8.390  21.114  1.00 37.17 ? 47  LYS A CG    1 
ATOM   404  C  CD    . LYS A 1 48  ? 0.219   -9.546  22.056  1.00 39.45 ? 47  LYS A CD    1 
ATOM   405  C  CE    . LYS A 1 48  ? -0.908  -10.585 22.243  1.00 40.37 ? 47  LYS A CE    1 
ATOM   406  N  NZ    . LYS A 1 48  ? -0.490  -11.622 23.212  1.00 40.36 ? 47  LYS A NZ    1 
ATOM   407  N  N     . ILE A 1 49  ? 2.459   -5.203  19.121  1.00 31.10 ? 48  ILE A N     1 
ATOM   408  C  CA    . ILE A 1 49  ? 3.633   -4.372  18.987  1.00 31.02 ? 48  ILE A CA    1 
ATOM   409  C  C     . ILE A 1 49  ? 3.246   -2.907  19.061  1.00 31.26 ? 48  ILE A C     1 
ATOM   410  O  O     . ILE A 1 49  ? 3.879   -2.104  19.723  1.00 31.59 ? 48  ILE A O     1 
ATOM   411  C  CB    . ILE A 1 49  ? 4.379   -4.631  17.655  1.00 30.50 ? 48  ILE A CB    1 
ATOM   412  C  CG1   . ILE A 1 49  ? 5.045   -5.996  17.718  1.00 30.90 ? 48  ILE A CG1   1 
ATOM   413  C  CG2   . ILE A 1 49  ? 5.491   -3.560  17.444  1.00 30.32 ? 48  ILE A CG2   1 
ATOM   414  C  CD1   . ILE A 1 49  ? 5.663   -6.479  16.390  1.00 31.62 ? 48  ILE A CD1   1 
ATOM   415  N  N     . ILE A 1 50  ? 2.161   -2.582  18.388  1.00 31.61 ? 49  ILE A N     1 
ATOM   416  C  CA    . ILE A 1 50  ? 1.704   -1.205  18.307  1.00 31.75 ? 49  ILE A CA    1 
ATOM   417  C  C     . ILE A 1 50  ? 1.100   -0.773  19.639  1.00 30.42 ? 49  ILE A C     1 
ATOM   418  O  O     . ILE A 1 50  ? 1.485   0.234   20.222  1.00 29.90 ? 49  ILE A O     1 
ATOM   419  C  CB    . ILE A 1 50  ? 0.622   -1.067  17.208  1.00 32.45 ? 49  ILE A CB    1 
ATOM   420  C  CG1   . ILE A 1 50  ? 1.247   -1.351  15.836  1.00 33.96 ? 49  ILE A CG1   1 
ATOM   421  C  CG2   . ILE A 1 50  ? -0.042  0.307   17.238  1.00 30.88 ? 49  ILE A CG2   1 
ATOM   422  C  CD1   . ILE A 1 50  ? 2.417   -0.492  15.556  1.00 35.11 ? 49  ILE A CD1   1 
ATOM   423  N  N     . ALA A 1 51  ? 0.138   -1.567  20.081  1.00 29.12 ? 50  ALA A N     1 
ATOM   424  C  CA    . ALA A 1 51  ? -0.617  -1.278  21.304  1.00 27.94 ? 50  ALA A CA    1 
ATOM   425  C  C     . ALA A 1 51  ? 0.312   -0.930  22.429  1.00 27.54 ? 50  ALA A C     1 
ATOM   426  O  O     . ALA A 1 51  ? 0.007   -0.021  23.215  1.00 27.32 ? 50  ALA A O     1 
ATOM   427  C  CB    . ALA A 1 51  ? -1.537  -2.456  21.718  1.00 26.08 ? 50  ALA A CB    1 
ATOM   428  N  N     . LYS A 1 52  ? 1.440   -1.650  22.529  1.00 27.55 ? 51  LYS A N     1 
ATOM   429  C  CA    . LYS A 1 52  ? 2.324   -1.439  23.693  1.00 27.40 ? 51  LYS A CA    1 
ATOM   430  C  C     . LYS A 1 52  ? 3.141   -0.138  23.587  1.00 27.52 ? 51  LYS A C     1 
ATOM   431  O  O     . LYS A 1 52  ? 3.776   0.272   24.554  1.00 27.49 ? 51  LYS A O     1 
ATOM   432  C  CB    . LYS A 1 52  ? 3.166   -2.665  24.062  1.00 27.24 ? 51  LYS A CB    1 
ATOM   433  C  CG    . LYS A 1 52  ? 4.227   -3.143  23.113  1.00 28.41 ? 51  LYS A CG    1 
ATOM   434  C  CD    . LYS A 1 52  ? 4.732   -4.491  23.675  1.00 28.07 ? 51  LYS A CD    1 
ATOM   435  C  CE    . LYS A 1 52  ? 5.697   -5.233  22.723  1.00 27.73 ? 51  LYS A CE    1 
ATOM   436  N  NZ    . LYS A 1 52  ? 6.170   -6.498  23.378  1.00 25.11 ? 51  LYS A NZ    1 
ATOM   437  N  N     . HIS A 1 53  ? 3.060   0.550   22.444  1.00 26.79 ? 52  HIS A N     1 
ATOM   438  C  CA    . HIS A 1 53  ? 3.609   1.913   22.369  1.00 26.20 ? 52  HIS A CA    1 
ATOM   439  C  C     . HIS A 1 53  ? 2.456   2.833   22.707  1.00 25.33 ? 52  HIS A C     1 
ATOM   440  O  O     . HIS A 1 53  ? 1.841   3.456   21.867  1.00 24.06 ? 52  HIS A O     1 
ATOM   441  C  CB    . HIS A 1 53  ? 4.255   2.171   21.006  1.00 27.02 ? 52  HIS A CB    1 
ATOM   442  C  CG    . HIS A 1 53  ? 5.499   1.354   20.789  1.00 28.86 ? 52  HIS A CG    1 
ATOM   443  N  ND1   . HIS A 1 53  ? 5.454   0.010   20.478  1.00 29.22 ? 52  HIS A ND1   1 
ATOM   444  C  CD2   . HIS A 1 53  ? 6.816   1.678   20.880  1.00 30.99 ? 52  HIS A CD2   1 
ATOM   445  C  CE1   . HIS A 1 53  ? 6.688   -0.462  20.397  1.00 31.82 ? 52  HIS A CE1   1 
ATOM   446  N  NE2   . HIS A 1 53  ? 7.534   0.527   20.639  1.00 32.69 ? 52  HIS A NE2   1 
ATOM   447  N  N     . THR A 1 54  ? 2.127   2.848   23.987  1.00 25.34 ? 53  THR A N     1 
ATOM   448  C  CA    . THR A 1 54  ? 0.925   3.528   24.421  1.00 25.08 ? 53  THR A CA    1 
ATOM   449  C  C     . THR A 1 54  ? 0.984   5.041   24.112  1.00 25.61 ? 53  THR A C     1 
ATOM   450  O  O     . THR A 1 54  ? -0.071  5.682   23.960  1.00 26.02 ? 53  THR A O     1 
ATOM   451  C  CB    . THR A 1 54  ? 0.605   3.232   25.899  1.00 25.21 ? 53  THR A CB    1 
ATOM   452  O  OG1   . THR A 1 54  ? 1.675   3.690   26.730  1.00 26.19 ? 53  THR A OG1   1 
ATOM   453  C  CG2   . THR A 1 54  ? 0.397   1.719   26.147  1.00 22.02 ? 53  THR A CG2   1 
ATOM   454  N  N     . ALA A 1 55  ? 2.188   5.613   23.971  1.00 25.17 ? 54  ALA A N     1 
ATOM   455  C  CA    . ALA A 1 55  ? 2.306   7.065   23.661  1.00 25.05 ? 54  ALA A CA    1 
ATOM   456  C  C     . ALA A 1 55  ? 1.690   7.387   22.286  1.00 25.16 ? 54  ALA A C     1 
ATOM   457  O  O     . ALA A 1 55  ? 1.387   8.513   21.957  1.00 23.07 ? 54  ALA A O     1 
ATOM   458  C  CB    . ALA A 1 55  ? 3.752   7.540   23.717  1.00 24.34 ? 54  ALA A CB    1 
ATOM   459  N  N     . LEU A 1 56  ? 1.520   6.367   21.466  1.00 26.16 ? 55  LEU A N     1 
ATOM   460  C  CA    . LEU A 1 56  ? 0.950   6.595   20.136  1.00 26.86 ? 55  LEU A CA    1 
ATOM   461  C  C     . LEU A 1 56  ? -0.522  7.012   20.253  1.00 27.39 ? 55  LEU A C     1 
ATOM   462  O  O     . LEU A 1 56  ? -1.076  7.551   19.328  1.00 28.55 ? 55  LEU A O     1 
ATOM   463  C  CB    . LEU A 1 56  ? 1.023   5.348   19.259  1.00 26.14 ? 55  LEU A CB    1 
ATOM   464  C  CG    . LEU A 1 56  ? 2.373   4.902   18.730  1.00 26.24 ? 55  LEU A CG    1 
ATOM   465  C  CD1   . LEU A 1 56  ? 2.197   3.620   17.956  1.00 22.63 ? 55  LEU A CD1   1 
ATOM   466  C  CD2   . LEU A 1 56  ? 3.008   5.961   17.853  1.00 25.21 ? 55  LEU A CD2   1 
ATOM   467  N  N     . PHE A 1 57  ? -1.135  6.783   21.388  1.00 27.76 ? 56  PHE A N     1 
ATOM   468  C  CA    . PHE A 1 57  ? -2.571  6.988   21.505  1.00 29.15 ? 56  PHE A CA    1 
ATOM   469  C  C     . PHE A 1 57  ? -2.958  8.040   22.485  1.00 30.32 ? 56  PHE A C     1 
ATOM   470  O  O     . PHE A 1 57  ? -4.104  8.192   22.760  1.00 30.50 ? 56  PHE A O     1 
ATOM   471  C  CB    . PHE A 1 57  ? -3.245  5.683   21.908  1.00 28.92 ? 56  PHE A CB    1 
ATOM   472  C  CG    . PHE A 1 57  ? -2.781  4.538   21.082  1.00 28.30 ? 56  PHE A CG    1 
ATOM   473  C  CD1   . PHE A 1 57  ? -3.158  4.430   19.781  1.00 29.19 ? 56  PHE A CD1   1 
ATOM   474  C  CD2   . PHE A 1 57  ? -1.932  3.604   21.588  1.00 30.82 ? 56  PHE A CD2   1 
ATOM   475  C  CE1   . PHE A 1 57  ? -2.695  3.415   18.998  1.00 29.72 ? 56  PHE A CE1   1 
ATOM   476  C  CE2   . PHE A 1 57  ? -1.468  2.552   20.797  1.00 29.94 ? 56  PHE A CE2   1 
ATOM   477  C  CZ    . PHE A 1 57  ? -1.853  2.474   19.513  1.00 29.38 ? 56  PHE A CZ    1 
ATOM   478  N  N     . THR A 1 58  ? -1.995  8.763   23.015  1.00 31.90 ? 57  THR A N     1 
ATOM   479  C  CA    . THR A 1 58  ? -2.297  9.805   23.958  1.00 33.01 ? 57  THR A CA    1 
ATOM   480  C  C     . THR A 1 58  ? -3.230  10.855  23.356  1.00 34.32 ? 57  THR A C     1 
ATOM   481  O  O     . THR A 1 58  ? -4.049  11.442  24.055  1.00 33.90 ? 57  THR A O     1 
ATOM   482  C  CB    . THR A 1 58  ? -1.019  10.472  24.448  1.00 33.01 ? 57  THR A CB    1 
ATOM   483  O  OG1   . THR A 1 58  ? -0.324  9.541   25.284  1.00 33.71 ? 57  THR A OG1   1 
ATOM   484  C  CG2   . THR A 1 58  ? -1.344  11.751  25.248  1.00 33.22 ? 57  THR A CG2   1 
ATOM   485  N  N     . HIS A 1 59  ? -3.115  11.075  22.052  1.00 35.71 ? 58  HIS A N     1 
ATOM   486  C  CA    . HIS A 1 59  ? -3.892  12.132  21.405  1.00 36.83 ? 58  HIS A CA    1 
ATOM   487  C  C     . HIS A 1 59  ? -4.777  11.594  20.277  1.00 37.03 ? 58  HIS A C     1 
ATOM   488  O  O     . HIS A 1 59  ? -4.358  10.705  19.537  1.00 37.25 ? 58  HIS A O     1 
ATOM   489  C  CB    . HIS A 1 59  ? -2.953  13.208  20.863  1.00 37.63 ? 58  HIS A CB    1 
ATOM   490  C  CG    . HIS A 1 59  ? -2.174  13.930  21.922  1.00 39.83 ? 58  HIS A CG    1 
ATOM   491  N  ND1   . HIS A 1 59  ? -2.754  14.821  22.806  1.00 42.42 ? 58  HIS A ND1   1 
ATOM   492  C  CD2   . HIS A 1 59  ? -0.849  13.911  22.217  1.00 41.44 ? 58  HIS A CD2   1 
ATOM   493  C  CE1   . HIS A 1 59  ? -1.823  15.307  23.609  1.00 43.40 ? 58  HIS A CE1   1 
ATOM   494  N  NE2   . HIS A 1 59  ? -0.658  14.779  23.265  1.00 43.61 ? 58  HIS A NE2   1 
ATOM   495  N  N     . ARG A 1 60  ? -6.011  12.133  20.213  1.00 37.04 ? 59  ARG A N     1 
ATOM   496  C  CA    . ARG A 1 60  ? -7.033  11.789  19.218  1.00 36.72 ? 59  ARG A CA    1 
ATOM   497  C  C     . ARG A 1 60  ? -6.691  12.580  17.934  1.00 36.67 ? 59  ARG A C     1 
ATOM   498  O  O     . ARG A 1 60  ? -6.644  11.979  16.876  1.00 37.90 ? 59  ARG A O     1 
ATOM   499  C  CB    . ARG A 1 60  ? -8.482  12.047  19.724  1.00 35.59 ? 59  ARG A CB    1 
ATOM   500  N  N     . GLU A 1 61  ? -6.406  13.892  18.024  1.00 36.28 ? 60  GLU A N     1 
ATOM   501  C  CA    . GLU A 1 61  ? -5.977  14.704  16.832  1.00 35.23 ? 60  GLU A CA    1 
ATOM   502  C  C     . GLU A 1 61  ? -4.589  14.205  16.395  1.00 35.03 ? 60  GLU A C     1 
ATOM   503  O  O     . GLU A 1 61  ? -3.818  13.616  17.204  1.00 35.29 ? 60  GLU A O     1 
ATOM   504  C  CB    . GLU A 1 61  ? -6.020  16.242  17.059  1.00 34.79 ? 60  GLU A CB    1 
ATOM   505  C  CG    . GLU A 1 61  ? -7.394  16.897  16.741  1.00 33.31 ? 60  GLU A CG    1 
ATOM   506  N  N     . GLY A 1 62  ? -4.300  14.362  15.109  1.00 33.82 ? 61  GLY A N     1 
ATOM   507  C  CA    . GLY A 1 62  ? -3.025  13.929  14.569  1.00 33.52 ? 61  GLY A CA    1 
ATOM   508  C  C     . GLY A 1 62  ? -3.030  12.558  13.930  1.00 33.07 ? 61  GLY A C     1 
ATOM   509  O  O     . GLY A 1 62  ? -3.787  11.681  14.283  1.00 33.89 ? 61  GLY A O     1 
ATOM   510  N  N     . LEU A 1 63  ? -2.179  12.423  12.934  1.00 31.82 ? 62  LEU A N     1 
ATOM   511  C  CA    . LEU A 1 63  ? -1.994  11.205  12.188  1.00 30.52 ? 62  LEU A CA    1 
ATOM   512  C  C     . LEU A 1 63  ? -0.565  10.738  12.414  1.00 30.00 ? 62  LEU A C     1 
ATOM   513  O  O     . LEU A 1 63  ? 0.336   11.538  12.455  1.00 29.82 ? 62  LEU A O     1 
ATOM   514  C  CB    . LEU A 1 63  ? -2.193  11.483  10.692  1.00 30.16 ? 62  LEU A CB    1 
ATOM   515  C  CG    . LEU A 1 63  ? -3.577  11.968  10.267  1.00 28.22 ? 62  LEU A CG    1 
ATOM   516  C  CD1   . LEU A 1 63  ? -3.559  12.406  8.840   1.00 24.60 ? 62  LEU A CD1   1 
ATOM   517  C  CD2   . LEU A 1 63  ? -4.606  10.870  10.494  1.00 26.03 ? 62  LEU A CD2   1 
ATOM   518  N  N     . ILE A 1 64  ? -0.369  9.440   12.546  1.00 29.60 ? 63  ILE A N     1 
ATOM   519  C  CA    . ILE A 1 64  ? 0.953   8.888   12.777  1.00 29.48 ? 63  ILE A CA    1 
ATOM   520  C  C     . ILE A 1 64  ? 1.174   7.755   11.799  1.00 30.08 ? 63  ILE A C     1 
ATOM   521  O  O     . ILE A 1 64  ? 0.272   6.962   11.544  1.00 31.01 ? 63  ILE A O     1 
ATOM   522  C  CB    . ILE A 1 64  ? 1.124   8.355   14.246  1.00 29.20 ? 63  ILE A CB    1 
ATOM   523  C  CG1   . ILE A 1 64  ? 0.846   9.487   15.275  1.00 28.87 ? 63  ILE A CG1   1 
ATOM   524  C  CG2   . ILE A 1 64  ? 2.524   7.798   14.452  1.00 25.72 ? 63  ILE A CG2   1 
ATOM   525  C  CD1   . ILE A 1 64  ? 0.921   9.023   16.804  1.00 24.85 ? 63  ILE A CD1   1 
ATOM   526  N  N     . ARG A 1 65  ? 2.373   7.691   11.250  1.00 30.15 ? 64  ARG A N     1 
ATOM   527  C  CA    . ARG A 1 65  ? 2.739   6.635   10.347  1.00 30.48 ? 64  ARG A CA    1 
ATOM   528  C  C     . ARG A 1 65  ? 3.691   5.708   11.076  1.00 31.00 ? 64  ARG A C     1 
ATOM   529  O  O     . ARG A 1 65  ? 4.731   6.116   11.563  1.00 30.50 ? 64  ARG A O     1 
ATOM   530  C  CB    . ARG A 1 65  ? 3.420   7.218   9.134   1.00 31.10 ? 64  ARG A CB    1 
ATOM   531  C  CG    . ARG A 1 65  ? 4.017   6.189   8.182   1.00 32.64 ? 64  ARG A CG    1 
ATOM   532  C  CD    . ARG A 1 65  ? 4.325   6.798   6.812   1.00 34.64 ? 64  ARG A CD    1 
ATOM   533  N  NE    . ARG A 1 65  ? 5.348   7.816   6.923   1.00 35.56 ? 64  ARG A NE    1 
ATOM   534  C  CZ    . ARG A 1 65  ? 6.645   7.538   6.910   1.00 40.22 ? 64  ARG A CZ    1 
ATOM   535  N  NH1   . ARG A 1 65  ? 7.023   6.289   6.729   1.00 42.39 ? 64  ARG A NH1   1 
ATOM   536  N  NH2   . ARG A 1 65  ? 7.574   8.493   7.048   1.00 42.05 ? 64  ARG A NH2   1 
ATOM   537  N  N     . CYS A 1 66  ? 3.280   4.460   11.216  1.00 31.99 ? 65  CYS A N     1 
ATOM   538  C  CA    . CYS A 1 66  ? 4.127   3.442   11.837  1.00 33.38 ? 65  CYS A CA    1 
ATOM   539  C  C     . CYS A 1 66  ? 4.573   2.456   10.793  1.00 32.92 ? 65  CYS A C     1 
ATOM   540  O  O     . CYS A 1 66  ? 3.758   1.859   10.100  1.00 32.89 ? 65  CYS A O     1 
ATOM   541  C  CB    . CYS A 1 66  ? 3.388   2.645   12.906  1.00 33.70 ? 65  CYS A CB    1 
ATOM   542  S  SG    . CYS A 1 66  ? 2.803   3.595   14.295  1.00 38.38 ? 65  CYS A SG    1 
ATOM   543  N  N     . ARG A 1 67  ? 5.875   2.299   10.696  1.00 32.17 ? 66  ARG A N     1 
ATOM   544  C  CA    . ARG A 1 67  ? 6.448   1.388   9.766   1.00 31.53 ? 66  ARG A CA    1 
ATOM   545  C  C     . ARG A 1 67  ? 7.122   0.260   10.516  1.00 31.31 ? 66  ARG A C     1 
ATOM   546  O  O     . ARG A 1 67  ? 7.954   0.504   11.419  1.00 30.14 ? 66  ARG A O     1 
ATOM   547  C  CB    . ARG A 1 67  ? 7.484   2.130   8.963   1.00 31.58 ? 66  ARG A CB    1 
ATOM   548  C  CG    . ARG A 1 67  ? 8.016   1.332   7.809   1.00 33.94 ? 66  ARG A CG    1 
ATOM   549  C  CD    . ARG A 1 67  ? 9.137   2.108   7.121   1.00 34.34 ? 66  ARG A CD    1 
ATOM   550  N  NE    . ARG A 1 67  ? 9.976   1.221   6.324   1.00 33.55 ? 66  ARG A NE    1 
ATOM   551  C  CZ    . ARG A 1 67  ? 10.148  1.365   5.023   1.00 35.24 ? 66  ARG A CZ    1 
ATOM   552  N  NH1   . ARG A 1 67  ? 9.559   2.367   4.390   1.00 38.35 ? 66  ARG A NH1   1 
ATOM   553  N  NH2   . ARG A 1 67  ? 10.942  0.552   4.359   1.00 34.71 ? 66  ARG A NH2   1 
ATOM   554  N  N     . ILE A 1 68  ? 6.759   -0.975  10.159  1.00 30.46 ? 67  ILE A N     1 
ATOM   555  C  CA    . ILE A 1 68  ? 7.407   -2.115  10.724  1.00 30.12 ? 67  ILE A CA    1 
ATOM   556  C  C     . ILE A 1 68  ? 8.164   -2.842  9.629   1.00 30.86 ? 67  ILE A C     1 
ATOM   557  O  O     . ILE A 1 68  ? 7.553   -3.438  8.752   1.00 31.26 ? 67  ILE A O     1 
ATOM   558  C  CB    . ILE A 1 68  ? 6.434   -3.092  11.378  1.00 30.27 ? 67  ILE A CB    1 
ATOM   559  C  CG1   . ILE A 1 68  ? 5.660   -2.413  12.521  1.00 29.85 ? 67  ILE A CG1   1 
ATOM   560  C  CG2   . ILE A 1 68  ? 7.229   -4.307  11.919  1.00 28.33 ? 67  ILE A CG2   1 
ATOM   561  C  CD1   . ILE A 1 68  ? 4.538   -3.291  13.158  1.00 25.79 ? 67  ILE A CD1   1 
ATOM   562  N  N     . ASP A 1 69  ? 9.496   -2.766  9.664   1.00 30.39 ? 68  ASP A N     1 
ATOM   563  C  CA    . ASP A 1 69  ? 10.295  -3.528  8.740   1.00 30.39 ? 68  ASP A CA    1 
ATOM   564  C  C     . ASP A 1 69  ? 10.573  -4.877  9.412   1.00 30.86 ? 68  ASP A C     1 
ATOM   565  O  O     . ASP A 1 69  ? 10.839  -4.925  10.610  1.00 31.70 ? 68  ASP A O     1 
ATOM   566  C  CB    . ASP A 1 69  ? 11.611  -2.829  8.438   1.00 31.05 ? 68  ASP A CB    1 
ATOM   567  C  CG    . ASP A 1 69  ? 11.460  -1.623  7.528   1.00 32.22 ? 68  ASP A CG    1 
ATOM   568  O  OD1   . ASP A 1 69  ? 10.990  -0.550  7.971   1.00 35.10 ? 68  ASP A OD1   1 
ATOM   569  O  OD2   . ASP A 1 69  ? 11.872  -1.743  6.351   1.00 34.78 ? 68  ASP A OD2   1 
ATOM   570  N  N     . TYR A 1 70  ? 10.514  -5.981  8.679   1.00 30.46 ? 69  TYR A N     1 
ATOM   571  C  CA    . TYR A 1 70  ? 10.773  -7.276  9.297   1.00 30.95 ? 69  TYR A CA    1 
ATOM   572  C  C     . TYR A 1 70  ? 11.531  -8.253  8.416   1.00 31.13 ? 69  TYR A C     1 
ATOM   573  O  O     . TYR A 1 70  ? 11.672  -8.034  7.205   1.00 31.92 ? 69  TYR A O     1 
ATOM   574  C  CB    . TYR A 1 70  ? 9.468   -7.926  9.729   1.00 30.58 ? 69  TYR A CB    1 
ATOM   575  C  CG    . TYR A 1 70  ? 8.514   -8.140  8.590   1.00 30.67 ? 69  TYR A CG    1 
ATOM   576  C  CD1   . TYR A 1 70  ? 7.730   -7.123  8.120   1.00 31.45 ? 69  TYR A CD1   1 
ATOM   577  C  CD2   . TYR A 1 70  ? 8.403   -9.372  7.991   1.00 31.88 ? 69  TYR A CD2   1 
ATOM   578  C  CE1   . TYR A 1 70  ? 6.833   -7.329  7.045   1.00 34.17 ? 69  TYR A CE1   1 
ATOM   579  C  CE2   . TYR A 1 70  ? 7.512   -9.604  6.919   1.00 31.89 ? 69  TYR A CE2   1 
ATOM   580  C  CZ    . TYR A 1 70  ? 6.734   -8.598  6.450   1.00 30.82 ? 69  TYR A CZ    1 
ATOM   581  O  OH    . TYR A 1 70  ? 5.863   -8.855  5.399   1.00 28.14 ? 69  TYR A OH    1 
ATOM   582  N  N     . ASN A 1 71  ? 12.050  -9.296  9.068   1.00 30.35 ? 70  ASN A N     1 
ATOM   583  C  CA    . ASN A 1 71  ? 12.536  -10.465 8.379   1.00 29.58 ? 70  ASN A CA    1 
ATOM   584  C  C     . ASN A 1 71  ? 11.939  -11.681 9.013   1.00 30.37 ? 70  ASN A C     1 
ATOM   585  O  O     . ASN A 1 71  ? 10.872  -11.595 9.626   1.00 31.46 ? 70  ASN A O     1 
ATOM   586  C  CB    . ASN A 1 71  ? 14.039  -10.579 8.342   1.00 30.05 ? 70  ASN A CB    1 
ATOM   587  C  CG    . ASN A 1 71  ? 14.684  -10.392 9.660   1.00 26.70 ? 70  ASN A CG    1 
ATOM   588  O  OD1   . ASN A 1 71  ? 14.272  -10.928 10.666  1.00 23.47 ? 70  ASN A OD1   1 
ATOM   589  N  ND2   . ASN A 1 71  ? 15.725  -9.625  9.653   1.00 25.70 ? 70  ASN A ND2   1 
ATOM   590  N  N     . HIS A 1 72  ? 12.585  -12.835 8.878   1.00 30.72 ? 71  HIS A N     1 
ATOM   591  C  CA    . HIS A 1 72  ? 11.966  -14.070 9.455   1.00 30.11 ? 71  HIS A CA    1 
ATOM   592  C  C     . HIS A 1 72  ? 12.001  -14.151 10.972  1.00 29.81 ? 71  HIS A C     1 
ATOM   593  O  O     . HIS A 1 72  ? 11.314  -14.983 11.547  1.00 29.65 ? 71  HIS A O     1 
ATOM   594  C  CB    . HIS A 1 72  ? 12.536  -15.362 8.859   1.00 30.11 ? 71  HIS A CB    1 
ATOM   595  C  CG    . HIS A 1 72  ? 13.726  -15.917 9.585   1.00 28.39 ? 71  HIS A CG    1 
ATOM   596  N  ND1   . HIS A 1 72  ? 15.014  -15.561 9.274   1.00 28.28 ? 71  HIS A ND1   1 
ATOM   597  C  CD2   . HIS A 1 72  ? 13.825  -16.876 10.536  1.00 27.45 ? 71  HIS A CD2   1 
ATOM   598  C  CE1   . HIS A 1 72  ? 15.852  -16.245 10.034  1.00 28.82 ? 71  HIS A CE1   1 
ATOM   599  N  NE2   . HIS A 1 72  ? 15.158  -17.061 10.799  1.00 25.67 ? 71  HIS A NE2   1 
ATOM   600  N  N     . HIS A 1 73  ? 12.751  -13.291 11.647  1.00 29.75 ? 72  HIS A N     1 
ATOM   601  C  CA    . HIS A 1 73  ? 12.813  -13.447 13.094  1.00 30.36 ? 72  HIS A CA    1 
ATOM   602  C  C     . HIS A 1 73  ? 12.888  -12.167 13.932  1.00 29.82 ? 72  HIS A C     1 
ATOM   603  O  O     . HIS A 1 73  ? 12.971  -12.237 15.134  1.00 28.89 ? 72  HIS A O     1 
ATOM   604  C  CB    . HIS A 1 73  ? 14.032  -14.282 13.438  1.00 30.68 ? 72  HIS A CB    1 
ATOM   605  C  CG    . HIS A 1 73  ? 15.291  -13.507 13.318  1.00 33.13 ? 72  HIS A CG    1 
ATOM   606  N  ND1   . HIS A 1 73  ? 15.980  -13.031 14.421  1.00 34.95 ? 72  HIS A ND1   1 
ATOM   607  C  CD2   . HIS A 1 73  ? 15.938  -13.045 12.226  1.00 34.28 ? 72  HIS A CD2   1 
ATOM   608  C  CE1   . HIS A 1 73  ? 17.026  -12.343 14.006  1.00 36.33 ? 72  HIS A CE1   1 
ATOM   609  N  NE2   . HIS A 1 73  ? 17.019  -12.325 12.680  1.00 37.49 ? 72  HIS A NE2   1 
ATOM   610  N  N     . ASP A 1 74  ? 12.871  -11.003 13.305  1.00 30.44 ? 73  ASP A N     1 
ATOM   611  C  CA    . ASP A 1 74  ? 12.990  -9.745  14.043  1.00 30.13 ? 73  ASP A CA    1 
ATOM   612  C  C     . ASP A 1 74  ? 12.271  -8.657  13.274  1.00 30.42 ? 73  ASP A C     1 
ATOM   613  O  O     . ASP A 1 74  ? 11.854  -8.851  12.135  1.00 31.52 ? 73  ASP A O     1 
ATOM   614  C  CB    . ASP A 1 74  ? 14.446  -9.393  14.177  1.00 30.04 ? 73  ASP A CB    1 
ATOM   615  C  CG    . ASP A 1 74  ? 14.739  -8.359  15.248  1.00 29.52 ? 73  ASP A CG    1 
ATOM   616  O  OD1   . ASP A 1 74  ? 13.905  -7.991  16.100  1.00 30.14 ? 73  ASP A OD1   1 
ATOM   617  O  OD2   . ASP A 1 74  ? 15.906  -7.942  15.265  1.00 29.59 ? 73  ASP A OD2   1 
ATOM   618  N  N     . TYR A 1 75  ? 12.138  -7.503  13.897  1.00 30.17 ? 74  TYR A N     1 
ATOM   619  C  CA    . TYR A 1 75  ? 11.407  -6.399  13.297  1.00 30.49 ? 74  TYR A CA    1 
ATOM   620  C  C     . TYR A 1 75  ? 11.985  -5.116  13.880  1.00 30.98 ? 74  TYR A C     1 
ATOM   621  O  O     . TYR A 1 75  ? 12.709  -5.145  14.874  1.00 32.19 ? 74  TYR A O     1 
ATOM   622  C  CB    . TYR A 1 75  ? 9.899   -6.508  13.581  1.00 29.59 ? 74  TYR A CB    1 
ATOM   623  C  CG    . TYR A 1 75  ? 9.558   -6.223  15.020  1.00 29.49 ? 74  TYR A CG    1 
ATOM   624  C  CD1   . TYR A 1 75  ? 9.353   -4.922  15.453  1.00 28.99 ? 74  TYR A CD1   1 
ATOM   625  C  CD2   . TYR A 1 75  ? 9.504   -7.253  15.963  1.00 29.86 ? 74  TYR A CD2   1 
ATOM   626  C  CE1   . TYR A 1 75  ? 9.053   -4.628  16.802  1.00 29.97 ? 74  TYR A CE1   1 
ATOM   627  C  CE2   . TYR A 1 75  ? 9.256   -6.979  17.330  1.00 31.72 ? 74  TYR A CE2   1 
ATOM   628  C  CZ    . TYR A 1 75  ? 9.008   -5.655  17.746  1.00 31.79 ? 74  TYR A CZ    1 
ATOM   629  O  OH    . TYR A 1 75  ? 8.727   -5.370  19.073  1.00 26.47 ? 74  TYR A OH    1 
ATOM   630  N  N     . VAL A 1 76  ? 11.704  -4.018  13.214  1.00 31.13 ? 75  VAL A N     1 
ATOM   631  C  CA    . VAL A 1 76  ? 12.004  -2.689  13.693  1.00 31.77 ? 75  VAL A CA    1 
ATOM   632  C  C     . VAL A 1 76  ? 10.741  -1.849  13.471  1.00 31.94 ? 75  VAL A C     1 
ATOM   633  O  O     . VAL A 1 76  ? 10.100  -1.860  12.387  1.00 31.81 ? 75  VAL A O     1 
ATOM   634  C  CB    . VAL A 1 76  ? 13.221  -2.060  12.949  1.00 32.53 ? 75  VAL A CB    1 
ATOM   635  C  CG1   . VAL A 1 76  ? 13.366  -0.606  13.290  1.00 33.05 ? 75  VAL A CG1   1 
ATOM   636  C  CG2   . VAL A 1 76  ? 14.525  -2.779  13.320  1.00 32.79 ? 75  VAL A CG2   1 
ATOM   637  N  N     . LEU A 1 77  ? 10.356  -1.153  14.529  1.00 32.24 ? 76  LEU A N     1 
ATOM   638  C  CA    . LEU A 1 77  ? 9.236   -0.218  14.468  1.00 31.77 ? 76  LEU A CA    1 
ATOM   639  C  C     . LEU A 1 77  ? 9.811   1.144   14.481  1.00 31.99 ? 76  LEU A C     1 
ATOM   640  O  O     . LEU A 1 77  ? 10.719  1.415   15.215  1.00 31.74 ? 76  LEU A O     1 
ATOM   641  C  CB    . LEU A 1 77  ? 8.327   -0.343  15.673  1.00 31.53 ? 76  LEU A CB    1 
ATOM   642  C  CG    . LEU A 1 77  ? 7.290   0.766   15.851  1.00 31.31 ? 76  LEU A CG    1 
ATOM   643  C  CD1   . LEU A 1 77  ? 6.196   0.760   14.753  1.00 31.47 ? 76  LEU A CD1   1 
ATOM   644  C  CD2   . LEU A 1 77  ? 6.670   0.589   17.208  1.00 30.65 ? 76  LEU A CD2   1 
ATOM   645  N  N     . GLN A 1 78  ? 9.247   1.978   13.633  1.00 32.72 ? 77  GLN A N     1 
ATOM   646  C  CA    . GLN A 1 78  ? 9.595   3.380   13.479  1.00 32.90 ? 77  GLN A CA    1 
ATOM   647  C  C     . GLN A 1 78  ? 8.329   4.217   13.323  1.00 32.63 ? 77  GLN A C     1 
ATOM   648  O  O     . GLN A 1 78  ? 7.450   3.874   12.556  1.00 32.83 ? 77  GLN A O     1 
ATOM   649  C  CB    . GLN A 1 78  ? 10.398  3.571   12.228  1.00 32.90 ? 77  GLN A CB    1 
ATOM   650  C  CG    . GLN A 1 78  ? 11.848  3.245   12.365  1.00 35.19 ? 77  GLN A CG    1 
ATOM   651  C  CD    . GLN A 1 78  ? 12.566  3.493   11.076  1.00 34.96 ? 77  GLN A CD    1 
ATOM   652  O  OE1   . GLN A 1 78  ? 12.381  2.756   10.112  1.00 37.12 ? 77  GLN A OE1   1 
ATOM   653  N  NE2   . GLN A 1 78  ? 13.363  4.543   11.036  1.00 34.10 ? 77  GLN A NE2   1 
ATOM   654  N  N     . CYS A 1 79  ? 8.246   5.336   14.024  1.00 32.01 ? 78  CYS A N     1 
ATOM   655  C  CA    . CYS A 1 79  ? 7.029   6.122   13.957  1.00 31.84 ? 78  CYS A CA    1 
ATOM   656  C  C     . CYS A 1 79  ? 7.331   7.504   13.563  1.00 30.43 ? 78  CYS A C     1 
ATOM   657  O  O     . CYS A 1 79  ? 8.271   8.062   14.066  1.00 30.85 ? 78  CYS A O     1 
ATOM   658  C  CB    . CYS A 1 79  ? 6.385   6.147   15.327  1.00 32.36 ? 78  CYS A CB    1 
ATOM   659  S  SG    . CYS A 1 79  ? 6.374   4.514   16.103  1.00 33.94 ? 78  CYS A SG    1 
ATOM   660  N  N     . PHE A 1 80  ? 6.544   8.049   12.660  1.00 29.72 ? 79  PHE A N     1 
ATOM   661  C  CA    . PHE A 1 80  ? 6.736   9.452   12.230  1.00 29.24 ? 79  PHE A CA    1 
ATOM   662  C  C     . PHE A 1 80  ? 5.416   10.207  12.267  1.00 28.03 ? 79  PHE A C     1 
ATOM   663  O  O     . PHE A 1 80  ? 4.362   9.617   12.061  1.00 27.37 ? 79  PHE A O     1 
ATOM   664  C  CB    . PHE A 1 80  ? 7.216   9.538   10.777  1.00 29.44 ? 79  PHE A CB    1 
ATOM   665  C  CG    . PHE A 1 80  ? 8.361   8.661   10.454  1.00 30.40 ? 79  PHE A CG    1 
ATOM   666  C  CD1   . PHE A 1 80  ? 8.165   7.324   10.209  1.00 31.77 ? 79  PHE A CD1   1 
ATOM   667  C  CD2   . PHE A 1 80  ? 9.640   9.187   10.356  1.00 32.05 ? 79  PHE A CD2   1 
ATOM   668  C  CE1   . PHE A 1 80  ? 9.224   6.506   9.903   1.00 32.72 ? 79  PHE A CE1   1 
ATOM   669  C  CE2   . PHE A 1 80  ? 10.711  8.379   10.045  1.00 32.29 ? 79  PHE A CE2   1 
ATOM   670  C  CZ    . PHE A 1 80  ? 10.515  7.047   9.820   1.00 32.74 ? 79  PHE A CZ    1 
ATOM   671  N  N     . PRO A 1 81  ? 5.471   11.521  12.503  1.00 27.37 ? 80  PRO A N     1 
ATOM   672  C  CA    . PRO A 1 81  ? 4.214   12.214  12.269  1.00 27.44 ? 80  PRO A CA    1 
ATOM   673  C  C     . PRO A 1 81  ? 3.912   12.216  10.767  1.00 27.65 ? 80  PRO A C     1 
ATOM   674  O  O     . PRO A 1 81  ? 4.812   12.025  9.930   1.00 26.97 ? 80  PRO A O     1 
ATOM   675  C  CB    . PRO A 1 81  ? 4.488   13.637  12.765  1.00 27.31 ? 80  PRO A CB    1 
ATOM   676  C  CG    . PRO A 1 81  ? 5.987   13.794  12.767  1.00 26.30 ? 80  PRO A CG    1 
ATOM   677  C  CD    . PRO A 1 81  ? 6.549   12.434  12.947  1.00 27.18 ? 80  PRO A CD    1 
ATOM   678  N  N     . TYR A 1 82  ? 2.640   12.420  10.449  1.00 27.99 ? 81  TYR A N     1 
ATOM   679  C  CA    . TYR A 1 82  ? 2.172   12.415  9.070   1.00 28.20 ? 81  TYR A CA    1 
ATOM   680  C  C     . TYR A 1 82  ? 1.185   13.547  8.823   1.00 28.28 ? 81  TYR A C     1 
ATOM   681  O  O     . TYR A 1 82  ? 0.345   13.828  9.670   1.00 28.43 ? 81  TYR A O     1 
ATOM   682  C  CB    . TYR A 1 82  ? 1.547   11.054  8.716   1.00 28.15 ? 81  TYR A CB    1 
ATOM   683  C  CG    . TYR A 1 82  ? 1.066   10.978  7.275   1.00 28.55 ? 81  TYR A CG    1 
ATOM   684  C  CD1   . TYR A 1 82  ? 1.943   10.685  6.231   1.00 30.55 ? 81  TYR A CD1   1 
ATOM   685  C  CD2   . TYR A 1 82  ? -0.261  11.204  6.960   1.00 27.56 ? 81  TYR A CD2   1 
ATOM   686  C  CE1   . TYR A 1 82  ? 1.495   10.640  4.907   1.00 31.38 ? 81  TYR A CE1   1 
ATOM   687  C  CE2   . TYR A 1 82  ? -0.715  11.155  5.659   1.00 28.98 ? 81  TYR A CE2   1 
ATOM   688  C  CZ    . TYR A 1 82  ? 0.150   10.881  4.630   1.00 31.00 ? 81  TYR A CZ    1 
ATOM   689  O  OH    . TYR A 1 82  ? -0.343  10.861  3.341   1.00 32.69 ? 81  TYR A OH    1 
ATOM   690  N  N     . GLN A 1 83  ? 1.305   14.203  7.672   1.00 28.27 ? 82  GLN A N     1 
ATOM   691  C  CA    . GLN A 1 83  ? 0.348   15.231  7.283   1.00 28.66 ? 82  GLN A CA    1 
ATOM   692  C  C     . GLN A 1 83  ? -0.337  14.729  6.021   1.00 29.43 ? 82  GLN A C     1 
ATOM   693  O  O     . GLN A 1 83  ? 0.294   14.121  5.166   1.00 29.54 ? 82  GLN A O     1 
ATOM   694  C  CB    . GLN A 1 83  ? 1.060   16.537  7.034   1.00 28.57 ? 82  GLN A CB    1 
ATOM   695  C  CG    . GLN A 1 83  ? 1.730   17.119  8.229   1.00 28.55 ? 82  GLN A CG    1 
ATOM   696  C  CD    . GLN A 1 83  ? 1.006   18.310  8.759   1.00 28.56 ? 82  GLN A CD    1 
ATOM   697  O  OE1   . GLN A 1 83  ? 0.525   19.118  7.993   1.00 34.02 ? 82  GLN A OE1   1 
ATOM   698  N  NE2   . GLN A 1 83  ? 0.946   18.454  10.064  1.00 27.73 ? 82  GLN A NE2   1 
ATOM   699  N  N     . GLN A 1 84  ? -1.644  14.946  5.942   1.00 30.59 ? 83  GLN A N     1 
ATOM   700  C  CA    . GLN A 1 84  ? -2.449  14.481  4.822   1.00 31.37 ? 83  GLN A CA    1 
ATOM   701  C  C     . GLN A 1 84  ? -1.825  15.071  3.542   1.00 32.01 ? 83  GLN A C     1 
ATOM   702  O  O     . GLN A 1 84  ? -1.268  16.162  3.534   1.00 32.10 ? 83  GLN A O     1 
ATOM   703  C  CB    . GLN A 1 84  ? -3.956  14.831  5.011   1.00 31.24 ? 83  GLN A CB    1 
ATOM   704  C  CG    . GLN A 1 84  ? -4.959  13.864  4.321   1.00 32.79 ? 83  GLN A CG    1 
ATOM   705  N  N     . LYS A 1 85  ? -1.848  14.289  2.482   1.00 32.86 ? 84  LYS A N     1 
ATOM   706  C  CA    . LYS A 1 85  ? -1.326  14.727  1.215   1.00 33.28 ? 84  LYS A CA    1 
ATOM   707  C  C     . LYS A 1 85  ? -2.387  14.529  0.143   1.00 33.73 ? 84  LYS A C     1 
ATOM   708  O  O     . LYS A 1 85  ? -3.277  13.692  0.281   1.00 33.81 ? 84  LYS A O     1 
ATOM   709  C  CB    . LYS A 1 85  ? -0.079  13.945  0.859   1.00 33.79 ? 84  LYS A CB    1 
ATOM   710  C  CG    . LYS A 1 85  ? 1.176   14.376  1.574   1.00 33.84 ? 84  LYS A CG    1 
ATOM   711  C  CD    . LYS A 1 85  ? 2.364   13.451  1.211   1.00 35.04 ? 84  LYS A CD    1 
ATOM   712  C  CE    . LYS A 1 85  ? 3.692   14.168  1.478   1.00 36.40 ? 84  LYS A CE    1 
ATOM   713  N  NZ    . LYS A 1 85  ? 4.872   13.313  1.246   1.00 37.68 ? 84  LYS A NZ    1 
ATOM   714  N  N     . VAL A 1 86  ? -2.277  15.344  -0.902  1.00 33.89 ? 85  VAL A N     1 
ATOM   715  C  CA    . VAL A 1 86  ? -3.224  15.377  -1.999  1.00 33.89 ? 85  VAL A CA    1 
ATOM   716  C  C     . VAL A 1 86  ? -2.555  14.824  -3.266  1.00 33.52 ? 85  VAL A C     1 
ATOM   717  O  O     . VAL A 1 86  ? -1.536  15.349  -3.749  1.00 32.75 ? 85  VAL A O     1 
ATOM   718  C  CB    . VAL A 1 86  ? -3.749  16.860  -2.260  1.00 34.50 ? 85  VAL A CB    1 
ATOM   719  C  CG1   . VAL A 1 86  ? -4.247  17.498  -0.968  1.00 33.49 ? 85  VAL A CG1   1 
ATOM   720  C  CG2   . VAL A 1 86  ? -2.629  17.781  -2.914  1.00 34.60 ? 85  VAL A CG2   1 
ATOM   721  N  N     . TYR A 1 87  ? -3.122  13.761  -3.812  1.00 32.72 ? 86  TYR A N     1 
ATOM   722  C  CA    . TYR A 1 87  ? -2.622  13.264  -5.077  1.00 33.03 ? 86  TYR A CA    1 
ATOM   723  C  C     . TYR A 1 87  ? -3.722  13.324  -6.106  1.00 33.54 ? 86  TYR A C     1 
ATOM   724  O  O     . TYR A 1 87  ? -4.657  12.545  -6.012  1.00 34.31 ? 86  TYR A O     1 
ATOM   725  C  CB    . TYR A 1 87  ? -2.123  11.828  -4.968  1.00 32.62 ? 86  TYR A CB    1 
ATOM   726  C  CG    . TYR A 1 87  ? -1.044  11.636  -3.927  1.00 32.43 ? 86  TYR A CG    1 
ATOM   727  C  CD1   . TYR A 1 87  ? -1.363  11.355  -2.620  1.00 32.91 ? 86  TYR A CD1   1 
ATOM   728  C  CD2   . TYR A 1 87  ? 0.298   11.735  -4.253  1.00 31.41 ? 86  TYR A CD2   1 
ATOM   729  C  CE1   . TYR A 1 87  ? -0.366  11.175  -1.652  1.00 34.84 ? 86  TYR A CE1   1 
ATOM   730  C  CE2   . TYR A 1 87  ? 1.300   11.558  -3.288  1.00 30.95 ? 86  TYR A CE2   1 
ATOM   731  C  CZ    . TYR A 1 87  ? 0.968   11.276  -1.995  1.00 32.01 ? 86  TYR A CZ    1 
ATOM   732  O  OH    . TYR A 1 87  ? 1.953   11.074  -1.036  1.00 31.45 ? 86  TYR A OH    1 
ATOM   733  N  N     . ARG A 1 88  ? -3.572  14.187  -7.112  1.00 33.37 ? 87  ARG A N     1 
ATOM   734  C  CA    . ARG A 1 88  ? -4.611  14.385  -8.128  1.00 33.98 ? 87  ARG A CA    1 
ATOM   735  C  C     . ARG A 1 88  ? -4.276  14.058  -9.589  1.00 32.95 ? 87  ARG A C     1 
ATOM   736  O  O     . ARG A 1 88  ? -5.171  13.841  -10.388 1.00 33.25 ? 87  ARG A O     1 
ATOM   737  C  CB    . ARG A 1 88  ? -5.080  15.834  -8.063  1.00 34.41 ? 87  ARG A CB    1 
ATOM   738  C  CG    . ARG A 1 88  ? -6.077  16.040  -6.962  1.00 37.65 ? 87  ARG A CG    1 
ATOM   739  C  CD    . ARG A 1 88  ? -6.032  17.425  -6.503  1.00 42.30 ? 87  ARG A CD    1 
ATOM   740  N  NE    . ARG A 1 88  ? -7.113  17.716  -5.566  1.00 47.43 ? 87  ARG A NE    1 
ATOM   741  C  CZ    . ARG A 1 88  ? -7.089  18.774  -4.758  1.00 50.21 ? 87  ARG A CZ    1 
ATOM   742  N  NH1   . ARG A 1 88  ? -6.021  19.564  -4.767  1.00 50.86 ? 87  ARG A NH1   1 
ATOM   743  N  NH2   . ARG A 1 88  ? -8.091  19.030  -3.927  1.00 51.66 ? 87  ARG A NH2   1 
ATOM   744  N  N     . THR A 1 89  ? -3.000  14.082  -9.948  1.00 32.14 ? 88  THR A N     1 
ATOM   745  C  CA    . THR A 1 89  ? -2.588  13.869  -11.329 1.00 30.83 ? 88  THR A CA    1 
ATOM   746  C  C     . THR A 1 89  ? -1.600  12.756  -11.309 1.00 31.12 ? 88  THR A C     1 
ATOM   747  O  O     . THR A 1 89  ? -0.839  12.620  -10.349 1.00 30.80 ? 88  THR A O     1 
ATOM   748  C  CB    . THR A 1 89  ? -1.971  15.116  -11.969 1.00 30.34 ? 88  THR A CB    1 
ATOM   749  O  OG1   . THR A 1 89  ? -0.895  15.569  -11.156 1.00 30.44 ? 88  THR A OG1   1 
ATOM   750  C  CG2   . THR A 1 89  ? -2.976  16.217  -12.091 1.00 27.30 ? 88  THR A CG2   1 
ATOM   751  N  N     . PHE A 1 90  ? -1.663  11.928  -12.356 1.00 31.37 ? 89  PHE A N     1 
ATOM   752  C  CA    . PHE A 1 90  ? -0.897  10.670  -12.457 1.00 31.61 ? 89  PHE A CA    1 
ATOM   753  C  C     . PHE A 1 90  ? -0.287  10.436  -13.826 1.00 31.45 ? 89  PHE A C     1 
ATOM   754  O  O     . PHE A 1 90  ? -0.983  10.362  -14.802 1.00 30.49 ? 89  PHE A O     1 
ATOM   755  C  CB    . PHE A 1 90  ? -1.816  9.491   -12.113 1.00 31.70 ? 89  PHE A CB    1 
ATOM   756  C  CG    . PHE A 1 90  ? -2.359  9.542   -10.709 1.00 32.22 ? 89  PHE A CG    1 
ATOM   757  C  CD1   . PHE A 1 90  ? -3.452  10.292  -10.407 1.00 33.46 ? 89  PHE A CD1   1 
ATOM   758  C  CD2   . PHE A 1 90  ? -1.759  8.840   -9.699  1.00 33.76 ? 89  PHE A CD2   1 
ATOM   759  C  CE1   . PHE A 1 90  ? -3.924  10.346  -9.128  1.00 35.02 ? 89  PHE A CE1   1 
ATOM   760  C  CE2   . PHE A 1 90  ? -2.239  8.887   -8.439  1.00 33.21 ? 89  PHE A CE2   1 
ATOM   761  C  CZ    . PHE A 1 90  ? -3.313  9.638   -8.148  1.00 32.36 ? 89  PHE A CZ    1 
ATOM   762  N  N     . LYS A 1 91  ? 1.029   10.298  -13.864 1.00 32.37 ? 90  LYS A N     1 
ATOM   763  C  CA    . LYS A 1 91  ? 1.750   10.051  -15.116 1.00 32.61 ? 90  LYS A CA    1 
ATOM   764  C  C     . LYS A 1 91  ? 1.799   8.576   -15.487 1.00 31.76 ? 90  LYS A C     1 
ATOM   765  O  O     . LYS A 1 91  ? 2.284   7.744   -14.717 1.00 31.29 ? 90  LYS A O     1 
ATOM   766  C  CB    . LYS A 1 91  ? 3.177   10.606  -15.054 1.00 33.37 ? 90  LYS A CB    1 
ATOM   767  C  CG    . LYS A 1 91  ? 3.972   10.398  -16.346 1.00 34.89 ? 90  LYS A CG    1 
ATOM   768  C  CD    . LYS A 1 91  ? 3.368   11.041  -17.604 1.00 36.26 ? 90  LYS A CD    1 
ATOM   769  C  CE    . LYS A 1 91  ? 4.203   12.245  -18.073 1.00 37.44 ? 90  LYS A CE    1 
ATOM   770  N  NZ    . LYS A 1 91  ? 3.685   12.784  -19.378 1.00 39.30 ? 90  LYS A NZ    1 
ATOM   771  N  N     . PRO A 1 92  ? 1.297   8.243   -16.686 1.00 31.15 ? 91  PRO A N     1 
ATOM   772  C  CA    . PRO A 1 92  ? 1.398   6.832   -17.053 1.00 31.10 ? 91  PRO A CA    1 
ATOM   773  C  C     . PRO A 1 92  ? 2.860   6.467   -17.313 1.00 30.96 ? 91  PRO A C     1 
ATOM   774  O  O     . PRO A 1 92  ? 3.551   7.185   -18.024 1.00 30.23 ? 91  PRO A O     1 
ATOM   775  C  CB    . PRO A 1 92  ? 0.552   6.727   -18.338 1.00 31.04 ? 91  PRO A CB    1 
ATOM   776  C  CG    . PRO A 1 92  ? -0.116  8.015   -18.510 1.00 30.06 ? 91  PRO A CG    1 
ATOM   777  C  CD    . PRO A 1 92  ? 0.561   9.035   -17.682 1.00 30.29 ? 91  PRO A CD    1 
ATOM   778  N  N     . VAL A 1 93  ? 3.324   5.386   -16.693 1.00 30.53 ? 92  VAL A N     1 
ATOM   779  C  CA    . VAL A 1 93  ? 4.696   4.934   -16.877 1.00 30.18 ? 92  VAL A CA    1 
ATOM   780  C  C     . VAL A 1 93  ? 4.634   3.473   -17.341 1.00 29.97 ? 92  VAL A C     1 
ATOM   781  O  O     . VAL A 1 93  ? 3.938   2.649   -16.768 1.00 29.82 ? 92  VAL A O     1 
ATOM   782  C  CB    . VAL A 1 93  ? 5.536   5.149   -15.565 1.00 30.05 ? 92  VAL A CB    1 
ATOM   783  C  CG1   . VAL A 1 93  ? 6.930   4.605   -15.718 1.00 31.05 ? 92  VAL A CG1   1 
ATOM   784  C  CG2   . VAL A 1 93  ? 5.619   6.605   -15.245 1.00 29.38 ? 92  VAL A CG2   1 
ATOM   785  N  N     . PHE A 1 94  ? 5.346   3.163   -18.410 1.00 29.93 ? 93  PHE A N     1 
ATOM   786  C  CA    . PHE A 1 94  ? 5.268   1.832   -19.012 1.00 30.08 ? 93  PHE A CA    1 
ATOM   787  C  C     . PHE A 1 94  ? 6.391   0.945   -18.543 1.00 30.83 ? 93  PHE A C     1 
ATOM   788  O  O     . PHE A 1 94  ? 7.565   1.210   -18.760 1.00 31.33 ? 93  PHE A O     1 
ATOM   789  C  CB    . PHE A 1 94  ? 5.225   1.950   -20.551 1.00 29.82 ? 93  PHE A CB    1 
ATOM   790  C  CG    . PHE A 1 94  ? 4.025   2.668   -21.026 1.00 28.70 ? 93  PHE A CG    1 
ATOM   791  C  CD1   . PHE A 1 94  ? 2.848   1.987   -21.244 1.00 29.46 ? 93  PHE A CD1   1 
ATOM   792  C  CD2   . PHE A 1 94  ? 4.031   4.044   -21.139 1.00 29.26 ? 93  PHE A CD2   1 
ATOM   793  C  CE1   . PHE A 1 94  ? 1.709   2.666   -21.618 1.00 30.54 ? 93  PHE A CE1   1 
ATOM   794  C  CE2   . PHE A 1 94  ? 2.914   4.727   -21.521 1.00 30.19 ? 93  PHE A CE2   1 
ATOM   795  C  CZ    . PHE A 1 94  ? 1.741   4.044   -21.755 1.00 30.45 ? 93  PHE A CZ    1 
ATOM   796  N  N     . CYS A 1 95  ? 6.014   -0.115  -17.868 1.00 32.02 ? 94  CYS A N     1 
ATOM   797  C  CA    . CYS A 1 95  ? 6.975   -1.048  -17.353 1.00 33.36 ? 94  CYS A CA    1 
ATOM   798  C  C     . CYS A 1 95  ? 6.422   -2.470  -17.269 1.00 33.80 ? 94  CYS A C     1 
ATOM   799  O  O     . CYS A 1 95  ? 5.639   -2.803  -16.392 1.00 34.74 ? 94  CYS A O     1 
ATOM   800  C  CB    . CYS A 1 95  ? 7.398   -0.568  -15.993 1.00 34.00 ? 94  CYS A CB    1 
ATOM   801  S  SG    . CYS A 1 95  ? 8.605   -1.627  -15.221 1.00 38.21 ? 94  CYS A SG    1 
ATOM   802  N  N     . ASP A 1 96  ? 6.881   -3.310  -18.177 1.00 34.65 ? 95  ASP A N     1 
ATOM   803  C  CA    . ASP A 1 96  ? 6.358   -4.672  -18.339 1.00 35.42 ? 95  ASP A CA    1 
ATOM   804  C  C     . ASP A 1 96  ? 7.019   -5.726  -17.460 1.00 36.05 ? 95  ASP A C     1 
ATOM   805  O  O     . ASP A 1 96  ? 6.566   -6.863  -17.393 1.00 36.60 ? 95  ASP A O     1 
ATOM   806  C  CB    . ASP A 1 96  ? 6.540   -5.123  -19.782 1.00 34.92 ? 95  ASP A CB    1 
ATOM   807  C  CG    . ASP A 1 96  ? 5.597   -4.445  -20.725 1.00 35.05 ? 95  ASP A CG    1 
ATOM   808  O  OD1   . ASP A 1 96  ? 4.623   -3.833  -20.265 1.00 36.25 ? 95  ASP A OD1   1 
ATOM   809  O  OD2   . ASP A 1 96  ? 5.802   -4.562  -21.950 1.00 38.40 ? 95  ASP A OD2   1 
ATOM   810  N  N     . HIS A 1 97  ? 8.116   -5.363  -16.827 1.00 36.55 ? 96  HIS A N     1 
ATOM   811  C  CA    . HIS A 1 97  ? 8.835   -6.325  -16.014 1.00 37.15 ? 96  HIS A CA    1 
ATOM   812  C  C     . HIS A 1 97  ? 9.137   -5.745  -14.684 1.00 36.25 ? 96  HIS A C     1 
ATOM   813  O  O     . HIS A 1 97  ? 10.185  -5.125  -14.514 1.00 36.77 ? 96  HIS A O     1 
ATOM   814  C  CB    . HIS A 1 97  ? 10.145  -6.712  -16.674 1.00 38.00 ? 96  HIS A CB    1 
ATOM   815  C  CG    . HIS A 1 97  ? 9.960   -7.467  -17.945 1.00 41.65 ? 96  HIS A CG    1 
ATOM   816  N  ND1   . HIS A 1 97  ? 9.041   -8.494  -18.061 1.00 44.47 ? 96  HIS A ND1   1 
ATOM   817  C  CD2   . HIS A 1 97  ? 10.569  -7.351  -19.153 1.00 43.56 ? 96  HIS A CD2   1 
ATOM   818  C  CE1   . HIS A 1 97  ? 9.089   -8.972  -19.294 1.00 46.57 ? 96  HIS A CE1   1 
ATOM   819  N  NE2   . HIS A 1 97  ? 10.012  -8.304  -19.972 1.00 46.26 ? 96  HIS A NE2   1 
ATOM   820  N  N     . ILE A 1 98  ? 8.197   -5.931  -13.768 1.00 34.89 ? 97  ILE A N     1 
ATOM   821  C  CA    . ILE A 1 98  ? 8.303   -5.442  -12.415 1.00 33.95 ? 97  ILE A CA    1 
ATOM   822  C  C     . ILE A 1 98  ? 7.486   -6.367  -11.529 1.00 33.63 ? 97  ILE A C     1 
ATOM   823  O  O     . ILE A 1 98  ? 6.345   -6.644  -11.847 1.00 33.48 ? 97  ILE A O     1 
ATOM   824  C  CB    . ILE A 1 98  ? 7.807   -3.978  -12.309 1.00 33.78 ? 97  ILE A CB    1 
ATOM   825  C  CG1   . ILE A 1 98  ? 7.734   -3.531  -10.841 1.00 33.53 ? 97  ILE A CG1   1 
ATOM   826  C  CG2   . ILE A 1 98  ? 6.448   -3.827  -12.944 1.00 33.28 ? 97  ILE A CG2   1 
ATOM   827  C  CD1   . ILE A 1 98  ? 7.419   -2.049  -10.630 1.00 32.19 ? 97  ILE A CD1   1 
ATOM   828  N  N     . ASP A 1 99  ? 8.096   -6.906  -10.475 1.00 33.62 ? 98  ASP A N     1 
ATOM   829  C  CA    . ASP A 1 99  ? 7.380   -7.722  -9.498  1.00 33.80 ? 98  ASP A CA    1 
ATOM   830  C  C     . ASP A 1 99  ? 7.429   -6.970  -8.206  1.00 33.24 ? 98  ASP A C     1 
ATOM   831  O  O     . ASP A 1 99  ? 8.491   -6.763  -7.639  1.00 34.20 ? 98  ASP A O     1 
ATOM   832  C  CB    . ASP A 1 99  ? 8.017   -9.110  -9.305  1.00 34.33 ? 98  ASP A CB    1 
ATOM   833  C  CG    . ASP A 1 99  ? 7.463   -9.911  -8.010  1.00 36.23 ? 98  ASP A CG    1 
ATOM   834  O  OD1   . ASP A 1 99  ? 6.579   -9.508  -7.248  1.00 35.68 ? 98  ASP A OD1   1 
ATOM   835  O  OD2   . ASP A 1 99  ? 7.955   -11.014 -7.731  1.00 42.58 ? 98  ASP A OD2   1 
ATOM   836  N  N     . TYR A 1 100 ? 6.273   -6.535  -7.754  1.00 32.26 ? 99  TYR A N     1 
ATOM   837  C  CA    . TYR A 1 100 ? 6.155   -5.948  -6.440  1.00 31.93 ? 99  TYR A CA    1 
ATOM   838  C  C     . TYR A 1 100 ? 4.935   -6.611  -5.755  1.00 31.65 ? 99  TYR A C     1 
ATOM   839  O  O     . TYR A 1 100 ? 4.060   -5.937  -5.215  1.00 30.77 ? 99  TYR A O     1 
ATOM   840  C  CB    . TYR A 1 100 ? 6.025   -4.415  -6.503  1.00 31.33 ? 99  TYR A CB    1 
ATOM   841  C  CG    . TYR A 1 100 ? 6.430   -3.744  -5.184  1.00 29.77 ? 99  TYR A CG    1 
ATOM   842  C  CD1   . TYR A 1 100 ? 7.776   -3.644  -4.797  1.00 26.72 ? 99  TYR A CD1   1 
ATOM   843  C  CD2   . TYR A 1 100 ? 5.480   -3.233  -4.329  1.00 31.17 ? 99  TYR A CD2   1 
ATOM   844  C  CE1   . TYR A 1 100 ? 8.152   -3.079  -3.593  1.00 29.10 ? 99  TYR A CE1   1 
ATOM   845  C  CE2   . TYR A 1 100 ? 5.852   -2.618  -3.091  1.00 30.89 ? 99  TYR A CE2   1 
ATOM   846  C  CZ    . TYR A 1 100 ? 7.182   -2.565  -2.739  1.00 28.94 ? 99  TYR A CZ    1 
ATOM   847  O  OH    . TYR A 1 100 ? 7.508   -1.979  -1.551  1.00 30.32 ? 99  TYR A OH    1 
ATOM   848  N  N     . SER A 1 101 ? 4.889   -7.936  -5.807  1.00 30.86 ? 100 SER A N     1 
ATOM   849  C  CA    . SER A 1 101 ? 3.730   -8.662  -5.282  1.00 31.17 ? 100 SER A CA    1 
ATOM   850  C  C     . SER A 1 101 ? 3.742   -8.783  -3.754  1.00 31.06 ? 100 SER A C     1 
ATOM   851  O  O     . SER A 1 101 ? 2.762   -9.212  -3.134  1.00 32.03 ? 100 SER A O     1 
ATOM   852  C  CB    . SER A 1 101 ? 3.603   -10.015 -5.922  1.00 30.06 ? 100 SER A CB    1 
ATOM   853  O  OG    . SER A 1 101 ? 4.667   -10.829 -5.541  1.00 31.47 ? 100 SER A OG    1 
ATOM   854  N  N     . LEU A 1 102 ? 4.849   -8.392  -3.167  1.00 30.25 ? 101 LEU A N     1 
ATOM   855  C  CA    . LEU A 1 102 ? 4.988   -8.312  -1.720  1.00 30.16 ? 101 LEU A CA    1 
ATOM   856  C  C     . LEU A 1 102 ? 5.487   -6.908  -1.444  1.00 30.08 ? 101 LEU A C     1 
ATOM   857  O  O     . LEU A 1 102 ? 5.985   -6.207  -2.325  1.00 30.45 ? 101 LEU A O     1 
ATOM   858  C  CB    . LEU A 1 102 ? 5.998   -9.319  -1.152  1.00 29.66 ? 101 LEU A CB    1 
ATOM   859  C  CG    . LEU A 1 102 ? 5.742   -10.814 -1.266  1.00 28.91 ? 101 LEU A CG    1 
ATOM   860  C  CD1   . LEU A 1 102 ? 6.874   -11.660 -0.575  1.00 24.43 ? 101 LEU A CD1   1 
ATOM   861  C  CD2   . LEU A 1 102 ? 4.415   -11.063 -0.627  1.00 25.47 ? 101 LEU A CD2   1 
HETATM 862  N  N1    . LLP A 1 103 ? 1.254   -0.803  -4.192  1.00 32.02 ? 102 LLP A N1    1 
HETATM 863  C  C2    . LLP A 1 103 ? 2.653   -0.568  -4.072  1.00 30.25 ? 102 LLP A C2    1 
HETATM 864  C  "C2'" . LLP A 1 103 ? 3.259   0.021   -5.321  1.00 26.07 ? 102 LLP A "C2'" 1 
HETATM 865  C  C3    . LLP A 1 103 ? 2.801   0.305   -2.862  1.00 32.03 ? 102 LLP A C3    1 
HETATM 866  O  O3    . LLP A 1 103 ? 4.189   0.530   -2.579  1.00 36.27 ? 102 LLP A O3    1 
HETATM 867  C  C4    . LLP A 1 103 ? 2.247   -0.369  -1.644  1.00 31.89 ? 102 LLP A C4    1 
HETATM 868  C  "C4'" . LLP A 1 103 ? 2.709   0.431   -0.471  1.00 31.74 ? 102 LLP A "C4'" 1 
HETATM 869  C  C5    . LLP A 1 103 ? 0.751   -0.653  -1.817  1.00 33.95 ? 102 LLP A C5    1 
HETATM 870  C  C6    . LLP A 1 103 ? 0.356   -0.248  -3.204  1.00 33.98 ? 102 LLP A C6    1 
HETATM 871  C  "C5'" . LLP A 1 103 ? -0.272  -0.104  -0.811  1.00 35.50 ? 102 LLP A "C5'" 1 
HETATM 872  O  OP4   . LLP A 1 103 ? -0.524  -1.038  0.249   1.00 35.91 ? 102 LLP A OP4   1 
HETATM 873  P  P     . LLP A 1 103 ? -1.257  -0.476  1.559   1.00 34.18 ? 102 LLP A P     1 
HETATM 874  O  OP1   . LLP A 1 103 ? -0.467  0.716   2.023   1.00 34.48 ? 102 LLP A OP1   1 
HETATM 875  O  OP2   . LLP A 1 103 ? -1.150  -1.697  2.434   1.00 37.79 ? 102 LLP A OP2   1 
HETATM 876  O  OP3   . LLP A 1 103 ? -2.693  -0.253  1.154   1.00 33.85 ? 102 LLP A OP3   1 
HETATM 877  N  N     . LLP A 1 103 ? 5.403   -6.473  -0.216  1.00 29.97 ? 102 LLP A N     1 
HETATM 878  C  CA    . LLP A 1 103 ? 5.825   -5.119  -0.017  1.00 30.39 ? 102 LLP A CA    1 
HETATM 879  C  CB    . LLP A 1 103 ? 4.918   -4.563  1.054   1.00 31.04 ? 102 LLP A CB    1 
HETATM 880  C  CG    . LLP A 1 103 ? 5.269   -3.119  1.046   1.00 31.80 ? 102 LLP A CG    1 
HETATM 881  C  CD    . LLP A 1 103 ? 4.083   -2.339  1.521   1.00 33.53 ? 102 LLP A CD    1 
HETATM 882  C  CE    . LLP A 1 103 ? 4.172   -0.860  1.110   1.00 34.16 ? 102 LLP A CE    1 
HETATM 883  N  NZ    . LLP A 1 103 ? 2.876   -0.429  0.624   1.00 34.40 ? 102 LLP A NZ    1 
HETATM 884  C  C     . LLP A 1 103 ? 7.323   -4.984  0.303   1.00 30.44 ? 102 LLP A C     1 
HETATM 885  O  O     . LLP A 1 103 ? 7.684   -4.694  1.631   1.00 30.44 ? 102 LLP A O     1 
ATOM   886  N  N     . PHE A 1 104 ? 8.185   -5.084  -0.713  1.00 30.44 ? 103 PHE A N     1 
ATOM   887  C  CA    . PHE A 1 104 ? 9.623   -5.207  -0.531  1.00 28.76 ? 103 PHE A CA    1 
ATOM   888  C  C     . PHE A 1 104 ? 10.187  -3.885  -0.064  1.00 28.17 ? 103 PHE A C     1 
ATOM   889  O  O     . PHE A 1 104 ? 9.719   -2.825  -0.483  1.00 27.34 ? 103 PHE A O     1 
ATOM   890  C  CB    . PHE A 1 104 ? 10.286  -5.632  -1.834  1.00 28.33 ? 103 PHE A CB    1 
ATOM   891  C  CG    . PHE A 1 104 ? 9.860   -7.005  -2.327  1.00 27.90 ? 103 PHE A CG    1 
ATOM   892  C  CD1   . PHE A 1 104 ? 10.274  -8.153  -1.682  1.00 25.97 ? 103 PHE A CD1   1 
ATOM   893  C  CD2   . PHE A 1 104 ? 9.071   -7.134  -3.448  1.00 26.07 ? 103 PHE A CD2   1 
ATOM   894  C  CE1   . PHE A 1 104 ? 9.886   -9.411  -2.162  1.00 26.64 ? 103 PHE A CE1   1 
ATOM   895  C  CE2   . PHE A 1 104 ? 8.709   -8.369  -3.941  1.00 25.07 ? 103 PHE A CE2   1 
ATOM   896  C  CZ    . PHE A 1 104 ? 9.102   -9.500  -3.306  1.00 25.53 ? 103 PHE A CZ    1 
ATOM   897  N  N     . SER A 1 105 ? 11.188  -3.954  0.810   1.00 26.85 ? 104 SER A N     1 
ATOM   898  C  CA    . SER A 1 105 ? 11.778  -2.743  1.304   1.00 27.13 ? 104 SER A CA    1 
ATOM   899  C  C     . SER A 1 105 ? 12.740  -2.172  0.244   1.00 27.08 ? 104 SER A C     1 
ATOM   900  O  O     . SER A 1 105 ? 12.993  -0.971  0.200   1.00 27.13 ? 104 SER A O     1 
ATOM   901  C  CB    . SER A 1 105 ? 12.419  -2.985  2.638   1.00 26.91 ? 104 SER A CB    1 
ATOM   902  O  OG    . SER A 1 105 ? 13.399  -3.965  2.500   1.00 29.19 ? 104 SER A OG    1 
ATOM   903  N  N     . ASP A 1 106 ? 13.214  -3.028  -0.649  1.00 26.03 ? 105 ASP A N     1 
ATOM   904  C  CA    . ASP A 1 106 ? 13.994  -2.562  -1.762  1.00 25.90 ? 105 ASP A CA    1 
ATOM   905  C  C     . ASP A 1 106 ? 13.027  -2.045  -2.802  1.00 26.58 ? 105 ASP A C     1 
ATOM   906  O  O     . ASP A 1 106 ? 12.326  -2.807  -3.447  1.00 27.00 ? 105 ASP A O     1 
ATOM   907  C  CB    . ASP A 1 106 ? 14.789  -3.716  -2.312  1.00 25.99 ? 105 ASP A CB    1 
ATOM   908  C  CG    . ASP A 1 106 ? 15.529  -3.372  -3.551  1.00 26.29 ? 105 ASP A CG    1 
ATOM   909  O  OD1   . ASP A 1 106 ? 15.347  -2.260  -4.076  1.00 30.36 ? 105 ASP A OD1   1 
ATOM   910  O  OD2   . ASP A 1 106 ? 16.309  -4.238  -4.005  1.00 25.81 ? 105 ASP A OD2   1 
ATOM   911  N  N     . ARG A 1 107 ? 13.009  -0.734  -2.971  1.00 26.79 ? 106 ARG A N     1 
ATOM   912  C  CA    . ARG A 1 107 ? 12.053  -0.067  -3.828  1.00 26.34 ? 106 ARG A CA    1 
ATOM   913  C  C     . ARG A 1 107 ? 12.753  0.732   -4.891  1.00 26.68 ? 106 ARG A C     1 
ATOM   914  O  O     . ARG A 1 107 ? 12.198  1.688   -5.441  1.00 27.02 ? 106 ARG A O     1 
ATOM   915  C  CB    . ARG A 1 107 ? 11.180  0.851   -2.972  1.00 26.47 ? 106 ARG A CB    1 
ATOM   916  C  CG    . ARG A 1 107 ? 10.221  0.076   -2.077  1.00 27.27 ? 106 ARG A CG    1 
ATOM   917  C  CD    . ARG A 1 107 ? 9.519   0.933   -0.982  1.00 27.18 ? 106 ARG A CD    1 
ATOM   918  N  NE    . ARG A 1 107 ? 8.800   2.045   -1.581  1.00 27.36 ? 106 ARG A NE    1 
ATOM   919  C  CZ    . ARG A 1 107 ? 7.581   1.967   -2.097  1.00 29.31 ? 106 ARG A CZ    1 
ATOM   920  N  NH1   . ARG A 1 107 ? 6.902   0.816   -2.113  1.00 31.14 ? 106 ARG A NH1   1 
ATOM   921  N  NH2   . ARG A 1 107 ? 7.044   3.041   -2.636  1.00 30.78 ? 106 ARG A NH2   1 
ATOM   922  N  N     . THR A 1 108 ? 13.977  0.326   -5.202  1.00 27.10 ? 107 THR A N     1 
ATOM   923  C  CA    . THR A 1 108 ? 14.775  1.003   -6.218  1.00 27.24 ? 107 THR A CA    1 
ATOM   924  C  C     . THR A 1 108 ? 13.989  1.217   -7.519  1.00 28.49 ? 107 THR A C     1 
ATOM   925  O  O     . THR A 1 108 ? 13.881  2.350   -7.978  1.00 29.14 ? 107 THR A O     1 
ATOM   926  C  CB    . THR A 1 108 ? 16.050  0.234   -6.525  1.00 27.46 ? 107 THR A CB    1 
ATOM   927  O  OG1   . THR A 1 108 ? 16.780  0.073   -5.315  1.00 28.40 ? 107 THR A OG1   1 
ATOM   928  C  CG2   . THR A 1 108 ? 16.914  0.947   -7.572  1.00 24.11 ? 107 THR A CG2   1 
ATOM   929  N  N     . LEU A 1 109 ? 13.413  0.158   -8.100  1.00 28.74 ? 108 LEU A N     1 
ATOM   930  C  CA    . LEU A 1 109 ? 12.700  0.320   -9.378  1.00 29.18 ? 108 LEU A CA    1 
ATOM   931  C  C     . LEU A 1 109 ? 11.531  1.275   -9.223  1.00 29.41 ? 108 LEU A C     1 
ATOM   932  O  O     . LEU A 1 109 ? 11.414  2.218   -9.947  1.00 30.30 ? 108 LEU A O     1 
ATOM   933  C  CB    . LEU A 1 109 ? 12.205  -1.013  -9.923  1.00 28.77 ? 108 LEU A CB    1 
ATOM   934  C  CG    . LEU A 1 109 ? 11.545  -1.075  -11.301 1.00 29.30 ? 108 LEU A CG    1 
ATOM   935  C  CD1   . LEU A 1 109 ? 12.432  -0.461  -12.412 1.00 22.12 ? 108 LEU A CD1   1 
ATOM   936  C  CD2   . LEU A 1 109 ? 11.201  -2.547  -11.612 1.00 28.92 ? 108 LEU A CD2   1 
ATOM   937  N  N     . LEU A 1 110 ? 10.661  1.021   -8.280  1.00 29.71 ? 109 LEU A N     1 
ATOM   938  C  CA    . LEU A 1 110 ? 9.567   1.932   -8.042  1.00 29.70 ? 109 LEU A CA    1 
ATOM   939  C  C     . LEU A 1 110 ? 10.055  3.363   -7.941  1.00 30.55 ? 109 LEU A C     1 
ATOM   940  O  O     . LEU A 1 110 ? 9.441   4.262   -8.477  1.00 31.64 ? 109 LEU A O     1 
ATOM   941  C  CB    . LEU A 1 110 ? 8.845   1.592   -6.755  1.00 29.52 ? 109 LEU A CB    1 
ATOM   942  C  CG    . LEU A 1 110 ? 8.000   0.329   -6.796  1.00 28.32 ? 109 LEU A CG    1 
ATOM   943  C  CD1   . LEU A 1 110 ? 7.547   -0.024  -5.400  1.00 25.59 ? 109 LEU A CD1   1 
ATOM   944  C  CD2   . LEU A 1 110 ? 6.830   0.567   -7.779  1.00 26.72 ? 109 LEU A CD2   1 
ATOM   945  N  N     . ASN A 1 111 ? 11.176  3.592   -7.289  1.00 31.10 ? 110 ASN A N     1 
ATOM   946  C  CA    . ASN A 1 111 ? 11.605  4.964   -7.084  1.00 31.32 ? 110 ASN A CA    1 
ATOM   947  C  C     . ASN A 1 111 ? 12.093  5.567   -8.379  1.00 32.45 ? 110 ASN A C     1 
ATOM   948  O  O     . ASN A 1 111 ? 11.887  6.769   -8.645  1.00 33.39 ? 110 ASN A O     1 
ATOM   949  C  CB    . ASN A 1 111 ? 12.660  5.058   -5.980  1.00 31.66 ? 110 ASN A CB    1 
ATOM   950  C  CG    . ASN A 1 111 ? 12.060  4.825   -4.600  1.00 30.77 ? 110 ASN A CG    1 
ATOM   951  O  OD1   . ASN A 1 111 ? 10.881  5.067   -4.389  1.00 32.36 ? 110 ASN A OD1   1 
ATOM   952  N  ND2   . ASN A 1 111 ? 12.854  4.364   -3.679  1.00 30.71 ? 110 ASN A ND2   1 
ATOM   953  N  N     . ASN A 1 112 ? 12.748  4.737   -9.192  1.00 32.37 ? 111 ASN A N     1 
ATOM   954  C  CA    . ASN A 1 112 ? 13.190  5.161   -10.523 1.00 32.46 ? 111 ASN A CA    1 
ATOM   955  C  C     . ASN A 1 112 ? 12.030  5.431   -11.478 1.00 31.79 ? 111 ASN A C     1 
ATOM   956  O  O     . ASN A 1 112 ? 12.126  6.296   -12.319 1.00 31.84 ? 111 ASN A O     1 
ATOM   957  C  CB    . ASN A 1 112 ? 14.152  4.163   -11.125 1.00 32.60 ? 111 ASN A CB    1 
ATOM   958  C  CG    . ASN A 1 112 ? 15.492  4.215   -10.452 1.00 36.73 ? 111 ASN A CG    1 
ATOM   959  O  OD1   . ASN A 1 112 ? 15.930  5.296   -10.013 1.00 40.96 ? 111 ASN A OD1   1 
ATOM   960  N  ND2   . ASN A 1 112 ? 16.171  3.057   -10.352 1.00 40.53 ? 111 ASN A ND2   1 
ATOM   961  N  N     . LEU A 1 113 ? 10.943  4.685   -11.346 1.00 31.52 ? 112 LEU A N     1 
ATOM   962  C  CA    . LEU A 1 113 ? 9.758   4.915   -12.154 1.00 31.97 ? 112 LEU A CA    1 
ATOM   963  C  C     . LEU A 1 113 ? 9.145   6.242   -11.738 1.00 32.28 ? 112 LEU A C     1 
ATOM   964  O  O     . LEU A 1 113 ? 8.803   7.049   -12.564 1.00 32.42 ? 112 LEU A O     1 
ATOM   965  C  CB    . LEU A 1 113 ? 8.741   3.781   -12.007 1.00 31.72 ? 112 LEU A CB    1 
ATOM   966  C  CG    . LEU A 1 113 ? 9.268   2.480   -12.636 1.00 32.38 ? 112 LEU A CG    1 
ATOM   967  C  CD1   . LEU A 1 113 ? 8.257   1.356   -12.542 1.00 28.43 ? 112 LEU A CD1   1 
ATOM   968  C  CD2   . LEU A 1 113 ? 9.717   2.743   -14.080 1.00 28.75 ? 112 LEU A CD2   1 
ATOM   969  N  N     . LEU A 1 114 ? 9.070   6.484   -10.439 1.00 33.22 ? 113 LEU A N     1 
ATOM   970  C  CA    . LEU A 1 114 ? 8.494   7.734   -9.915  1.00 33.30 ? 113 LEU A CA    1 
ATOM   971  C  C     . LEU A 1 114 ? 9.212   8.962   -10.443 1.00 33.56 ? 113 LEU A C     1 
ATOM   972  O  O     . LEU A 1 114 ? 8.594   9.984   -10.575 1.00 33.69 ? 113 LEU A O     1 
ATOM   973  C  CB    . LEU A 1 114 ? 8.555   7.771   -8.392  1.00 33.19 ? 113 LEU A CB    1 
ATOM   974  C  CG    . LEU A 1 114 ? 7.849   8.921   -7.665  1.00 32.59 ? 113 LEU A CG    1 
ATOM   975  C  CD1   . LEU A 1 114 ? 6.363   8.939   -7.967  1.00 30.28 ? 113 LEU A CD1   1 
ATOM   976  C  CD2   . LEU A 1 114 ? 8.120   8.752   -6.150  1.00 28.95 ? 113 LEU A CD2   1 
ATOM   977  N  N     . LYS A 1 115 ? 10.501  8.848   -10.733 1.00 33.63 ? 114 LYS A N     1 
ATOM   978  C  CA    . LYS A 1 115 ? 11.265  9.984   -11.269 1.00 34.84 ? 114 LYS A CA    1 
ATOM   979  C  C     . LYS A 1 115 ? 10.723  10.416  -12.595 1.00 34.64 ? 114 LYS A C     1 
ATOM   980  O  O     . LYS A 1 115 ? 11.032  11.478  -13.054 1.00 34.97 ? 114 LYS A O     1 
ATOM   981  C  CB    . LYS A 1 115 ? 12.757  9.673   -11.458 1.00 34.97 ? 114 LYS A CB    1 
ATOM   982  C  CG    . LYS A 1 115 ? 13.514  9.561   -10.181 1.00 37.85 ? 114 LYS A CG    1 
ATOM   983  C  CD    . LYS A 1 115 ? 14.993  9.321   -10.442 1.00 42.40 ? 114 LYS A CD    1 
ATOM   984  C  CE    . LYS A 1 115 ? 15.702  8.821   -9.162  1.00 43.88 ? 114 LYS A CE    1 
ATOM   985  N  NZ    . LYS A 1 115 ? 17.112  8.466   -9.528  1.00 47.39 ? 114 LYS A NZ    1 
ATOM   986  N  N     . GLN A 1 116 ? 9.917   9.582   -13.217 1.00 35.19 ? 115 GLN A N     1 
ATOM   987  C  CA    . GLN A 1 116 ? 9.339   9.932   -14.519 1.00 35.76 ? 115 GLN A CA    1 
ATOM   988  C  C     . GLN A 1 116 ? 8.029   10.726  -14.403 1.00 35.83 ? 115 GLN A C     1 
ATOM   989  O  O     . GLN A 1 116 ? 7.364   10.973  -15.400 1.00 35.98 ? 115 GLN A O     1 
ATOM   990  C  CB    . GLN A 1 116 ? 9.072   8.668   -15.333 1.00 35.63 ? 115 GLN A CB    1 
ATOM   991  C  CG    . GLN A 1 116 ? 10.335  8.035   -15.863 1.00 37.65 ? 115 GLN A CG    1 
ATOM   992  C  CD    . GLN A 1 116 ? 10.083  6.674   -16.480 1.00 41.51 ? 115 GLN A CD    1 
ATOM   993  O  OE1   . GLN A 1 116 ? 9.208   6.505   -17.347 1.00 44.60 ? 115 GLN A OE1   1 
ATOM   994  N  NE2   . GLN A 1 116 ? 10.843  5.688   -16.032 1.00 42.97 ? 115 GLN A NE2   1 
ATOM   995  N  N     . LYS A 1 117 ? 7.652   11.141  -13.203 1.00 35.82 ? 116 LYS A N     1 
ATOM   996  C  CA    . LYS A 1 117 ? 6.323   11.757  -13.028 1.00 36.13 ? 116 LYS A CA    1 
ATOM   997  C  C     . LYS A 1 117 ? 6.191   13.140  -13.657 1.00 36.77 ? 116 LYS A C     1 
ATOM   998  O  O     . LYS A 1 117 ? 5.098   13.595  -13.935 1.00 36.70 ? 116 LYS A O     1 
ATOM   999  C  CB    . LYS A 1 117 ? 5.950   11.846  -11.548 1.00 35.75 ? 116 LYS A CB    1 
ATOM   1000 C  CG    . LYS A 1 117 ? 6.711   12.888  -10.748 1.00 35.95 ? 116 LYS A CG    1 
ATOM   1001 C  CD    . LYS A 1 117 ? 6.335   12.731  -9.287  1.00 36.29 ? 116 LYS A CD    1 
ATOM   1002 C  CE    . LYS A 1 117 ? 7.428   13.200  -8.322  1.00 36.89 ? 116 LYS A CE    1 
ATOM   1003 N  NZ    . LYS A 1 117 ? 7.654   14.664  -8.339  1.00 37.67 ? 116 LYS A NZ    1 
ATOM   1004 N  N     . GLU A 1 118 ? 7.331   13.768  -13.890 1.00 37.34 ? 117 GLU A N     1 
ATOM   1005 C  CA    . GLU A 1 118 ? 7.428   15.157  -14.349 1.00 38.01 ? 117 GLU A CA    1 
ATOM   1006 C  C     . GLU A 1 118 ? 6.626   16.129  -13.494 1.00 37.79 ? 117 GLU A C     1 
ATOM   1007 O  O     . GLU A 1 118 ? 6.960   16.358  -12.326 1.00 37.09 ? 117 GLU A O     1 
ATOM   1008 C  CB    . GLU A 1 118 ? 7.010   15.277  -15.801 1.00 38.62 ? 117 GLU A CB    1 
ATOM   1009 C  CG    . GLU A 1 118 ? 7.285   14.008  -16.618 1.00 40.56 ? 117 GLU A CG    1 
ATOM   1010 C  CD    . GLU A 1 118 ? 7.456   14.298  -18.102 1.00 42.33 ? 117 GLU A CD    1 
ATOM   1011 O  OE1   . GLU A 1 118 ? 8.531   14.812  -18.436 1.00 42.44 ? 117 GLU A OE1   1 
ATOM   1012 O  OE2   . GLU A 1 118 ? 6.540   14.002  -18.919 1.00 43.16 ? 117 GLU A OE2   1 
ATOM   1013 N  N     . GLU A 1 119 ? 5.570   16.706  -14.080 1.00 37.95 ? 118 GLU A N     1 
ATOM   1014 C  CA    . GLU A 1 119 ? 4.752   17.691  -13.346 1.00 37.75 ? 118 GLU A CA    1 
ATOM   1015 C  C     . GLU A 1 119 ? 3.600   16.999  -12.596 1.00 37.19 ? 118 GLU A C     1 
ATOM   1016 O  O     . GLU A 1 119 ? 2.996   17.589  -11.740 1.00 37.85 ? 118 GLU A O     1 
ATOM   1017 C  CB    . GLU A 1 119 ? 4.280   18.883  -14.222 1.00 38.25 ? 118 GLU A CB    1 
ATOM   1018 C  CG    . GLU A 1 119 ? 5.337   20.086  -14.499 1.00 38.91 ? 118 GLU A CG    1 
ATOM   1019 C  CD    . GLU A 1 119 ? 5.989   20.766  -13.228 1.00 42.24 ? 118 GLU A CD    1 
ATOM   1020 O  OE1   . GLU A 1 119 ? 5.857   20.283  -12.077 1.00 43.45 ? 118 GLU A OE1   1 
ATOM   1021 O  OE2   . GLU A 1 119 ? 6.692   21.797  -13.372 1.00 43.17 ? 118 GLU A OE2   1 
ATOM   1022 N  N     . CYS A 1 120 ? 3.331   15.730  -12.854 1.00 35.78 ? 119 CYS A N     1 
ATOM   1023 C  CA    . CYS A 1 120 ? 2.308   15.048  -12.084 1.00 35.14 ? 119 CYS A CA    1 
ATOM   1024 C  C     . CYS A 1 120 ? 2.624   14.774  -10.626 1.00 34.44 ? 119 CYS A C     1 
ATOM   1025 O  O     . CYS A 1 120 ? 3.778   14.746  -10.217 1.00 34.65 ? 119 CYS A O     1 
ATOM   1026 C  CB    . CYS A 1 120 ? 1.998   13.703  -12.694 1.00 35.54 ? 119 CYS A CB    1 
ATOM   1027 S  SG    . CYS A 1 120 ? 1.414   13.928  -14.329 1.00 35.37 ? 119 CYS A SG    1 
ATOM   1028 N  N     . ASP A 1 121 ? 1.573   14.489  -9.868  1.00 32.77 ? 120 ASP A N     1 
ATOM   1029 C  CA    . ASP A 1 121 ? 1.736   14.239  -8.451  1.00 32.13 ? 120 ASP A CA    1 
ATOM   1030 C  C     . ASP A 1 121 ? 2.258   12.845  -8.180  1.00 32.31 ? 120 ASP A C     1 
ATOM   1031 O  O     . ASP A 1 121 ? 2.685   12.549  -7.075  1.00 31.85 ? 120 ASP A O     1 
ATOM   1032 C  CB    . ASP A 1 121 ? 0.419   14.315  -7.723  1.00 31.85 ? 120 ASP A CB    1 
ATOM   1033 C  CG    . ASP A 1 121 ? -0.157  15.661  -7.718  1.00 31.40 ? 120 ASP A CG    1 
ATOM   1034 O  OD1   . ASP A 1 121 ? 0.607   16.633  -7.690  1.00 30.85 ? 120 ASP A OD1   1 
ATOM   1035 O  OD2   . ASP A 1 121 ? -1.401  15.728  -7.678  1.00 31.97 ? 120 ASP A OD2   1 
ATOM   1036 N  N     . GLU A 1 122 ? 2.177   11.964  -9.160  1.00 32.42 ? 121 GLU A N     1 
ATOM   1037 C  CA    . GLU A 1 122 ? 2.570   10.597  -8.925  1.00 32.81 ? 121 GLU A CA    1 
ATOM   1038 C  C     . GLU A 1 122 ? 2.458   9.835   -10.253 1.00 32.93 ? 121 GLU A C     1 
ATOM   1039 O  O     . GLU A 1 122 ? 2.281   10.453  -11.321 1.00 32.87 ? 121 GLU A O     1 
ATOM   1040 C  CB    . GLU A 1 122 ? 1.738   10.106  -7.735  1.00 33.10 ? 121 GLU A CB    1 
ATOM   1041 C  CG    . GLU A 1 122 ? 1.797   8.698   -7.245  1.00 35.65 ? 121 GLU A CG    1 
ATOM   1042 C  CD    . GLU A 1 122 ? 3.132   8.075   -6.945  1.00 33.72 ? 121 GLU A CD    1 
ATOM   1043 O  OE1   . GLU A 1 122 ? 3.747   8.227   -5.869  1.00 35.92 ? 121 GLU A OE1   1 
ATOM   1044 O  OE2   . GLU A 1 122 ? 3.480   7.248   -7.770  1.00 36.18 ? 121 GLU A OE2   1 
ATOM   1045 N  N     . ILE A 1 123 ? 2.642   8.519   -10.241 1.00 33.04 ? 122 ILE A N     1 
ATOM   1046 C  CA    . ILE A 1 123 ? 2.670   7.790   -11.508 1.00 32.45 ? 122 ILE A CA    1 
ATOM   1047 C  C     . ILE A 1 123 ? 1.593   6.743   -11.531 1.00 32.82 ? 122 ILE A C     1 
ATOM   1048 O  O     . ILE A 1 123 ? 0.909   6.512   -10.540 1.00 33.47 ? 122 ILE A O     1 
ATOM   1049 C  CB    . ILE A 1 123 ? 4.044   7.126   -11.845 1.00 31.99 ? 122 ILE A CB    1 
ATOM   1050 C  CG1   . ILE A 1 123 ? 4.420   6.049   -10.810 1.00 31.37 ? 122 ILE A CG1   1 
ATOM   1051 C  CG2   . ILE A 1 123 ? 5.114   8.180   -11.947 1.00 31.14 ? 122 ILE A CG2   1 
ATOM   1052 C  CD1   . ILE A 1 123 ? 5.745   5.327   -11.065 1.00 26.75 ? 122 ILE A CD1   1 
HETATM 1053 N  N     . MSE A 1 124 ? 1.475   6.101   -12.677 1.00 32.25 ? 123 MSE A N     1 
HETATM 1054 C  CA    . MSE A 1 124 ? 0.490   5.078   -12.888 1.00 32.17 ? 123 MSE A CA    1 
HETATM 1055 C  C     . MSE A 1 124 ? 1.162   4.013   -13.746 1.00 32.09 ? 123 MSE A C     1 
HETATM 1056 O  O     . MSE A 1 124 ? 1.480   4.242   -14.902 1.00 32.06 ? 123 MSE A O     1 
HETATM 1057 C  CB    . MSE A 1 124 ? -0.709  5.719   -13.570 1.00 32.43 ? 123 MSE A CB    1 
HETATM 1058 C  CG    . MSE A 1 124 ? -1.781  4.758   -13.965 1.00 32.98 ? 123 MSE A CG    1 
HETATM 1059 SE SE    . MSE A 1 124 ? -3.390  5.650   -14.574 0.75 29.79 ? 123 MSE A SE    1 
HETATM 1060 C  CE    A MSE A 1 124 ? -4.067  6.030   -12.820 0.50 31.75 ? 123 MSE A CE    1 
HETATM 1061 C  CE    B MSE A 1 124 ? -2.623  6.800   -15.952 0.50 23.16 ? 123 MSE A CE    1 
ATOM   1062 N  N     . ILE A 1 125 ? 1.458   2.871   -13.139 1.00 32.22 ? 124 ILE A N     1 
ATOM   1063 C  CA    . ILE A 1 125 ? 2.259   1.852   -13.803 1.00 31.74 ? 124 ILE A CA    1 
ATOM   1064 C  C     . ILE A 1 125 ? 1.423   0.952   -14.711 1.00 32.19 ? 124 ILE A C     1 
ATOM   1065 O  O     . ILE A 1 125 ? 0.527   0.212   -14.260 1.00 33.13 ? 124 ILE A O     1 
ATOM   1066 C  CB    . ILE A 1 125 ? 3.017   1.004   -12.781 1.00 31.77 ? 124 ILE A CB    1 
ATOM   1067 C  CG1   . ILE A 1 125 ? 3.958   1.892   -11.938 1.00 31.77 ? 124 ILE A CG1   1 
ATOM   1068 C  CG2   . ILE A 1 125 ? 3.819   -0.075  -13.499 1.00 30.14 ? 124 ILE A CG2   1 
ATOM   1069 C  CD1   . ILE A 1 125 ? 4.433   1.269   -10.680 1.00 28.70 ? 124 ILE A CD1   1 
ATOM   1070 N  N     . ILE A 1 126 ? 1.749   1.022   -15.991 1.00 31.27 ? 125 ILE A N     1 
ATOM   1071 C  CA    . ILE A 1 126 ? 1.129   0.219   -17.005 1.00 30.55 ? 125 ILE A CA    1 
ATOM   1072 C  C     . ILE A 1 126 ? 2.041   -0.954  -17.290 1.00 30.48 ? 125 ILE A C     1 
ATOM   1073 O  O     . ILE A 1 126 ? 3.125   -0.799  -17.865 1.00 30.33 ? 125 ILE A O     1 
ATOM   1074 C  CB    . ILE A 1 126 ? 0.920   1.027   -18.290 1.00 30.92 ? 125 ILE A CB    1 
ATOM   1075 C  CG1   . ILE A 1 126 ? 0.212   2.335   -17.933 1.00 30.58 ? 125 ILE A CG1   1 
ATOM   1076 C  CG2   . ILE A 1 126 ? 0.133   0.221   -19.301 1.00 28.32 ? 125 ILE A CG2   1 
ATOM   1077 C  CD1   . ILE A 1 126 ? -1.028  2.093   -17.121 1.00 31.45 ? 125 ILE A CD1   1 
ATOM   1078 N  N     . ARG A 1 127 ? 1.570   -2.133  -16.893 1.00 30.30 ? 126 ARG A N     1 
ATOM   1079 C  CA    . ARG A 1 127 ? 2.312   -3.369  -17.030 1.00 30.10 ? 126 ARG A CA    1 
ATOM   1080 C  C     . ARG A 1 127 ? 1.528   -4.351  -17.878 1.00 30.25 ? 126 ARG A C     1 
ATOM   1081 O  O     . ARG A 1 127 ? 0.431   -4.784  -17.503 1.00 29.43 ? 126 ARG A O     1 
ATOM   1082 C  CB    . ARG A 1 127 ? 2.545   -3.963  -15.638 1.00 30.51 ? 126 ARG A CB    1 
ATOM   1083 C  CG    . ARG A 1 127 ? 3.289   -5.297  -15.595 1.00 31.00 ? 126 ARG A CG    1 
ATOM   1084 C  CD    . ARG A 1 127 ? 3.220   -5.954  -14.224 1.00 33.18 ? 126 ARG A CD    1 
ATOM   1085 N  NE    . ARG A 1 127 ? 3.929   -7.219  -14.231 1.00 36.16 ? 126 ARG A NE    1 
ATOM   1086 C  CZ    . ARG A 1 127 ? 3.416   -8.372  -14.656 1.00 38.10 ? 126 ARG A CZ    1 
ATOM   1087 N  NH1   . ARG A 1 127 ? 2.172   -8.426  -15.068 1.00 40.77 ? 126 ARG A NH1   1 
ATOM   1088 N  NH2   . ARG A 1 127 ? 4.135   -9.477  -14.655 1.00 38.88 ? 126 ARG A NH2   1 
ATOM   1089 N  N     . GLN A 1 128 ? 2.112   -4.700  -19.021 1.00 30.59 ? 127 GLN A N     1 
ATOM   1090 C  CA    . GLN A 1 128 ? 1.540   -5.707  -19.891 1.00 30.90 ? 127 GLN A CA    1 
ATOM   1091 C  C     . GLN A 1 128 ? 0.114   -5.333  -20.224 1.00 30.06 ? 127 GLN A C     1 
ATOM   1092 O  O     . GLN A 1 128 ? -0.787  -6.146  -20.114 1.00 30.14 ? 127 GLN A O     1 
ATOM   1093 C  CB    . GLN A 1 128 ? 1.626   -7.081  -19.216 1.00 31.22 ? 127 GLN A CB    1 
ATOM   1094 C  CG    . GLN A 1 128 ? 3.048   -7.649  -19.333 1.00 34.88 ? 127 GLN A CG    1 
ATOM   1095 C  CD    . GLN A 1 128 ? 3.312   -8.932  -18.528 1.00 38.99 ? 127 GLN A CD    1 
ATOM   1096 O  OE1   . GLN A 1 128 ? 2.505   -9.863  -18.521 1.00 41.45 ? 127 GLN A OE1   1 
ATOM   1097 N  NE2   . GLN A 1 128 ? 4.472   -8.981  -17.864 1.00 40.28 ? 127 GLN A NE2   1 
ATOM   1098 N  N     . GLY A 1 129 ? -0.055  -4.054  -20.562 1.00 29.65 ? 128 GLY A N     1 
ATOM   1099 C  CA    . GLY A 1 129 ? -1.300  -3.474  -21.091 1.00 28.76 ? 128 GLY A CA    1 
ATOM   1100 C  C     . GLY A 1 129 ? -2.302  -3.053  -20.025 1.00 28.56 ? 128 GLY A C     1 
ATOM   1101 O  O     . GLY A 1 129 ? -3.352  -2.458  -20.313 1.00 27.83 ? 128 GLY A O     1 
ATOM   1102 N  N     . LYS A 1 130 ? -1.976  -3.362  -18.775 1.00 28.49 ? 129 LYS A N     1 
ATOM   1103 C  CA    . LYS A 1 130 ? -2.924  -3.161  -17.699 1.00 28.29 ? 129 LYS A CA    1 
ATOM   1104 C  C     . LYS A 1 130 ? -2.481  -2.064  -16.746 1.00 28.22 ? 129 LYS A C     1 
ATOM   1105 O  O     . LYS A 1 130 ? -1.282  -1.843  -16.527 1.00 27.94 ? 129 LYS A O     1 
ATOM   1106 C  CB    . LYS A 1 130 ? -3.214  -4.507  -17.005 1.00 28.29 ? 129 LYS A CB    1 
ATOM   1107 C  CG    . LYS A 1 130 ? -3.411  -5.641  -18.020 1.00 29.79 ? 129 LYS A CG    1 
ATOM   1108 C  CD    . LYS A 1 130 ? -4.178  -6.850  -17.574 1.00 30.58 ? 129 LYS A CD    1 
ATOM   1109 C  CE    . LYS A 1 130 ? -3.560  -8.113  -18.245 1.00 30.81 ? 129 LYS A CE    1 
ATOM   1110 N  N     . VAL A 1 131 ? -3.473  -1.326  -16.251 1.00 28.03 ? 130 VAL A N     1 
ATOM   1111 C  CA    . VAL A 1 131 ? -3.263  -0.330  -15.212 1.00 27.99 ? 130 VAL A CA    1 
ATOM   1112 C  C     . VAL A 1 131 ? -3.099  -1.115  -13.907 1.00 28.60 ? 130 VAL A C     1 
ATOM   1113 O  O     . VAL A 1 131 ? -3.937  -1.965  -13.562 1.00 28.55 ? 130 VAL A O     1 
ATOM   1114 C  CB    . VAL A 1 131 ? -4.470  0.629   -15.058 1.00 28.42 ? 130 VAL A CB    1 
ATOM   1115 C  CG1   . VAL A 1 131 ? -4.239  1.618   -13.898 1.00 26.13 ? 130 VAL A CG1   1 
ATOM   1116 C  CG2   . VAL A 1 131 ? -4.745  1.331   -16.354 1.00 26.86 ? 130 VAL A CG2   1 
ATOM   1117 N  N     . THR A 1 132 ? -2.010  -0.848  -13.198 1.00 29.40 ? 131 THR A N     1 
ATOM   1118 C  CA    . THR A 1 132 ? -1.731  -1.528  -11.941 1.00 29.48 ? 131 THR A CA    1 
ATOM   1119 C  C     . THR A 1 132 ? -1.726  -0.537  -10.799 1.00 30.02 ? 131 THR A C     1 
ATOM   1120 O  O     . THR A 1 132 ? -2.775  -0.082  -10.380 1.00 29.96 ? 131 THR A O     1 
ATOM   1121 C  CB    . THR A 1 132 ? -0.448  -2.370  -12.023 1.00 29.40 ? 131 THR A CB    1 
ATOM   1122 O  OG1   . THR A 1 132 ? 0.697   -1.529  -12.267 1.00 29.24 ? 131 THR A OG1   1 
ATOM   1123 C  CG2   . THR A 1 132 ? -0.602  -3.428  -13.163 1.00 29.70 ? 131 THR A CG2   1 
ATOM   1124 N  N     . ASP A 1 133 ? -0.552  -0.200  -10.301 1.00 31.27 ? 132 ASP A N     1 
ATOM   1125 C  CA    . ASP A 1 133 ? -0.432  0.637   -9.124  1.00 32.68 ? 132 ASP A CA    1 
ATOM   1126 C  C     . ASP A 1 133 ? 0.259   1.976   -9.400  1.00 33.67 ? 132 ASP A C     1 
ATOM   1127 O  O     . ASP A 1 133 ? 0.861   2.150   -10.466 1.00 34.50 ? 132 ASP A O     1 
ATOM   1128 C  CB    . ASP A 1 133 ? 0.423   -0.085  -8.080  1.00 32.75 ? 132 ASP A CB    1 
ATOM   1129 C  CG    . ASP A 1 133 ? -0.150  -1.448  -7.615  1.00 34.05 ? 132 ASP A CG    1 
ATOM   1130 O  OD1   . ASP A 1 133 ? -1.126  -2.003  -8.175  1.00 34.59 ? 132 ASP A OD1   1 
ATOM   1131 O  OD2   . ASP A 1 133 ? 0.426   -1.985  -6.640  1.00 36.09 ? 132 ASP A OD2   1 
ATOM   1132 N  N     . CYS A 1 134 ? 0.194   2.910   -8.436  1.00 33.95 ? 133 CYS A N     1 
ATOM   1133 C  CA    . CYS A 1 134 ? 1.117   4.044   -8.435  1.00 34.47 ? 133 CYS A CA    1 
ATOM   1134 C  C     . CYS A 1 134 ? 2.341   3.585   -7.604  1.00 34.05 ? 133 CYS A C     1 
ATOM   1135 O  O     . CYS A 1 134 ? 2.384   2.437   -7.187  1.00 33.94 ? 133 CYS A O     1 
ATOM   1136 C  CB    . CYS A 1 134 ? 0.511   5.352   -7.904  1.00 34.45 ? 133 CYS A CB    1 
ATOM   1137 S  SG    . CYS A 1 134 ? 0.064   5.368   -6.188  1.00 37.57 ? 133 CYS A SG    1 
ATOM   1138 N  N     . SER A 1 135 ? 3.335   4.454   -7.388  1.00 33.62 ? 134 SER A N     1 
ATOM   1139 C  CA    . SER A 1 135 ? 4.585   4.001   -6.763  1.00 33.47 ? 134 SER A CA    1 
ATOM   1140 C  C     . SER A 1 135 ? 4.392   3.701   -5.306  1.00 33.89 ? 134 SER A C     1 
ATOM   1141 O  O     . SER A 1 135 ? 5.105   2.868   -4.769  1.00 34.11 ? 134 SER A O     1 
ATOM   1142 C  CB    . SER A 1 135 ? 5.721   5.013   -6.871  1.00 33.38 ? 134 SER A CB    1 
ATOM   1143 O  OG    . SER A 1 135 ? 5.659   5.949   -5.814  1.00 33.24 ? 134 SER A OG    1 
ATOM   1144 N  N     . ILE A 1 136 ? 3.425   4.359   -4.661  1.00 33.80 ? 135 ILE A N     1 
ATOM   1145 C  CA    . ILE A 1 136 ? 3.229   4.179   -3.199  1.00 33.35 ? 135 ILE A CA    1 
ATOM   1146 C  C     . ILE A 1 136 ? 1.885   3.553   -2.818  1.00 33.96 ? 135 ILE A C     1 
ATOM   1147 O  O     . ILE A 1 136 ? 1.613   3.348   -1.651  1.00 35.24 ? 135 ILE A O     1 
ATOM   1148 C  CB    . ILE A 1 136 ? 3.380   5.494   -2.382  1.00 32.63 ? 135 ILE A CB    1 
ATOM   1149 C  CG1   . ILE A 1 136 ? 2.244   6.444   -2.729  1.00 34.12 ? 135 ILE A CG1   1 
ATOM   1150 C  CG2   . ILE A 1 136 ? 4.745   6.146   -2.574  1.00 27.64 ? 135 ILE A CG2   1 
ATOM   1151 C  CD1   . ILE A 1 136 ? 2.343   7.831   -2.012  1.00 33.66 ? 135 ILE A CD1   1 
ATOM   1152 N  N     . GLY A 1 137 ? 1.022   3.250   -3.777  1.00 33.95 ? 136 GLY A N     1 
ATOM   1153 C  CA    . GLY A 1 137 ? -0.285  2.705   -3.419  1.00 32.56 ? 136 GLY A CA    1 
ATOM   1154 C  C     . GLY A 1 137 ? -1.024  2.120   -4.593  1.00 32.52 ? 136 GLY A C     1 
ATOM   1155 O  O     . GLY A 1 137 ? -0.486  2.026   -5.712  1.00 33.69 ? 136 GLY A O     1 
ATOM   1156 N  N     . ASN A 1 138 ? -2.239  1.668   -4.332  1.00 31.27 ? 137 ASN A N     1 
ATOM   1157 C  CA    . ASN A 1 138 ? -3.084  1.204   -5.392  1.00 31.24 ? 137 ASN A CA    1 
ATOM   1158 C  C     . ASN A 1 138 ? -3.856  2.398   -6.006  1.00 30.87 ? 137 ASN A C     1 
ATOM   1159 O  O     . ASN A 1 138 ? -3.822  3.518   -5.502  1.00 30.00 ? 137 ASN A O     1 
ATOM   1160 C  CB    . ASN A 1 138 ? -4.059  0.124   -4.891  1.00 30.83 ? 137 ASN A CB    1 
ATOM   1161 C  CG    . ASN A 1 138 ? -3.353  -1.115  -4.379  1.00 32.22 ? 137 ASN A CG    1 
ATOM   1162 O  OD1   . ASN A 1 138 ? -3.470  -1.460  -3.195  1.00 32.91 ? 137 ASN A OD1   1 
ATOM   1163 N  ND2   . ASN A 1 138 ? -2.605  -1.788  -5.254  1.00 31.51 ? 137 ASN A ND2   1 
ATOM   1164 N  N     . LEU A 1 139 ? -4.605  2.126   -7.075  1.00 31.27 ? 138 LEU A N     1 
ATOM   1165 C  CA    . LEU A 1 139 ? -5.376  3.171   -7.736  1.00 30.94 ? 138 LEU A CA    1 
ATOM   1166 C  C     . LEU A 1 139 ? -6.863  2.835   -7.854  1.00 30.28 ? 138 LEU A C     1 
ATOM   1167 O  O     . LEU A 1 139 ? -7.256  1.669   -7.930  1.00 29.89 ? 138 LEU A O     1 
ATOM   1168 C  CB    . LEU A 1 139 ? -4.765  3.493   -9.107  1.00 31.20 ? 138 LEU A CB    1 
ATOM   1169 C  CG    . LEU A 1 139 ? -3.358  4.089   -9.150  1.00 30.76 ? 138 LEU A CG    1 
ATOM   1170 C  CD1   . LEU A 1 139 ? -2.837  3.974   -10.552 1.00 29.90 ? 138 LEU A CD1   1 
ATOM   1171 C  CD2   . LEU A 1 139 ? -3.245  5.532   -8.622  1.00 30.50 ? 138 LEU A CD2   1 
ATOM   1172 N  N     . ILE A 1 140 ? -7.672  3.900   -7.818  1.00 29.82 ? 139 ILE A N     1 
ATOM   1173 C  CA    . ILE A 1 140 ? -9.119  3.816   -7.958  1.00 29.26 ? 139 ILE A CA    1 
ATOM   1174 C  C     . ILE A 1 140 ? -9.566  4.844   -8.988  1.00 29.68 ? 139 ILE A C     1 
ATOM   1175 O  O     . ILE A 1 140 ? -8.979  5.909   -9.130  1.00 29.96 ? 139 ILE A O     1 
ATOM   1176 C  CB    . ILE A 1 140 ? -9.883  3.985   -6.606  1.00 28.72 ? 139 ILE A CB    1 
ATOM   1177 C  CG1   . ILE A 1 140 ? -9.674  5.367   -5.980  1.00 28.84 ? 139 ILE A CG1   1 
ATOM   1178 C  CG2   . ILE A 1 140 ? -9.451  2.930   -5.614  1.00 27.39 ? 139 ILE A CG2   1 
ATOM   1179 C  CD1   . ILE A 1 140 ? -10.571 5.633   -4.741  1.00 24.33 ? 139 ILE A CD1   1 
ATOM   1180 N  N     . PHE A 1 141 ? -10.609 4.494   -9.711  1.00 29.58 ? 140 PHE A N     1 
ATOM   1181 C  CA    . PHE A 1 141 ? -11.068 5.268   -10.842 1.00 29.73 ? 140 PHE A CA    1 
ATOM   1182 C  C     . PHE A 1 141 ? -12.556 5.459   -10.745 1.00 30.65 ? 140 PHE A C     1 
ATOM   1183 O  O     . PHE A 1 141 ? -13.285 4.529   -10.482 1.00 30.68 ? 140 PHE A O     1 
ATOM   1184 C  CB    . PHE A 1 141 ? -10.716 4.504   -12.112 1.00 29.41 ? 140 PHE A CB    1 
ATOM   1185 C  CG    . PHE A 1 141 ? -9.232  4.273   -12.277 1.00 28.38 ? 140 PHE A CG    1 
ATOM   1186 C  CD1   . PHE A 1 141 ? -8.622  3.160   -11.741 1.00 28.92 ? 140 PHE A CD1   1 
ATOM   1187 C  CD2   . PHE A 1 141 ? -8.434  5.200   -12.944 1.00 28.46 ? 140 PHE A CD2   1 
ATOM   1188 C  CE1   . PHE A 1 141 ? -7.233  2.978   -11.860 1.00 29.06 ? 140 PHE A CE1   1 
ATOM   1189 C  CE2   . PHE A 1 141 ? -7.058  5.021   -13.087 1.00 25.86 ? 140 PHE A CE2   1 
ATOM   1190 C  CZ    . PHE A 1 141 ? -6.453  3.914   -12.528 1.00 26.78 ? 140 PHE A CZ    1 
ATOM   1191 N  N     . ARG A 1 142 ? -13.021 6.675   -10.943 1.00 32.03 ? 141 ARG A N     1 
ATOM   1192 C  CA    . ARG A 1 142 ? -14.437 6.936   -10.746 1.00 33.34 ? 141 ARG A CA    1 
ATOM   1193 C  C     . ARG A 1 142 ? -15.231 6.717   -12.011 1.00 33.45 ? 141 ARG A C     1 
ATOM   1194 O  O     . ARG A 1 142 ? -14.862 7.156   -13.057 1.00 32.77 ? 141 ARG A O     1 
ATOM   1195 C  CB    . ARG A 1 142 ? -14.664 8.343   -10.183 1.00 33.69 ? 141 ARG A CB    1 
ATOM   1196 C  CG    . ARG A 1 142 ? -16.065 8.544   -9.631  1.00 36.48 ? 141 ARG A CG    1 
ATOM   1197 C  CD    . ARG A 1 142 ? -16.211 9.876   -8.864  1.00 41.37 ? 141 ARG A CD    1 
ATOM   1198 N  NE    . ARG A 1 142 ? -15.918 11.070  -9.680  1.00 45.28 ? 141 ARG A NE    1 
ATOM   1199 C  CZ    . ARG A 1 142 ? -16.713 11.563  -10.639 1.00 49.26 ? 141 ARG A CZ    1 
ATOM   1200 N  NH1   . ARG A 1 142 ? -17.868 10.954  -10.949 1.00 51.44 ? 141 ARG A NH1   1 
ATOM   1201 N  NH2   . ARG A 1 142 ? -16.347 12.659  -11.310 1.00 49.63 ? 141 ARG A NH2   1 
ATOM   1202 N  N     . GLN A 1 143 ? -16.324 5.997   -11.882 1.00 34.72 ? 142 GLN A N     1 
ATOM   1203 C  CA    . GLN A 1 143 ? -17.228 5.781   -12.993 1.00 35.97 ? 142 GLN A CA    1 
ATOM   1204 C  C     . GLN A 1 143 ? -18.632 5.816   -12.470 1.00 37.15 ? 142 GLN A C     1 
ATOM   1205 O  O     . GLN A 1 143 ? -19.002 5.077   -11.559 1.00 37.24 ? 142 GLN A O     1 
ATOM   1206 C  CB    . GLN A 1 143 ? -16.973 4.447   -13.658 1.00 36.06 ? 142 GLN A CB    1 
ATOM   1207 C  CG    . GLN A 1 143 ? -17.658 4.324   -14.965 1.00 37.06 ? 142 GLN A CG    1 
ATOM   1208 C  CD    . GLN A 1 143 ? -17.251 3.085   -15.684 1.00 38.85 ? 142 GLN A CD    1 
ATOM   1209 O  OE1   . GLN A 1 143 ? -17.550 1.993   -15.222 1.00 42.30 ? 142 GLN A OE1   1 
ATOM   1210 N  NE2   . GLN A 1 143 ? -16.546 3.232   -16.812 1.00 38.72 ? 142 GLN A NE2   1 
ATOM   1211 N  N     . ASN A 1 144 ? -19.428 6.688   -13.043 1.00 38.86 ? 143 ASN A N     1 
ATOM   1212 C  CA    . ASN A 1 144 ? -20.740 6.914   -12.484 1.00 40.40 ? 143 ASN A CA    1 
ATOM   1213 C  C     . ASN A 1 144 ? -20.547 7.434   -11.074 1.00 40.71 ? 143 ASN A C     1 
ATOM   1214 O  O     . ASN A 1 144 ? -19.894 8.478   -10.837 1.00 41.42 ? 143 ASN A O     1 
ATOM   1215 C  CB    . ASN A 1 144 ? -21.517 5.600   -12.437 1.00 40.89 ? 143 ASN A CB    1 
ATOM   1216 C  CG    . ASN A 1 144 ? -22.168 5.281   -13.773 1.00 42.26 ? 143 ASN A CG    1 
ATOM   1217 O  OD1   . ASN A 1 144 ? -21.775 5.842   -14.807 1.00 42.60 ? 143 ASN A OD1   1 
ATOM   1218 N  ND2   . ASN A 1 144 ? -23.191 4.411   -13.759 1.00 43.77 ? 143 ASN A ND2   1 
ATOM   1219 N  N     . ASN A 1 145 ? -21.078 6.677   -10.132 1.00 40.08 ? 144 ASN A N     1 
ATOM   1220 C  CA    . ASN A 1 145 ? -20.882 7.043   -8.767  1.00 39.71 ? 144 ASN A CA    1 
ATOM   1221 C  C     . ASN A 1 145 ? -20.141 6.004   -8.033  1.00 38.37 ? 144 ASN A C     1 
ATOM   1222 O  O     . ASN A 1 145 ? -20.227 5.966   -6.856  1.00 38.36 ? 144 ASN A O     1 
ATOM   1223 C  CB    . ASN A 1 145 ? -22.205 7.282   -8.101  1.00 40.33 ? 144 ASN A CB    1 
ATOM   1224 C  CG    . ASN A 1 145 ? -22.631 8.699   -8.242  1.00 42.38 ? 144 ASN A CG    1 
ATOM   1225 O  OD1   . ASN A 1 145 ? -23.612 9.007   -8.933  1.00 45.60 ? 144 ASN A OD1   1 
ATOM   1226 N  ND2   . ASN A 1 145 ? -21.852 9.599   -7.644  1.00 43.13 ? 144 ASN A ND2   1 
ATOM   1227 N  N     . GLN A 1 146 ? -19.405 5.177   -8.758  1.00 37.17 ? 145 GLN A N     1 
ATOM   1228 C  CA    . GLN A 1 146 ? -18.661 4.066   -8.182  1.00 36.31 ? 145 GLN A CA    1 
ATOM   1229 C  C     . GLN A 1 146 ? -17.199 4.268   -8.343  1.00 35.14 ? 145 GLN A C     1 
ATOM   1230 O  O     . GLN A 1 146 ? -16.783 5.003   -9.218  1.00 35.29 ? 145 GLN A O     1 
ATOM   1231 C  CB    . GLN A 1 146 ? -19.026 2.754   -8.878  1.00 36.26 ? 145 GLN A CB    1 
ATOM   1232 C  CG    . GLN A 1 146 ? -20.280 2.140   -8.328  1.00 39.46 ? 145 GLN A CG    1 
ATOM   1233 C  CD    . GLN A 1 146 ? -20.873 1.016   -9.198  1.00 42.55 ? 145 GLN A CD    1 
ATOM   1234 O  OE1   . GLN A 1 146 ? -20.641 0.960   -10.405 1.00 43.07 ? 145 GLN A OE1   1 
ATOM   1235 N  NE2   . GLN A 1 146 ? -21.658 0.131   -8.576  1.00 42.44 ? 145 GLN A NE2   1 
ATOM   1236 N  N     . TRP A 1 147 ? -16.429 3.591   -7.503  1.00 33.69 ? 146 TRP A N     1 
ATOM   1237 C  CA    . TRP A 1 147 ? -14.993 3.554   -7.622  1.00 33.15 ? 146 TRP A CA    1 
ATOM   1238 C  C     . TRP A 1 147 ? -14.534 2.147   -7.968  1.00 32.13 ? 146 TRP A C     1 
ATOM   1239 O  O     . TRP A 1 147 ? -14.808 1.195   -7.256  1.00 31.57 ? 146 TRP A O     1 
ATOM   1240 C  CB    . TRP A 1 147 ? -14.316 3.973   -6.322  1.00 33.56 ? 146 TRP A CB    1 
ATOM   1241 C  CG    . TRP A 1 147 ? -14.430 5.418   -5.969  1.00 34.39 ? 146 TRP A CG    1 
ATOM   1242 C  CD1   . TRP A 1 147 ? -15.279 5.963   -5.062  1.00 36.08 ? 146 TRP A CD1   1 
ATOM   1243 C  CD2   . TRP A 1 147 ? -13.653 6.493   -6.480  1.00 34.49 ? 146 TRP A CD2   1 
ATOM   1244 N  NE1   . TRP A 1 147 ? -15.091 7.310   -4.985  1.00 36.44 ? 146 TRP A NE1   1 
ATOM   1245 C  CE2   . TRP A 1 147 ? -14.089 7.663   -5.840  1.00 35.81 ? 146 TRP A CE2   1 
ATOM   1246 C  CE3   . TRP A 1 147 ? -12.623 6.581   -7.401  1.00 35.24 ? 146 TRP A CE3   1 
ATOM   1247 C  CZ2   . TRP A 1 147 ? -13.551 8.907   -6.112  1.00 34.74 ? 146 TRP A CZ2   1 
ATOM   1248 C  CZ3   . TRP A 1 147 ? -12.081 7.809   -7.664  1.00 35.76 ? 146 TRP A CZ3   1 
ATOM   1249 C  CH2   . TRP A 1 147 ? -12.551 8.967   -7.025  1.00 34.98 ? 146 TRP A CH2   1 
ATOM   1250 N  N     . ILE A 1 148 ? -13.819 2.050   -9.079  1.00 31.39 ? 147 ILE A N     1 
ATOM   1251 C  CA    . ILE A 1 148 ? -13.315 0.793   -9.616  1.00 30.46 ? 147 ILE A CA    1 
ATOM   1252 C  C     . ILE A 1 148 ? -11.809 0.725   -9.417  1.00 30.34 ? 147 ILE A C     1 
ATOM   1253 O  O     . ILE A 1 148 ? -11.095 1.697   -9.642  1.00 30.37 ? 147 ILE A O     1 
ATOM   1254 C  CB    . ILE A 1 148 ? -13.632 0.661   -11.142 1.00 30.11 ? 147 ILE A CB    1 
ATOM   1255 C  CG1   . ILE A 1 148 ? -15.126 0.511   -11.407 1.00 29.55 ? 147 ILE A CG1   1 
ATOM   1256 C  CG2   . ILE A 1 148 ? -12.941 -0.574  -11.750 1.00 30.57 ? 147 ILE A CG2   1 
ATOM   1257 C  CD1   . ILE A 1 148 ? -15.937 1.543   -10.809 1.00 29.10 ? 147 ILE A CD1   1 
ATOM   1258 N  N     . THR A 1 149 ? -11.318 -0.427  -8.983  1.00 30.34 ? 148 THR A N     1 
ATOM   1259 C  CA    . THR A 1 149 ? -9.877  -0.631  -8.846  1.00 29.65 ? 148 THR A CA    1 
ATOM   1260 C  C     . THR A 1 149 ? -9.482  -1.838  -9.686  1.00 29.76 ? 148 THR A C     1 
ATOM   1261 O  O     . THR A 1 149 ? -10.296 -2.741  -9.853  1.00 29.39 ? 148 THR A O     1 
ATOM   1262 C  CB    . THR A 1 149 ? -9.493  -0.821  -7.348  1.00 29.84 ? 148 THR A CB    1 
ATOM   1263 O  OG1   . THR A 1 149 ? -8.086  -0.696  -7.191  1.00 27.50 ? 148 THR A OG1   1 
ATOM   1264 C  CG2   . THR A 1 149 ? -9.979  -2.175  -6.781  1.00 27.83 ? 148 THR A CG2   1 
ATOM   1265 N  N     . PRO A 1 150 ? -8.231  -1.877  -10.194 1.00 30.34 ? 149 PRO A N     1 
ATOM   1266 C  CA    . PRO A 1 150 ? -7.735  -2.980  -11.024 1.00 31.34 ? 149 PRO A CA    1 
ATOM   1267 C  C     . PRO A 1 150 ? -7.753  -4.321  -10.326 1.00 32.32 ? 149 PRO A C     1 
ATOM   1268 O  O     . PRO A 1 150 ? -7.255  -4.429  -9.198  1.00 32.16 ? 149 PRO A O     1 
ATOM   1269 C  CB    . PRO A 1 150 ? -6.289  -2.575  -11.281 1.00 31.28 ? 149 PRO A CB    1 
ATOM   1270 C  CG    . PRO A 1 150 ? -6.292  -1.126  -11.135 1.00 30.94 ? 149 PRO A CG    1 
ATOM   1271 C  CD    . PRO A 1 150 ? -7.261  -0.774  -10.129 1.00 29.56 ? 149 PRO A CD    1 
ATOM   1272 N  N     . ASP A 1 151 ? -8.323  -5.335  -10.966 1.00 33.49 ? 150 ASP A N     1 
ATOM   1273 C  CA    . ASP A 1 151 ? -8.347  -6.658  -10.328 1.00 35.27 ? 150 ASP A CA    1 
ATOM   1274 C  C     . ASP A 1 151 ? -6.951  -7.265  -10.254 1.00 35.56 ? 150 ASP A C     1 
ATOM   1275 O  O     . ASP A 1 151 ? -6.753  -8.131  -9.432  1.00 36.14 ? 150 ASP A O     1 
ATOM   1276 C  CB    . ASP A 1 151 ? -9.391  -7.667  -10.912 1.00 35.97 ? 150 ASP A CB    1 
ATOM   1277 C  CG    . ASP A 1 151 ? -9.080  -8.094  -12.325 1.00 39.12 ? 150 ASP A CG    1 
ATOM   1278 O  OD1   . ASP A 1 151 ? -8.198  -7.440  -12.937 1.00 45.88 ? 150 ASP A OD1   1 
ATOM   1279 O  OD2   . ASP A 1 151 ? -9.715  -9.051  -12.837 1.00 42.04 ? 150 ASP A OD2   1 
ATOM   1280 N  N     . LYS A 1 152 ? -5.989  -6.782  -11.056 1.00 35.84 ? 151 LYS A N     1 
ATOM   1281 C  CA    . LYS A 1 152 ? -4.562  -7.275  -10.983 1.00 35.73 ? 151 LYS A CA    1 
ATOM   1282 C  C     . LYS A 1 152 ? -3.523  -6.238  -10.647 1.00 34.20 ? 151 LYS A C     1 
ATOM   1283 O  O     . LYS A 1 152 ? -2.748  -5.844  -11.496 1.00 33.87 ? 151 LYS A O     1 
ATOM   1284 C  CB    . LYS A 1 152 ? -4.097  -7.853  -12.308 1.00 36.33 ? 151 LYS A CB    1 
ATOM   1285 C  CG    . LYS A 1 152 ? -3.989  -9.349  -12.288 1.00 40.34 ? 151 LYS A CG    1 
ATOM   1286 C  CD    . LYS A 1 152 ? -5.121  -9.983  -11.435 1.00 42.69 ? 151 LYS A CD    1 
ATOM   1287 C  CE    . LYS A 1 152 ? -4.991  -11.513 -11.376 1.00 43.61 ? 151 LYS A CE    1 
ATOM   1288 N  NZ    . LYS A 1 152 ? -5.929  -12.088 -10.377 1.00 43.88 ? 151 LYS A NZ    1 
ATOM   1289 N  N     . PRO A 1 153 ? -3.478  -5.806  -9.403  1.00 33.15 ? 152 PRO A N     1 
ATOM   1290 C  CA    . PRO A 1 153 ? -2.539  -4.758  -9.043  1.00 32.78 ? 152 PRO A CA    1 
ATOM   1291 C  C     . PRO A 1 153 ? -1.132  -5.338  -8.893  1.00 32.86 ? 152 PRO A C     1 
ATOM   1292 O  O     . PRO A 1 153 ? -0.974  -6.547  -8.951  1.00 33.02 ? 152 PRO A O     1 
ATOM   1293 C  CB    . PRO A 1 153 ? -3.051  -4.325  -7.693  1.00 33.09 ? 152 PRO A CB    1 
ATOM   1294 C  CG    . PRO A 1 153 ? -3.553  -5.665  -7.096  1.00 32.36 ? 152 PRO A CG    1 
ATOM   1295 C  CD    . PRO A 1 153 ? -4.164  -6.396  -8.238  1.00 33.06 ? 152 PRO A CD    1 
ATOM   1296 N  N     . LEU A 1 154 ? -0.118  -4.511  -8.696  1.00 32.46 ? 153 LEU A N     1 
ATOM   1297 C  CA    . LEU A 1 154 ? 1.199   -5.076  -8.448  1.00 32.31 ? 153 LEU A CA    1 
ATOM   1298 C  C     . LEU A 1 154 ? 1.106   -5.669  -7.054  1.00 31.77 ? 153 LEU A C     1 
ATOM   1299 O  O     . LEU A 1 154 ? 1.428   -6.822  -6.846  1.00 30.93 ? 153 LEU A O     1 
ATOM   1300 C  CB    . LEU A 1 154 ? 2.294   -4.019  -8.478  1.00 31.86 ? 153 LEU A CB    1 
ATOM   1301 C  CG    . LEU A 1 154 ? 2.461   -3.254  -9.776  1.00 34.02 ? 153 LEU A CG    1 
ATOM   1302 C  CD1   . LEU A 1 154 ? 3.623   -2.240  -9.702  1.00 32.56 ? 153 LEU A CD1   1 
ATOM   1303 C  CD2   . LEU A 1 154 ? 2.621   -4.276  -10.943 1.00 35.32 ? 153 LEU A CD2   1 
ATOM   1304 N  N     . LEU A 1 155 ? 0.686   -4.844  -6.091  1.00 31.63 ? 154 LEU A N     1 
ATOM   1305 C  CA    . LEU A 1 155 ? 0.564   -5.287  -4.688  1.00 31.92 ? 154 LEU A CA    1 
ATOM   1306 C  C     . LEU A 1 155 ? -0.882  -5.245  -4.210  1.00 32.51 ? 154 LEU A C     1 
ATOM   1307 O  O     . LEU A 1 155 ? -1.582  -4.277  -4.453  1.00 34.09 ? 154 LEU A O     1 
ATOM   1308 C  CB    . LEU A 1 155 ? 1.407   -4.394  -3.744  1.00 31.99 ? 154 LEU A CB    1 
ATOM   1309 C  CG    . LEU A 1 155 ? 1.497   -4.816  -2.251  1.00 31.34 ? 154 LEU A CG    1 
ATOM   1310 C  CD1   . LEU A 1 155 ? 2.079   -6.214  -2.068  1.00 27.86 ? 154 LEU A CD1   1 
ATOM   1311 C  CD2   . LEU A 1 155 ? 2.295   -3.818  -1.427  1.00 30.60 ? 154 LEU A CD2   1 
ATOM   1312 N  N     . GLU A 1 156 ? -1.324  -6.276  -3.514  1.00 32.47 ? 155 GLU A N     1 
ATOM   1313 C  CA    . GLU A 1 156 ? -2.627  -6.229  -2.903  1.00 33.18 ? 155 GLU A CA    1 
ATOM   1314 C  C     . GLU A 1 156 ? -2.592  -5.409  -1.615  1.00 33.55 ? 155 GLU A C     1 
ATOM   1315 O  O     . GLU A 1 156 ? -2.274  -5.909  -0.514  1.00 34.19 ? 155 GLU A O     1 
ATOM   1316 C  CB    . GLU A 1 156 ? -3.120  -7.627  -2.605  1.00 33.57 ? 155 GLU A CB    1 
ATOM   1317 C  CG    . GLU A 1 156 ? -3.494  -8.381  -3.842  1.00 34.42 ? 155 GLU A CG    1 
ATOM   1318 C  CD    . GLU A 1 156 ? -3.944  -9.762  -3.529  1.00 35.78 ? 155 GLU A CD    1 
ATOM   1319 O  OE1   . GLU A 1 156 ? -4.219  -10.049 -2.364  1.00 40.21 ? 155 GLU A OE1   1 
ATOM   1320 O  OE2   . GLU A 1 156 ? -4.034  -10.570 -4.443  1.00 40.08 ? 155 GLU A OE2   1 
ATOM   1321 N  N     . GLY A 1 157 ? -2.964  -4.151  -1.740  1.00 33.13 ? 156 GLY A N     1 
ATOM   1322 C  CA    . GLY A 1 157 ? -2.921  -3.253  -0.585  1.00 33.12 ? 156 GLY A CA    1 
ATOM   1323 C  C     . GLY A 1 157 ? -3.859  -3.597  0.558   1.00 32.38 ? 156 GLY A C     1 
ATOM   1324 O  O     . GLY A 1 157 ? -4.914  -4.223  0.373   1.00 32.14 ? 156 GLY A O     1 
ATOM   1325 N  N     . THR A 1 158 ? -3.475  -3.174  1.758   1.00 31.57 ? 157 THR A N     1 
ATOM   1326 C  CA    . THR A 1 158 ? -4.327  -3.445  2.888   1.00 30.66 ? 157 THR A CA    1 
ATOM   1327 C  C     . THR A 1 158 ? -5.527  -2.519  2.741   1.00 30.21 ? 157 THR A C     1 
ATOM   1328 O  O     . THR A 1 158 ? -6.644  -2.921  2.980   1.00 30.33 ? 157 THR A O     1 
ATOM   1329 C  CB    . THR A 1 158 ? -3.622  -3.287  4.255   1.00 30.71 ? 157 THR A CB    1 
ATOM   1330 O  OG1   . THR A 1 158 ? -3.068  -1.976  4.371   1.00 31.06 ? 157 THR A OG1   1 
ATOM   1331 C  CG2   . THR A 1 158 ? -2.509  -4.320  4.444   1.00 28.63 ? 157 THR A CG2   1 
ATOM   1332 N  N     . GLN A 1 159 ? -5.321  -1.299  2.275   1.00 30.28 ? 158 GLN A N     1 
ATOM   1333 C  CA    . GLN A 1 159 ? -6.436  -0.342  2.231   1.00 30.05 ? 158 GLN A CA    1 
ATOM   1334 C  C     . GLN A 1 159 ? -7.439  -0.827  1.176   1.00 29.55 ? 158 GLN A C     1 
ATOM   1335 O  O     . GLN A 1 159 ? -8.658  -0.849  1.357   1.00 28.74 ? 158 GLN A O     1 
ATOM   1336 C  CB    . GLN A 1 159 ? -5.900  1.053   1.881   1.00 31.10 ? 158 GLN A CB    1 
ATOM   1337 C  CG    . GLN A 1 159 ? -6.949  2.196   1.859   1.00 31.24 ? 158 GLN A CG    1 
ATOM   1338 C  CD    . GLN A 1 159 ? -7.452  2.498   3.235   1.00 31.83 ? 158 GLN A CD    1 
ATOM   1339 O  OE1   . GLN A 1 159 ? -8.593  2.184   3.557   1.00 32.85 ? 158 GLN A OE1   1 
ATOM   1340 N  NE2   . GLN A 1 159 ? -6.584  3.046   4.085   1.00 28.43 ? 158 GLN A NE2   1 
ATOM   1341 N  N     . ARG A 1 160 ? -6.873  -1.228  0.054   1.00 29.27 ? 159 ARG A N     1 
ATOM   1342 C  CA    . ARG A 1 160 ? -7.636  -1.791  -1.042  1.00 28.83 ? 159 ARG A CA    1 
ATOM   1343 C  C     . ARG A 1 160 ? -8.434  -2.986  -0.523  1.00 28.93 ? 159 ARG A C     1 
ATOM   1344 O  O     . ARG A 1 160 ? -9.624  -3.105  -0.786  1.00 29.90 ? 159 ARG A O     1 
ATOM   1345 C  CB    . ARG A 1 160 ? -6.675  -2.210  -2.160  1.00 28.75 ? 159 ARG A CB    1 
ATOM   1346 C  CG    . ARG A 1 160 ? -7.275  -3.022  -3.307  1.00 28.80 ? 159 ARG A CG    1 
ATOM   1347 C  CD    . ARG A 1 160 ? -6.158  -3.514  -4.228  1.00 30.74 ? 159 ARG A CD    1 
ATOM   1348 N  NE    . ARG A 1 160 ? -6.645  -4.099  -5.478  1.00 31.15 ? 159 ARG A NE    1 
ATOM   1349 C  CZ    . ARG A 1 160 ? -7.039  -5.350  -5.593  1.00 29.55 ? 159 ARG A CZ    1 
ATOM   1350 N  NH1   . ARG A 1 160 ? -7.042  -6.140  -4.548  1.00 30.89 ? 159 ARG A NH1   1 
ATOM   1351 N  NH2   . ARG A 1 160 ? -7.476  -5.783  -6.745  1.00 32.79 ? 159 ARG A NH2   1 
ATOM   1352 N  N     . ALA A 1 161 ? -7.794  -3.863  0.242   1.00 28.70 ? 160 ALA A N     1 
ATOM   1353 C  CA    . ALA A 1 161 ? -8.485  -5.065  0.770   1.00 28.73 ? 160 ALA A CA    1 
ATOM   1354 C  C     . ALA A 1 161 ? -9.711  -4.696  1.652   1.00 28.83 ? 160 ALA A C     1 
ATOM   1355 O  O     . ALA A 1 161 ? -10.770 -5.326  1.567   1.00 29.17 ? 160 ALA A O     1 
ATOM   1356 C  CB    . ALA A 1 161 ? -7.497  -5.954  1.516   1.00 26.91 ? 160 ALA A CB    1 
ATOM   1357 N  N     . LYS A 1 162 ? -9.570  -3.660  2.473   1.00 28.95 ? 161 LYS A N     1 
ATOM   1358 C  CA    . LYS A 1 162 ? -10.630 -3.265  3.408   1.00 29.10 ? 161 LYS A CA    1 
ATOM   1359 C  C     . LYS A 1 162 ? -11.738 -2.641  2.613   1.00 29.90 ? 161 LYS A C     1 
ATOM   1360 O  O     . LYS A 1 162 ? -12.926 -2.826  2.903   1.00 30.62 ? 161 LYS A O     1 
ATOM   1361 C  CB    . LYS A 1 162 ? -10.102 -2.280  4.492   1.00 29.24 ? 161 LYS A CB    1 
ATOM   1362 C  CG    . LYS A 1 162 ? -11.135 -1.520  5.386   1.00 28.30 ? 161 LYS A CG    1 
ATOM   1363 C  CD    . LYS A 1 162 ? -11.766 -2.308  6.569   1.00 29.51 ? 161 LYS A CD    1 
ATOM   1364 N  N     . LEU A 1 163 ? -11.365 -1.882  1.597   1.00 30.49 ? 162 LEU A N     1 
ATOM   1365 C  CA    . LEU A 1 163 ? -12.376 -1.154  0.853   1.00 30.54 ? 162 LEU A CA    1 
ATOM   1366 C  C     . LEU A 1 163 ? -13.207 -2.165  0.048   1.00 30.85 ? 162 LEU A C     1 
ATOM   1367 O  O     . LEU A 1 163 ? -14.448 -2.065  -0.027  1.00 31.74 ? 162 LEU A O     1 
ATOM   1368 C  CB    . LEU A 1 163 ? -11.742 -0.047  -0.002  1.00 30.61 ? 162 LEU A CB    1 
ATOM   1369 C  CG    . LEU A 1 163 ? -11.215 1.174   0.783   1.00 29.43 ? 162 LEU A CG    1 
ATOM   1370 C  CD1   . LEU A 1 163 ? -10.527 2.044   -0.158  1.00 27.57 ? 162 LEU A CD1   1 
ATOM   1371 C  CD2   . LEU A 1 163 ? -12.301 1.977   1.490   1.00 26.19 ? 162 LEU A CD2   1 
ATOM   1372 N  N     . LEU A 1 164 ? -12.528 -3.178  -0.484  1.00 30.29 ? 163 LEU A N     1 
ATOM   1373 C  CA    . LEU A 1 164 ? -13.191 -4.228  -1.240  1.00 30.01 ? 163 LEU A CA    1 
ATOM   1374 C  C     . LEU A 1 164 ? -14.098 -4.985  -0.307  1.00 30.27 ? 163 LEU A C     1 
ATOM   1375 O  O     . LEU A 1 164 ? -15.236 -5.286  -0.630  1.00 30.02 ? 163 LEU A O     1 
ATOM   1376 C  CB    . LEU A 1 164 ? -12.188 -5.192  -1.873  1.00 29.77 ? 163 LEU A CB    1 
ATOM   1377 C  CG    . LEU A 1 164 ? -11.533 -4.703  -3.163  1.00 30.24 ? 163 LEU A CG    1 
ATOM   1378 C  CD1   . LEU A 1 164 ? -10.352 -5.558  -3.499  1.00 27.32 ? 163 LEU A CD1   1 
ATOM   1379 C  CD2   . LEU A 1 164 ? -12.578 -4.688  -4.305  1.00 30.13 ? 163 LEU A CD2   1 
ATOM   1380 N  N     . GLU A 1 165 ? -13.587 -5.291  0.866   1.00 31.09 ? 164 GLU A N     1 
ATOM   1381 C  CA    . GLU A 1 165 ? -14.378 -6.057  1.843   1.00 31.72 ? 164 GLU A CA    1 
ATOM   1382 C  C     . GLU A 1 165 ? -15.609 -5.265  2.233   1.00 30.45 ? 164 GLU A C     1 
ATOM   1383 O  O     . GLU A 1 165 ? -16.658 -5.820  2.375   1.00 31.20 ? 164 GLU A O     1 
ATOM   1384 C  CB    . GLU A 1 165 ? -13.528 -6.444  3.059   1.00 32.60 ? 164 GLU A CB    1 
ATOM   1385 C  CG    . GLU A 1 165 ? -14.247 -7.300  4.083   1.00 36.16 ? 164 GLU A CG    1 
ATOM   1386 C  CD    . GLU A 1 165 ? -15.200 -6.485  4.984   1.00 40.87 ? 164 GLU A CD    1 
ATOM   1387 O  OE1   . GLU A 1 165 ? -14.990 -5.269  5.232   1.00 45.85 ? 164 GLU A OE1   1 
ATOM   1388 O  OE2   . GLU A 1 165 ? -16.180 -7.073  5.465   1.00 43.39 ? 164 GLU A OE2   1 
ATOM   1389 N  N     . GLN A 1 166 ? -15.499 -3.958  2.325   1.00 29.81 ? 165 GLN A N     1 
ATOM   1390 C  CA    . GLN A 1 166 ? -16.651 -3.133  2.663   1.00 29.88 ? 165 GLN A CA    1 
ATOM   1391 C  C     . GLN A 1 166 ? -17.518 -2.786  1.440   1.00 29.69 ? 165 GLN A C     1 
ATOM   1392 O  O     . GLN A 1 166 ? -18.472 -2.070  1.561   1.00 28.35 ? 165 GLN A O     1 
ATOM   1393 C  CB    . GLN A 1 166 ? -16.204 -1.813  3.288   1.00 30.25 ? 165 GLN A CB    1 
ATOM   1394 C  CG    . GLN A 1 166 ? -15.675 -1.919  4.699   1.00 32.92 ? 165 GLN A CG    1 
ATOM   1395 C  CD    . GLN A 1 166 ? -15.171 -0.580  5.234   1.00 35.48 ? 165 GLN A CD    1 
ATOM   1396 O  OE1   . GLN A 1 166 ? -14.393 0.156   4.572   1.00 33.59 ? 165 GLN A OE1   1 
ATOM   1397 N  NE2   . GLN A 1 166 ? -15.615 -0.255  6.451   1.00 33.96 ? 165 GLN A NE2   1 
ATOM   1398 N  N     . LYS A 1 167 ? -17.156 -3.281  0.270   1.00 30.11 ? 166 LYS A N     1 
ATOM   1399 C  CA    . LYS A 1 167 ? -17.827 -2.918  -0.979  1.00 30.72 ? 166 LYS A CA    1 
ATOM   1400 C  C     . LYS A 1 167 ? -17.757 -1.426  -1.295  1.00 30.49 ? 166 LYS A C     1 
ATOM   1401 O  O     . LYS A 1 167 ? -18.598 -0.940  -2.010  1.00 30.24 ? 166 LYS A O     1 
ATOM   1402 C  CB    . LYS A 1 167 ? -19.310 -3.279  -0.978  1.00 30.91 ? 166 LYS A CB    1 
ATOM   1403 C  CG    . LYS A 1 167 ? -19.655 -4.692  -0.604  1.00 33.52 ? 166 LYS A CG    1 
ATOM   1404 C  CD    . LYS A 1 167 ? -19.071 -5.727  -1.545  1.00 36.61 ? 166 LYS A CD    1 
ATOM   1405 C  CE    . LYS A 1 167 ? -19.382 -7.130  -1.012  1.00 38.15 ? 166 LYS A CE    1 
ATOM   1406 N  NZ    . LYS A 1 167 ? -20.802 -7.218  -0.528  1.00 37.79 ? 166 LYS A NZ    1 
ATOM   1407 N  N     . LYS A 1 168 ? -16.803 -0.689  -0.755  1.00 30.39 ? 167 LYS A N     1 
ATOM   1408 C  CA    . LYS A 1 168 ? -16.734 0.742   -1.060  1.00 30.21 ? 167 LYS A CA    1 
ATOM   1409 C  C     . LYS A 1 168 ? -16.036 0.968   -2.433  1.00 30.64 ? 167 LYS A C     1 
ATOM   1410 O  O     . LYS A 1 168 ? -16.171 2.024   -3.064  1.00 30.92 ? 167 LYS A O     1 
ATOM   1411 C  CB    . LYS A 1 168 ? -16.080 1.527   0.089   1.00 30.21 ? 167 LYS A CB    1 
ATOM   1412 C  CG    . LYS A 1 168 ? -16.922 1.614   1.386   1.00 30.39 ? 167 LYS A CG    1 
ATOM   1413 C  CD    . LYS A 1 168 ? -16.243 2.497   2.502   1.00 31.56 ? 167 LYS A CD    1 
ATOM   1414 C  CE    . LYS A 1 168 ? -17.067 2.610   3.825   1.00 29.20 ? 167 LYS A CE    1 
ATOM   1415 N  N     . ILE A 1 169 ? -15.288 -0.033  -2.884  1.00 30.06 ? 168 ILE A N     1 
ATOM   1416 C  CA    . ILE A 1 169 ? -14.765 -0.038  -4.244  1.00 29.86 ? 168 ILE A CA    1 
ATOM   1417 C  C     . ILE A 1 169 ? -15.041 -1.412  -4.883  1.00 29.96 ? 168 ILE A C     1 
ATOM   1418 O  O     . ILE A 1 169 ? -15.494 -2.359  -4.209  1.00 30.24 ? 168 ILE A O     1 
ATOM   1419 C  CB    . ILE A 1 169 ? -13.255 0.333   -4.317  1.00 29.91 ? 168 ILE A CB    1 
ATOM   1420 C  CG1   . ILE A 1 169 ? -12.351 -0.773  -3.743  1.00 29.59 ? 168 ILE A CG1   1 
ATOM   1421 C  CG2   . ILE A 1 169 ? -13.017 1.618   -3.566  1.00 30.15 ? 168 ILE A CG2   1 
ATOM   1422 C  CD1   . ILE A 1 169 ? -10.848 -0.379  -3.627  1.00 25.85 ? 168 ILE A CD1   1 
ATOM   1423 N  N     . ILE A 1 170 ? -14.766 -1.510  -6.178  1.00 29.79 ? 169 ILE A N     1 
ATOM   1424 C  CA    . ILE A 1 170 ? -15.151 -2.668  -7.005  1.00 29.50 ? 169 ILE A CA    1 
ATOM   1425 C  C     . ILE A 1 170 ? -13.945 -3.045  -7.825  1.00 30.05 ? 169 ILE A C     1 
ATOM   1426 O  O     . ILE A 1 170 ? -13.214 -2.175  -8.308  1.00 30.53 ? 169 ILE A O     1 
ATOM   1427 C  CB    . ILE A 1 170 ? -16.374 -2.314  -7.864  1.00 29.77 ? 169 ILE A CB    1 
ATOM   1428 C  CG1   . ILE A 1 170 ? -17.613 -2.447  -6.999  1.00 29.87 ? 169 ILE A CG1   1 
ATOM   1429 C  CG2   . ILE A 1 170 ? -16.579 -3.226  -9.071  1.00 29.36 ? 169 ILE A CG2   1 
ATOM   1430 C  CD1   . ILE A 1 170 ? -18.895 -2.046  -7.708  1.00 31.56 ? 169 ILE A CD1   1 
ATOM   1431 N  N     . ALA A 1 171 ? -13.674 -4.345  -7.924  1.00 30.37 ? 170 ALA A N     1 
ATOM   1432 C  CA    . ALA A 1 171 ? -12.480 -4.823  -8.653  1.00 29.95 ? 170 ALA A CA    1 
ATOM   1433 C  C     . ALA A 1 171 ? -12.841 -5.162  -10.096 1.00 29.72 ? 170 ALA A C     1 
ATOM   1434 O  O     . ALA A 1 171 ? -13.843 -5.773  -10.368 1.00 29.35 ? 170 ALA A O     1 
ATOM   1435 C  CB    . ALA A 1 171 ? -11.848 -6.006  -7.949  1.00 29.15 ? 170 ALA A CB    1 
ATOM   1436 N  N     . ARG A 1 172 ? -12.019 -4.705  -11.015 1.00 30.16 ? 171 ARG A N     1 
ATOM   1437 C  CA    . ARG A 1 172 ? -12.228 -4.974  -12.426 1.00 31.18 ? 171 ARG A CA    1 
ATOM   1438 C  C     . ARG A 1 172 ? -10.955 -4.889  -13.235 1.00 30.18 ? 171 ARG A C     1 
ATOM   1439 O  O     . ARG A 1 172 ? -10.076 -4.101  -12.948 1.00 29.61 ? 171 ARG A O     1 
ATOM   1440 C  CB    . ARG A 1 172 ? -13.187 -3.962  -13.052 1.00 31.99 ? 171 ARG A CB    1 
ATOM   1441 C  CG    . ARG A 1 172 ? -14.608 -3.988  -12.552 1.00 36.71 ? 171 ARG A CG    1 
ATOM   1442 C  CD    . ARG A 1 172 ? -15.481 -3.790  -13.778 1.00 41.41 ? 171 ARG A CD    1 
ATOM   1443 N  NE    . ARG A 1 172 ? -16.706 -3.005  -13.600 1.00 45.61 ? 171 ARG A NE    1 
ATOM   1444 C  CZ    . ARG A 1 172 ? -16.853 -1.730  -13.991 1.00 46.80 ? 171 ARG A CZ    1 
ATOM   1445 N  NH1   . ARG A 1 172 ? -15.856 -1.047  -14.559 1.00 46.97 ? 171 ARG A NH1   1 
ATOM   1446 N  NH2   . ARG A 1 172 ? -18.008 -1.124  -13.811 1.00 46.93 ? 171 ARG A NH2   1 
ATOM   1447 N  N     . GLU A 1 173 ? -10.914 -5.649  -14.310 1.00 29.76 ? 172 GLU A N     1 
ATOM   1448 C  CA    . GLU A 1 173 ? -9.774  -5.611  -15.189 1.00 29.97 ? 172 GLU A CA    1 
ATOM   1449 C  C     . GLU A 1 173 ? -9.757  -4.265  -15.922 1.00 29.13 ? 172 GLU A C     1 
ATOM   1450 O  O     . GLU A 1 173 ? -10.733 -3.898  -16.538 1.00 29.27 ? 172 GLU A O     1 
ATOM   1451 C  CB    . GLU A 1 173 ? -9.799  -6.802  -16.162 1.00 30.13 ? 172 GLU A CB    1 
ATOM   1452 C  CG    . GLU A 1 173 ? -8.599  -6.784  -17.040 1.00 33.01 ? 172 GLU A CG    1 
ATOM   1453 C  CD    . GLU A 1 173 ? -8.316  -8.091  -17.733 1.00 36.09 ? 172 GLU A CD    1 
ATOM   1454 O  OE1   . GLU A 1 173 ? -9.270  -8.844  -17.977 1.00 37.30 ? 172 GLU A OE1   1 
ATOM   1455 O  OE2   . GLU A 1 173 ? -7.123  -8.342  -18.058 1.00 38.13 ? 172 GLU A OE2   1 
ATOM   1456 N  N     . ILE A 1 174 ? -8.655  -3.531  -15.836 1.00 28.31 ? 173 ILE A N     1 
ATOM   1457 C  CA    . ILE A 1 174 ? -8.565  -2.213  -16.470 1.00 27.75 ? 173 ILE A CA    1 
ATOM   1458 C  C     . ILE A 1 174 ? -7.387  -2.110  -17.394 1.00 27.61 ? 173 ILE A C     1 
ATOM   1459 O  O     . ILE A 1 174 ? -6.252  -1.998  -16.972 1.00 27.87 ? 173 ILE A O     1 
ATOM   1460 C  CB    . ILE A 1 174 ? -8.399  -1.073  -15.443 1.00 27.52 ? 173 ILE A CB    1 
ATOM   1461 C  CG1   . ILE A 1 174 ? -9.578  -1.031  -14.467 1.00 28.36 ? 173 ILE A CG1   1 
ATOM   1462 C  CG2   . ILE A 1 174 ? -8.273  0.261   -16.153 1.00 26.06 ? 173 ILE A CG2   1 
ATOM   1463 C  CD1   . ILE A 1 174 ? -9.383  0.011   -13.314 1.00 28.43 ? 173 ILE A CD1   1 
ATOM   1464 N  N     . PHE A 1 175 ? -7.661  -2.131  -18.676 1.00 27.67 ? 174 PHE A N     1 
ATOM   1465 C  CA    . PHE A 1 175 ? -6.595  -1.969  -19.670 1.00 27.48 ? 174 PHE A CA    1 
ATOM   1466 C  C     . PHE A 1 175 ? -6.316  -0.519  -19.782 1.00 27.68 ? 174 PHE A C     1 
ATOM   1467 O  O     . PHE A 1 175 ? -7.168  0.291   -19.465 1.00 27.42 ? 174 PHE A O     1 
ATOM   1468 C  CB    . PHE A 1 175 ? -6.987  -2.510  -21.037 1.00 26.41 ? 174 PHE A CB    1 
ATOM   1469 C  CG    . PHE A 1 175 ? -7.137  -3.986  -21.064 1.00 27.23 ? 174 PHE A CG    1 
ATOM   1470 C  CD1   . PHE A 1 175 ? -8.340  -4.577  -20.741 1.00 28.28 ? 174 PHE A CD1   1 
ATOM   1471 C  CD2   . PHE A 1 175 ? -6.081  -4.799  -21.407 1.00 27.86 ? 174 PHE A CD2   1 
ATOM   1472 C  CE1   . PHE A 1 175 ? -8.474  -5.960  -20.746 1.00 29.30 ? 174 PHE A CE1   1 
ATOM   1473 C  CE2   . PHE A 1 175 ? -6.229  -6.183  -21.424 1.00 28.76 ? 174 PHE A CE2   1 
ATOM   1474 C  CZ    . PHE A 1 175 ? -7.416  -6.757  -21.077 1.00 27.69 ? 174 PHE A CZ    1 
ATOM   1475 N  N     . PHE A 1 176 ? -5.115  -0.199  -20.238 1.00 28.16 ? 175 PHE A N     1 
ATOM   1476 C  CA    . PHE A 1 176 ? -4.727  1.174   -20.422 1.00 28.33 ? 175 PHE A CA    1 
ATOM   1477 C  C     . PHE A 1 176 ? -5.702  1.910   -21.332 1.00 27.94 ? 175 PHE A C     1 
ATOM   1478 O  O     . PHE A 1 176 ? -6.025  3.092   -21.146 1.00 27.88 ? 175 PHE A O     1 
ATOM   1479 C  CB    . PHE A 1 176 ? -3.343  1.213   -21.008 1.00 29.09 ? 175 PHE A CB    1 
ATOM   1480 C  CG    . PHE A 1 176 ? -2.855  2.595   -21.241 1.00 31.65 ? 175 PHE A CG    1 
ATOM   1481 C  CD1   . PHE A 1 176 ? -2.727  3.474   -20.163 1.00 34.30 ? 175 PHE A CD1   1 
ATOM   1482 C  CD2   . PHE A 1 176 ? -2.560  3.038   -22.524 1.00 30.74 ? 175 PHE A CD2   1 
ATOM   1483 C  CE1   . PHE A 1 176 ? -2.291  4.774   -20.361 1.00 34.48 ? 175 PHE A CE1   1 
ATOM   1484 C  CE2   . PHE A 1 176 ? -2.119  4.317   -22.731 1.00 31.21 ? 175 PHE A CE2   1 
ATOM   1485 C  CZ    . PHE A 1 176 ? -1.976  5.192   -21.654 1.00 32.90 ? 175 PHE A CZ    1 
ATOM   1486 N  N     . GLU A 1 177 ? -6.211  1.184   -22.300 1.00 27.90 ? 176 GLU A N     1 
ATOM   1487 C  CA    . GLU A 1 177 ? -7.143  1.760   -23.254 1.00 28.30 ? 176 GLU A CA    1 
ATOM   1488 C  C     . GLU A 1 177 ? -8.438  2.177   -22.581 1.00 27.45 ? 176 GLU A C     1 
ATOM   1489 O  O     . GLU A 1 177 ? -9.242  2.948   -23.116 1.00 27.57 ? 176 GLU A O     1 
ATOM   1490 C  CB    . GLU A 1 177 ? -7.470  0.717   -24.303 1.00 29.34 ? 176 GLU A CB    1 
ATOM   1491 C  CG    . GLU A 1 177 ? -6.262  0.159   -24.980 1.00 32.81 ? 176 GLU A CG    1 
ATOM   1492 C  CD    . GLU A 1 177 ? -5.873  1.036   -26.121 1.00 38.67 ? 176 GLU A CD    1 
ATOM   1493 O  OE1   . GLU A 1 177 ? -6.204  2.256   -26.062 1.00 41.36 ? 176 GLU A OE1   1 
ATOM   1494 O  OE2   . GLU A 1 177 ? -5.282  0.505   -27.101 1.00 44.16 ? 176 GLU A OE2   1 
ATOM   1495 N  N     . ASP A 1 178 ? -8.650  1.613   -21.414 1.00 27.21 ? 177 ASP A N     1 
ATOM   1496 C  CA    . ASP A 1 178 ? -9.877  1.830   -20.652 1.00 27.30 ? 177 ASP A CA    1 
ATOM   1497 C  C     . ASP A 1 178 ? -9.884  3.158   -19.904 1.00 27.17 ? 177 ASP A C     1 
ATOM   1498 O  O     . ASP A 1 178 ? -10.925 3.574   -19.439 1.00 27.16 ? 177 ASP A O     1 
ATOM   1499 C  CB    . ASP A 1 178 ? -10.114 0.701   -19.634 1.00 26.87 ? 177 ASP A CB    1 
ATOM   1500 C  CG    . ASP A 1 178 ? -10.571 -0.602  -20.295 1.00 26.55 ? 177 ASP A CG    1 
ATOM   1501 O  OD1   . ASP A 1 178 ? -11.278 -0.569  -21.334 1.00 23.31 ? 177 ASP A OD1   1 
ATOM   1502 O  OD2   . ASP A 1 178 ? -10.247 -1.660  -19.732 1.00 24.49 ? 177 ASP A OD2   1 
ATOM   1503 N  N     . LEU A 1 179 ? -8.746  3.829   -19.798 1.00 27.22 ? 178 LEU A N     1 
ATOM   1504 C  CA    . LEU A 1 179 ? -8.714  5.033   -18.964 1.00 27.74 ? 178 LEU A CA    1 
ATOM   1505 C  C     . LEU A 1 179 ? -9.753  6.007   -19.505 1.00 27.99 ? 178 LEU A C     1 
ATOM   1506 O  O     . LEU A 1 179 ? -10.339 6.781   -18.775 1.00 28.24 ? 178 LEU A O     1 
ATOM   1507 C  CB    . LEU A 1 179 ? -7.318  5.666   -18.895 1.00 27.57 ? 178 LEU A CB    1 
ATOM   1508 C  CG    . LEU A 1 179 ? -6.306  4.878   -18.055 1.00 28.17 ? 178 LEU A CG    1 
ATOM   1509 C  CD1   . LEU A 1 179 ? -4.879  5.465   -18.112 1.00 27.06 ? 178 LEU A CD1   1 
ATOM   1510 C  CD2   . LEU A 1 179 ? -6.824  4.803   -16.632 1.00 25.03 ? 178 LEU A CD2   1 
ATOM   1511 N  N     . ALA A 1 180 ? -10.030 5.883   -20.790 1.00 28.16 ? 179 ALA A N     1 
ATOM   1512 C  CA    . ALA A 1 180 ? -10.979 6.744   -21.473 1.00 28.38 ? 179 ALA A CA    1 
ATOM   1513 C  C     . ALA A 1 180 ? -12.293 6.769   -20.706 1.00 29.08 ? 179 ALA A C     1 
ATOM   1514 O  O     . ALA A 1 180 ? -12.936 7.830   -20.563 1.00 28.75 ? 179 ALA A O     1 
ATOM   1515 C  CB    . ALA A 1 180 ? -11.228 6.232   -22.915 1.00 26.91 ? 179 ALA A CB    1 
ATOM   1516 N  N     . GLN A 1 181 ? -12.679 5.600   -20.211 1.00 30.00 ? 180 GLN A N     1 
ATOM   1517 C  CA    . GLN A 1 181 ? -13.975 5.298   -19.617 1.00 30.58 ? 180 GLN A CA    1 
ATOM   1518 C  C     . GLN A 1 181 ? -14.189 5.964   -18.279 1.00 29.76 ? 180 GLN A C     1 
ATOM   1519 O  O     . GLN A 1 181 ? -15.264 6.005   -17.809 1.00 29.81 ? 180 GLN A O     1 
ATOM   1520 C  CB    . GLN A 1 181 ? -14.068 3.816   -19.299 1.00 31.81 ? 180 GLN A CB    1 
ATOM   1521 C  CG    . GLN A 1 181 ? -14.387 2.815   -20.349 1.00 34.01 ? 180 GLN A CG    1 
ATOM   1522 C  CD    . GLN A 1 181 ? -14.506 1.426   -19.737 1.00 37.83 ? 180 GLN A CD    1 
ATOM   1523 O  OE1   . GLN A 1 181 ? -15.389 1.137   -18.944 1.00 38.03 ? 180 GLN A OE1   1 
ATOM   1524 N  NE2   . GLN A 1 181 ? -13.609 0.574   -20.098 1.00 37.42 ? 180 GLN A NE2   1 
ATOM   1525 N  N     . TYR A 1 182 ? -13.135 6.423   -17.650 1.00 29.67 ? 181 TYR A N     1 
ATOM   1526 C  CA    . TYR A 1 182 ? -13.166 6.928   -16.251 1.00 29.59 ? 181 TYR A CA    1 
ATOM   1527 C  C     . TYR A 1 182 ? -13.103 8.477   -16.105 1.00 29.67 ? 181 TYR A C     1 
ATOM   1528 O  O     . TYR A 1 182 ? -12.634 9.181   -16.985 1.00 30.62 ? 181 TYR A O     1 
ATOM   1529 C  CB    . TYR A 1 182 ? -12.108 6.209   -15.408 1.00 28.80 ? 181 TYR A CB    1 
ATOM   1530 C  CG    . TYR A 1 182 ? -12.355 4.727   -15.398 1.00 29.22 ? 181 TYR A CG    1 
ATOM   1531 C  CD1   . TYR A 1 182 ? -13.329 4.184   -14.587 1.00 31.69 ? 181 TYR A CD1   1 
ATOM   1532 C  CD2   . TYR A 1 182 ? -11.654 3.867   -16.225 1.00 31.25 ? 181 TYR A CD2   1 
ATOM   1533 C  CE1   . TYR A 1 182 ? -13.601 2.836   -14.593 1.00 30.80 ? 181 TYR A CE1   1 
ATOM   1534 C  CE2   . TYR A 1 182 ? -11.919 2.495   -16.236 1.00 30.92 ? 181 TYR A CE2   1 
ATOM   1535 C  CZ    . TYR A 1 182 ? -12.897 2.002   -15.417 1.00 31.03 ? 181 TYR A CZ    1 
ATOM   1536 O  OH    . TYR A 1 182 ? -13.185 0.676   -15.382 1.00 29.86 ? 181 TYR A OH    1 
ATOM   1537 N  N     . GLU A 1 183 ? -13.598 8.982   -14.979 1.00 29.17 ? 182 GLU A N     1 
ATOM   1538 C  CA    . GLU A 1 183 ? -13.800 10.400  -14.774 1.00 29.00 ? 182 GLU A CA    1 
ATOM   1539 C  C     . GLU A 1 183 ? -12.841 11.067  -13.823 1.00 28.76 ? 182 GLU A C     1 
ATOM   1540 O  O     . GLU A 1 183 ? -12.787 12.283  -13.750 1.00 28.63 ? 182 GLU A O     1 
ATOM   1541 C  CB    . GLU A 1 183 ? -15.191 10.595  -14.205 1.00 29.70 ? 182 GLU A CB    1 
ATOM   1542 C  CG    . GLU A 1 183 ? -16.292 9.993   -15.071 1.00 30.70 ? 182 GLU A CG    1 
ATOM   1543 C  CD    . GLU A 1 183 ? -17.652 10.208  -14.491 1.00 31.37 ? 182 GLU A CD    1 
ATOM   1544 O  OE1   . GLU A 1 183 ? -18.238 11.290  -14.681 1.00 33.22 ? 182 GLU A OE1   1 
ATOM   1545 O  OE2   . GLU A 1 183 ? -18.137 9.279   -13.833 1.00 34.31 ? 182 GLU A OE2   1 
ATOM   1546 N  N     . GLU A 1 184 ? -12.065 10.266  -13.113 1.00 28.79 ? 183 GLU A N     1 
ATOM   1547 C  CA    . GLU A 1 184 ? -11.227 10.766  -12.045 1.00 29.00 ? 183 GLU A CA    1 
ATOM   1548 C  C     . GLU A 1 184 ? -10.378 9.633   -11.534 1.00 29.57 ? 183 GLU A C     1 
ATOM   1549 O  O     . GLU A 1 184 ? -10.830 8.499   -11.548 1.00 29.95 ? 183 GLU A O     1 
ATOM   1550 C  CB    . GLU A 1 184 ? -12.108 11.276  -10.910 1.00 29.00 ? 183 GLU A CB    1 
ATOM   1551 C  CG    . GLU A 1 184 ? -11.339 11.935  -9.781  1.00 28.57 ? 183 GLU A CG    1 
ATOM   1552 C  CD    . GLU A 1 184 ? -12.209 12.412  -8.617  1.00 26.88 ? 183 GLU A CD    1 
ATOM   1553 O  OE1   . GLU A 1 184 ? -13.435 12.507  -8.743  1.00 27.37 ? 183 GLU A OE1   1 
ATOM   1554 O  OE2   . GLU A 1 184 ? -11.645 12.704  -7.546  1.00 27.71 ? 183 GLU A OE2   1 
ATOM   1555 N  N     . ILE A 1 185 ? -9.158  9.952   -11.100 1.00 29.42 ? 184 ILE A N     1 
ATOM   1556 C  CA    . ILE A 1 185 ? -8.191  8.984   -10.596 1.00 29.55 ? 184 ILE A CA    1 
ATOM   1557 C  C     . ILE A 1 185 ? -7.733  9.375   -9.208  1.00 30.99 ? 184 ILE A C     1 
ATOM   1558 O  O     . ILE A 1 185 ? -7.491  10.550  -8.938  1.00 31.95 ? 184 ILE A O     1 
ATOM   1559 C  CB    . ILE A 1 185 ? -6.877  8.949   -11.455 1.00 29.48 ? 184 ILE A CB    1 
ATOM   1560 C  CG1   . ILE A 1 185 ? -7.192  8.863   -12.960 1.00 28.80 ? 184 ILE A CG1   1 
ATOM   1561 C  CG2   . ILE A 1 185 ? -5.945  7.798   -10.985 1.00 25.74 ? 184 ILE A CG2   1 
ATOM   1562 C  CD1   . ILE A 1 185 ? -5.980  8.708   -13.825 1.00 26.86 ? 184 ILE A CD1   1 
ATOM   1563 N  N     . ARG A 1 186 ? -7.598  8.404   -8.319  1.00 32.15 ? 185 ARG A N     1 
ATOM   1564 C  CA    . ARG A 1 186 ? -7.057  8.691   -7.001  1.00 33.51 ? 185 ARG A CA    1 
ATOM   1565 C  C     . ARG A 1 186 ? -6.215  7.563   -6.487  1.00 33.44 ? 185 ARG A C     1 
ATOM   1566 O  O     . ARG A 1 186 ? -6.288  6.439   -6.993  1.00 34.12 ? 185 ARG A O     1 
ATOM   1567 C  CB    . ARG A 1 186 ? -8.150  8.958   -5.977  1.00 34.15 ? 185 ARG A CB    1 
ATOM   1568 C  CG    . ARG A 1 186 ? -8.751  10.317  -6.097  1.00 37.94 ? 185 ARG A CG    1 
ATOM   1569 C  CD    . ARG A 1 186 ? -9.588  10.590  -4.878  1.00 44.90 ? 185 ARG A CD    1 
ATOM   1570 N  NE    . ARG A 1 186 ? -10.772 11.388  -5.198  1.00 50.21 ? 185 ARG A NE    1 
ATOM   1571 C  CZ    . ARG A 1 186 ? -11.741 11.676  -4.323  1.00 52.65 ? 185 ARG A CZ    1 
ATOM   1572 N  NH1   . ARG A 1 186 ? -11.639 11.230  -3.069  1.00 54.28 ? 185 ARG A NH1   1 
ATOM   1573 N  NH2   . ARG A 1 186 ? -12.806 12.403  -4.704  1.00 51.96 ? 185 ARG A NH2   1 
ATOM   1574 N  N     . LEU A 1 187 ? -5.387  7.860   -5.506  1.00 33.07 ? 186 LEU A N     1 
ATOM   1575 C  CA    . LEU A 1 187 ? -4.655  6.838   -4.839  1.00 32.77 ? 186 LEU A CA    1 
ATOM   1576 C  C     . LEU A 1 187 ? -5.219  6.348   -3.524  1.00 31.69 ? 186 LEU A C     1 
ATOM   1577 O  O     . LEU A 1 187 ? -5.846  7.057   -2.821  1.00 30.80 ? 186 LEU A O     1 
ATOM   1578 C  CB    . LEU A 1 187 ? -3.169  7.152   -4.802  1.00 33.30 ? 186 LEU A CB    1 
ATOM   1579 C  CG    . LEU A 1 187 ? -2.481  8.044   -3.796  1.00 33.28 ? 186 LEU A CG    1 
ATOM   1580 C  CD1   . LEU A 1 187 ? -2.613  7.576   -2.427  1.00 32.55 ? 186 LEU A CD1   1 
ATOM   1581 C  CD2   . LEU A 1 187 ? -1.094  8.065   -4.171  1.00 33.40 ? 186 LEU A CD2   1 
ATOM   1582 N  N     . ILE A 1 188 ? -5.023  5.095   -3.230  1.00 31.07 ? 187 ILE A N     1 
ATOM   1583 C  CA    . ILE A 1 188 ? -5.375  4.576   -1.903  1.00 30.24 ? 187 ILE A CA    1 
ATOM   1584 C  C     . ILE A 1 188 ? -4.182  3.791   -1.314  1.00 30.44 ? 187 ILE A C     1 
ATOM   1585 O  O     . ILE A 1 188 ? -3.460  3.084   -2.025  1.00 30.15 ? 187 ILE A O     1 
ATOM   1586 C  CB    . ILE A 1 188 ? -6.615  3.635   -1.912  1.00 29.63 ? 187 ILE A CB    1 
ATOM   1587 C  CG1   . ILE A 1 188 ? -6.406  2.491   -2.896  1.00 28.72 ? 187 ILE A CG1   1 
ATOM   1588 C  CG2   . ILE A 1 188 ? -7.916  4.361   -2.180  1.00 27.42 ? 187 ILE A CG2   1 
ATOM   1589 C  CD1   . ILE A 1 188 ? -7.501  1.393   -2.731  1.00 26.40 ? 187 ILE A CD1   1 
ATOM   1590 N  N     . ASN A 1 189 ? -3.953  3.954   -0.021  1.00 29.84 ? 188 ASN A N     1 
ATOM   1591 C  CA    . ASN A 1 189 ? -3.002  3.098   0.651   1.00 30.35 ? 188 ASN A CA    1 
ATOM   1592 C  C     . ASN A 1 189 ? -3.232  3.230   2.146   1.00 30.83 ? 188 ASN A C     1 
ATOM   1593 O  O     . ASN A 1 189 ? -4.232  3.858   2.569   1.00 31.61 ? 188 ASN A O     1 
ATOM   1594 C  CB    . ASN A 1 189 ? -1.537  3.368   0.243   1.00 30.20 ? 188 ASN A CB    1 
ATOM   1595 C  CG    . ASN A 1 189 ? -1.075  4.777   0.587   1.00 29.00 ? 188 ASN A CG    1 
ATOM   1596 O  OD1   . ASN A 1 189 ? -1.699  5.485   1.386   1.00 25.01 ? 188 ASN A OD1   1 
ATOM   1597 N  ND2   . ASN A 1 189 ? 0.032   5.174   0.007   1.00 26.52 ? 188 ASN A ND2   1 
ATOM   1598 N  N     . ALA A 1 190 ? -2.351  2.627   2.946   1.00 30.43 ? 189 ALA A N     1 
ATOM   1599 C  CA    . ALA A 1 190 ? -2.574  2.626   4.414   1.00 30.32 ? 189 ALA A CA    1 
ATOM   1600 C  C     . ALA A 1 190 ? -2.786  4.060   4.926   1.00 29.79 ? 189 ALA A C     1 
ATOM   1601 O  O     . ALA A 1 190 ? -3.587  4.277   5.857   1.00 30.24 ? 189 ALA A O     1 
ATOM   1602 C  CB    . ALA A 1 190 ? -1.431  1.936   5.162   1.00 29.20 ? 189 ALA A CB    1 
HETATM 1603 N  N     . MSE A 1 191 ? -2.114  5.032   4.291   1.00 29.17 ? 190 MSE A N     1 
HETATM 1604 C  CA    . MSE A 1 191 ? -2.131  6.437   4.769   1.00 29.00 ? 190 MSE A CA    1 
HETATM 1605 C  C     . MSE A 1 191 ? -3.154  7.292   4.043   1.00 29.34 ? 190 MSE A C     1 
HETATM 1606 O  O     . MSE A 1 191 ? -3.307  8.440   4.379   1.00 29.90 ? 190 MSE A O     1 
HETATM 1607 C  CB    . MSE A 1 191 ? -0.761  7.110   4.588   1.00 28.64 ? 190 MSE A CB    1 
HETATM 1608 C  CG    . MSE A 1 191 ? 0.413   6.364   5.210   1.00 27.74 ? 190 MSE A CG    1 
HETATM 1609 SE SE    . MSE A 1 191 ? 0.205   6.129   7.122   0.75 24.92 ? 190 MSE A SE    1 
HETATM 1610 C  CE    . MSE A 1 191 ? 0.110   7.965   7.679   1.00 24.18 ? 190 MSE A CE    1 
ATOM   1611 N  N     . ASN A 1 192 ? -3.801  6.734   3.024   1.00 29.73 ? 191 ASN A N     1 
ATOM   1612 C  CA    . ASN A 1 192 ? -4.743  7.450   2.184   1.00 30.05 ? 191 ASN A CA    1 
ATOM   1613 C  C     . ASN A 1 192 ? -5.989  6.636   1.931   1.00 31.24 ? 191 ASN A C     1 
ATOM   1614 O  O     . ASN A 1 192 ? -6.044  5.787   1.069   1.00 30.92 ? 191 ASN A O     1 
ATOM   1615 C  CB    . ASN A 1 192 ? -4.147  7.790   0.834   1.00 30.22 ? 191 ASN A CB    1 
ATOM   1616 C  CG    . ASN A 1 192 ? -2.995  8.737   0.916   1.00 29.65 ? 191 ASN A CG    1 
ATOM   1617 O  OD1   . ASN A 1 192 ? -3.155  9.927   0.672   1.00 32.68 ? 191 ASN A OD1   1 
ATOM   1618 N  ND2   . ASN A 1 192 ? -1.824  8.227   1.255   1.00 28.93 ? 191 ASN A ND2   1 
ATOM   1619 N  N     . GLY A 1 193 ? -6.994  6.917   2.733   1.00 33.24 ? 192 GLY A N     1 
ATOM   1620 C  CA    . GLY A 1 193 ? -8.256  6.256   2.639   1.00 34.58 ? 192 GLY A CA    1 
ATOM   1621 C  C     . GLY A 1 193 ? -9.129  6.905   1.603   1.00 35.94 ? 192 GLY A C     1 
ATOM   1622 O  O     . GLY A 1 193 ? -8.702  7.768   0.827   1.00 35.88 ? 192 GLY A O     1 
ATOM   1623 N  N     . LEU A 1 194 ? -10.373 6.477   1.607   1.00 37.67 ? 193 LEU A N     1 
ATOM   1624 C  CA    . LEU A 1 194 ? -11.302 6.932   0.614   1.00 39.31 ? 193 LEU A CA    1 
ATOM   1625 C  C     . LEU A 1 194 ? -12.098 8.060   1.227   1.00 40.12 ? 193 LEU A C     1 
ATOM   1626 O  O     . LEU A 1 194 ? -11.870 8.552   2.328   1.00 40.70 ? 193 LEU A O     1 
ATOM   1627 C  CB    . LEU A 1 194 ? -12.198 5.773   0.177   1.00 39.67 ? 193 LEU A CB    1 
ATOM   1628 C  CG    . LEU A 1 194 ? -13.268 6.037   -0.876  1.00 40.65 ? 193 LEU A CG    1 
ATOM   1629 C  CD1   . LEU A 1 194 ? -12.629 6.381   -2.185  1.00 41.16 ? 193 LEU A CD1   1 
ATOM   1630 C  CD2   . LEU A 1 194 ? -14.172 4.820   -1.018  1.00 40.43 ? 193 LEU A CD2   1 
ATOM   1631 O  OXT   . LEU A 1 194 ? -13.008 8.538   0.597   1.00 41.64 ? 193 LEU A OXT   1 
HETATM 1632 S  S     . SO4 B 2 .   ? 16.179  -13.044 6.683   1.00 27.40 ? 194 SO4 A S     1 
HETATM 1633 O  O1    . SO4 B 2 .   ? 15.285  -13.636 7.695   1.00 25.49 ? 194 SO4 A O1    1 
HETATM 1634 O  O2    . SO4 B 2 .   ? 16.680  -14.053 5.787   1.00 25.65 ? 194 SO4 A O2    1 
HETATM 1635 O  O3    . SO4 B 2 .   ? 15.562  -12.073 5.789   1.00 22.91 ? 194 SO4 A O3    1 
HETATM 1636 O  O4    . SO4 B 2 .   ? 17.240  -12.405 7.437   1.00 27.50 ? 194 SO4 A O4    1 
HETATM 1637 S  S     . SO4 C 2 .   ? -9.188  -4.367  12.060  1.00 70.92 ? 195 SO4 A S     1 
HETATM 1638 O  O1    . SO4 C 2 .   ? -10.363 -5.099  12.564  1.00 70.78 ? 195 SO4 A O1    1 
HETATM 1639 O  O2    . SO4 C 2 .   ? -9.389  -2.902  12.184  1.00 71.72 ? 195 SO4 A O2    1 
HETATM 1640 O  O3    . SO4 C 2 .   ? -8.919  -4.742  10.664  1.00 69.23 ? 195 SO4 A O3    1 
HETATM 1641 O  O4    . SO4 C 2 .   ? -8.029  -4.751  12.876  1.00 71.95 ? 195 SO4 A O4    1 
HETATM 1642 S  S     . SO4 D 2 .   ? -6.192  15.272  21.597  1.00 87.16 ? 196 SO4 A S     1 
HETATM 1643 O  O1    . SO4 D 2 .   ? -6.833  13.999  21.951  1.00 86.52 ? 196 SO4 A O1    1 
HETATM 1644 O  O2    . SO4 D 2 .   ? -7.207  16.204  21.105  1.00 88.08 ? 196 SO4 A O2    1 
HETATM 1645 O  O3    . SO4 D 2 .   ? -5.229  15.162  20.492  1.00 88.17 ? 196 SO4 A O3    1 
HETATM 1646 O  O4    . SO4 D 2 .   ? -5.506  15.788  22.779  1.00 86.60 ? 196 SO4 A O4    1 
HETATM 1647 S  S     . SO4 E 2 .   ? 10.161  -2.999  -19.413 1.00 91.19 ? 197 SO4 A S     1 
HETATM 1648 O  O1    . SO4 E 2 .   ? 10.012  -3.391  -18.011 1.00 91.61 ? 197 SO4 A O1    1 
HETATM 1649 O  O2    . SO4 E 2 .   ? 8.912   -2.451  -19.961 1.00 90.64 ? 197 SO4 A O2    1 
HETATM 1650 O  O3    . SO4 E 2 .   ? 10.514  -4.237  -20.139 1.00 91.46 ? 197 SO4 A O3    1 
HETATM 1651 O  O4    . SO4 E 2 .   ? 11.179  -1.947  -19.495 1.00 89.39 ? 197 SO4 A O4    1 
HETATM 1652 S  S     . SO4 F 2 .   ? 12.426  4.107   0.132   1.00 70.40 ? 198 SO4 A S     1 
HETATM 1653 O  O1    . SO4 F 2 .   ? 11.640  3.362   1.140   1.00 69.10 ? 198 SO4 A O1    1 
HETATM 1654 O  O2    . SO4 F 2 .   ? 11.442  4.406   -0.963  1.00 71.02 ? 198 SO4 A O2    1 
HETATM 1655 O  O3    . SO4 F 2 .   ? 13.042  5.280   0.742   1.00 69.60 ? 198 SO4 A O3    1 
HETATM 1656 O  O4    . SO4 F 2 .   ? 13.575  3.395   -0.435  1.00 66.78 ? 198 SO4 A O4    1 
HETATM 1657 C  C1    . GOL G 3 .   ? -5.548  11.962  -0.668  1.00 61.06 ? 199 GOL A C1    1 
HETATM 1658 O  O1    . GOL G 3 .   ? -6.076  10.932  0.125   1.00 61.14 ? 199 GOL A O1    1 
HETATM 1659 C  C2    . GOL G 3 .   ? -6.152  11.976  -2.078  1.00 60.67 ? 199 GOL A C2    1 
HETATM 1660 O  O2    . GOL G 3 .   ? -5.594  13.139  -2.695  1.00 60.41 ? 199 GOL A O2    1 
HETATM 1661 C  C3    . GOL G 3 .   ? -5.890  10.619  -2.805  1.00 59.24 ? 199 GOL A C3    1 
HETATM 1662 O  O3    . GOL G 3 .   ? -5.622  10.685  -4.213  1.00 55.52 ? 199 GOL A O3    1 
HETATM 1663 O  O     . HOH H 4 .   ? 1.916   7.347   1.865   1.00 17.84 ? 200 HOH A O     1 
HETATM 1664 O  O     . HOH H 4 .   ? -4.048  -0.615  -8.022  1.00 18.15 ? 201 HOH A O     1 
HETATM 1665 O  O     . HOH H 4 .   ? 7.373   -7.066  20.963  1.00 18.73 ? 202 HOH A O     1 
HETATM 1666 O  O     . HOH H 4 .   ? 6.435   3.824   5.230   1.00 19.14 ? 203 HOH A O     1 
HETATM 1667 O  O     . HOH H 4 .   ? 13.473  -6.136  -0.296  1.00 20.10 ? 204 HOH A O     1 
HETATM 1668 O  O     . HOH H 4 .   ? 3.983   -7.701  1.727   1.00 20.20 ? 205 HOH A O     1 
HETATM 1669 O  O     . HOH H 4 .   ? 4.652   -6.879  4.330   1.00 20.64 ? 206 HOH A O     1 
HETATM 1670 O  O     . HOH H 4 .   ? 4.712   4.472   24.824  1.00 21.11 ? 207 HOH A O     1 
HETATM 1671 O  O     . HOH H 4 .   ? -4.377  -0.139  -1.064  1.00 22.06 ? 208 HOH A O     1 
HETATM 1672 O  O     . HOH H 4 .   ? -4.985  -0.190  5.470   1.00 22.48 ? 209 HOH A O     1 
HETATM 1673 O  O     . HOH H 4 .   ? -4.756  2.239   6.896   1.00 22.97 ? 210 HOH A O     1 
HETATM 1674 O  O     . HOH H 4 .   ? -5.955  -5.851  -1.708  1.00 23.08 ? 211 HOH A O     1 
HETATM 1675 O  O     . HOH H 4 .   ? -6.105  -2.450  -7.628  1.00 23.25 ? 212 HOH A O     1 
HETATM 1676 O  O     . HOH H 4 .   ? -7.518  3.271   7.101   1.00 23.43 ? 213 HOH A O     1 
HETATM 1677 O  O     . HOH H 4 .   ? 11.588  -1.153  16.977  1.00 23.56 ? 214 HOH A O     1 
HETATM 1678 O  O     . HOH H 4 .   ? -3.152  1.010   8.606   1.00 23.69 ? 215 HOH A O     1 
HETATM 1679 O  O     . HOH H 4 .   ? 4.541   -10.278 19.123  1.00 23.93 ? 216 HOH A O     1 
HETATM 1680 O  O     . HOH H 4 .   ? 3.290   2.712   28.343  1.00 24.30 ? 217 HOH A O     1 
HETATM 1681 O  O     . HOH H 4 .   ? 14.687  1.205   -1.752  1.00 24.84 ? 218 HOH A O     1 
HETATM 1682 O  O     . HOH H 4 .   ? -0.037  -8.779  -3.400  1.00 25.94 ? 219 HOH A O     1 
HETATM 1683 O  O     . HOH H 4 .   ? -2.131  -8.461  14.923  1.00 26.83 ? 220 HOH A O     1 
HETATM 1684 O  O     . HOH H 4 .   ? 10.989  0.576   10.372  1.00 27.05 ? 221 HOH A O     1 
HETATM 1685 O  O     . HOH H 4 .   ? 7.823   5.821   -4.275  1.00 27.44 ? 222 HOH A O     1 
HETATM 1686 O  O     . HOH H 4 .   ? 10.821  -6.037  -10.234 1.00 27.62 ? 223 HOH A O     1 
HETATM 1687 O  O     . HOH H 4 .   ? -11.580 -2.734  -22.810 1.00 27.71 ? 224 HOH A O     1 
HETATM 1688 O  O     . HOH H 4 .   ? -3.520  -7.545  1.398   1.00 28.10 ? 225 HOH A O     1 
HETATM 1689 O  O     . HOH H 4 .   ? 5.013   9.493   -4.053  1.00 28.32 ? 226 HOH A O     1 
HETATM 1690 O  O     . HOH H 4 .   ? -9.664  -0.251  11.622  1.00 28.36 ? 227 HOH A O     1 
HETATM 1691 O  O     . HOH H 4 .   ? 14.268  -2.341  5.552   1.00 28.50 ? 228 HOH A O     1 
HETATM 1692 O  O     . HOH H 4 .   ? 5.294   10.624  7.805   1.00 28.62 ? 229 HOH A O     1 
HETATM 1693 O  O     . HOH H 4 .   ? -4.840  -7.541  3.651   1.00 28.64 ? 230 HOH A O     1 
HETATM 1694 O  O     . HOH H 4 .   ? -6.011  12.725  -12.931 1.00 28.99 ? 231 HOH A O     1 
HETATM 1695 O  O     . HOH H 4 .   ? 1.507   2.510   2.335   1.00 30.11 ? 232 HOH A O     1 
HETATM 1696 O  O     . HOH H 4 .   ? 5.016   12.062  5.080   1.00 30.63 ? 233 HOH A O     1 
HETATM 1697 O  O     . HOH H 4 .   ? 12.129  8.726   -7.115  1.00 30.75 ? 234 HOH A O     1 
HETATM 1698 O  O     . HOH H 4 .   ? 0.738   -0.514  4.399   1.00 30.78 ? 235 HOH A O     1 
HETATM 1699 O  O     . HOH H 4 .   ? -2.447  0.779   23.631  1.00 30.85 ? 236 HOH A O     1 
HETATM 1700 O  O     . HOH H 4 .   ? 7.300   4.927   -19.482 1.00 31.41 ? 237 HOH A O     1 
HETATM 1701 O  O     . HOH H 4 .   ? 12.990  -20.109 2.863   1.00 31.53 ? 238 HOH A O     1 
HETATM 1702 O  O     . HOH H 4 .   ? -4.767  -8.010  14.259  1.00 31.60 ? 239 HOH A O     1 
HETATM 1703 O  O     . HOH H 4 .   ? 12.285  0.834   1.813   1.00 31.68 ? 240 HOH A O     1 
HETATM 1704 O  O     . HOH H 4 .   ? 15.850  4.245   -4.575  1.00 31.77 ? 241 HOH A O     1 
HETATM 1705 O  O     . HOH H 4 .   ? 3.816   -7.571  -8.880  1.00 31.81 ? 242 HOH A O     1 
HETATM 1706 O  O     . HOH H 4 .   ? -3.150  2.955   25.111  1.00 32.04 ? 243 HOH A O     1 
HETATM 1707 O  O     . HOH H 4 .   ? 0.189   -6.559  -15.411 1.00 32.10 ? 244 HOH A O     1 
HETATM 1708 O  O     . HOH H 4 .   ? 3.046   13.568  5.452   1.00 32.43 ? 245 HOH A O     1 
HETATM 1709 O  O     . HOH H 4 .   ? -8.900  13.970  -7.387  1.00 32.69 ? 246 HOH A O     1 
HETATM 1710 O  O     . HOH H 4 .   ? 13.967  -2.524  -6.970  1.00 32.74 ? 247 HOH A O     1 
HETATM 1711 O  O     . HOH H 4 .   ? -8.298  12.839  -11.879 1.00 33.03 ? 248 HOH A O     1 
HETATM 1712 O  O     . HOH H 4 .   ? 11.062  -7.673  -6.778  1.00 33.64 ? 249 HOH A O     1 
HETATM 1713 O  O     . HOH H 4 .   ? -10.777 -7.816  0.582   1.00 33.86 ? 250 HOH A O     1 
HETATM 1714 O  O     . HOH H 4 .   ? -14.888 -6.424  -6.471  1.00 34.29 ? 251 HOH A O     1 
HETATM 1715 O  O     . HOH H 4 .   ? 0.883   9.825   1.427   1.00 34.40 ? 252 HOH A O     1 
HETATM 1716 O  O     . HOH H 4 .   ? -2.598  5.700   25.215  1.00 34.72 ? 253 HOH A O     1 
HETATM 1717 O  O     . HOH H 4 .   ? -13.020 -7.610  -14.858 1.00 34.88 ? 254 HOH A O     1 
HETATM 1718 O  O     . HOH H 4 .   ? 3.764   16.502  -16.438 1.00 35.09 ? 255 HOH A O     1 
HETATM 1719 O  O     . HOH H 4 .   ? -17.756 2.628   -5.172  1.00 35.52 ? 256 HOH A O     1 
HETATM 1720 O  O     . HOH H 4 .   ? -5.493  -10.699 13.324  1.00 35.53 ? 257 HOH A O     1 
HETATM 1721 O  O     . HOH H 4 .   ? -12.028 -0.904  -17.464 1.00 35.90 ? 258 HOH A O     1 
HETATM 1722 O  O     . HOH H 4 .   ? -7.177  8.837   5.229   1.00 36.16 ? 259 HOH A O     1 
HETATM 1723 O  O     . HOH H 4 .   ? -11.032 4.515   3.505   1.00 36.18 ? 260 HOH A O     1 
HETATM 1724 O  O     . HOH H 4 .   ? -7.027  -1.662  13.356  1.00 37.18 ? 261 HOH A O     1 
HETATM 1725 O  O     . HOH H 4 .   ? 12.181  -3.536  -15.397 1.00 37.56 ? 262 HOH A O     1 
HETATM 1726 O  O     . HOH H 4 .   ? -0.912  14.932  11.748  1.00 37.80 ? 263 HOH A O     1 
HETATM 1727 O  O     . HOH H 4 .   ? -4.477  -13.253 9.516   1.00 38.23 ? 264 HOH A O     1 
HETATM 1728 O  O     . HOH H 4 .   ? 15.712  0.331   -11.112 1.00 38.27 ? 265 HOH A O     1 
HETATM 1729 O  O     . HOH H 4 .   ? -5.375  -11.147 10.838  1.00 38.76 ? 266 HOH A O     1 
HETATM 1730 O  O     . HOH H 4 .   ? -0.067  -9.317  -6.078  1.00 40.68 ? 267 HOH A O     1 
HETATM 1731 O  O     . HOH H 4 .   ? 4.077   -8.287  23.397  1.00 41.06 ? 268 HOH A O     1 
HETATM 1732 O  O     . HOH H 4 .   ? -2.516  -9.797  1.055   1.00 41.54 ? 269 HOH A O     1 
HETATM 1733 O  O     . HOH H 4 .   ? -16.167 -4.988  -3.677  1.00 41.58 ? 270 HOH A O     1 
HETATM 1734 O  O     . HOH H 4 .   ? 12.156  -23.951 10.311  1.00 41.74 ? 271 HOH A O     1 
HETATM 1735 O  O     . HOH H 4 .   ? 16.416  -7.992  18.050  1.00 42.76 ? 272 HOH A O     1 
HETATM 1736 O  O     . HOH H 4 .   ? -6.625  -5.122  -14.106 1.00 43.58 ? 273 HOH A O     1 
HETATM 1737 O  O     . HOH H 4 .   ? 0.252   -4.643  23.359  1.00 43.86 ? 274 HOH A O     1 
HETATM 1738 O  O     . HOH H 4 .   ? 7.960   -10.972 -17.085 1.00 43.88 ? 275 HOH A O     1 
HETATM 1739 O  O     . HOH H 4 .   ? -1.599  12.181  17.257  1.00 44.70 ? 276 HOH A O     1 
HETATM 1740 O  O     . HOH H 4 .   ? -7.821  -9.109  -4.795  1.00 44.79 ? 277 HOH A O     1 
HETATM 1741 O  O     . HOH H 4 .   ? 8.876   15.404  -10.962 1.00 44.96 ? 278 HOH A O     1 
HETATM 1742 O  O     . HOH H 4 .   ? -4.187  9.179   16.201  1.00 44.98 ? 279 HOH A O     1 
HETATM 1743 O  O     . HOH H 4 .   ? 1.190   17.766  3.644   1.00 45.11 ? 280 HOH A O     1 
HETATM 1744 O  O     . HOH H 4 .   ? 3.852   -12.892 -8.281  1.00 45.80 ? 281 HOH A O     1 
HETATM 1745 O  O     . HOH H 4 .   ? -17.844 8.002   -7.038  1.00 45.90 ? 282 HOH A O     1 
HETATM 1746 O  O     . HOH H 4 .   ? 21.046  -4.476  7.812   1.00 46.55 ? 283 HOH A O     1 
HETATM 1747 O  O     . HOH H 4 .   ? -9.326  -8.542  -7.471  1.00 48.22 ? 284 HOH A O     1 
# 
loop_
_pdbx_poly_seq_scheme.asym_id 
_pdbx_poly_seq_scheme.entity_id 
_pdbx_poly_seq_scheme.seq_id 
_pdbx_poly_seq_scheme.mon_id 
_pdbx_poly_seq_scheme.ndb_seq_num 
_pdbx_poly_seq_scheme.pdb_seq_num 
_pdbx_poly_seq_scheme.auth_seq_num 
_pdbx_poly_seq_scheme.pdb_mon_id 
_pdbx_poly_seq_scheme.auth_mon_id 
_pdbx_poly_seq_scheme.pdb_strand_id 
_pdbx_poly_seq_scheme.pdb_ins_code 
_pdbx_poly_seq_scheme.hetero 
A 1 1   GLY 1   0   0   GLY GLY A . n 
A 1 2   MSE 2   1   1   MSE MSE A . n 
A 1 3   TRP 3   2   2   TRP TRP A . n 
A 1 4   GLN 4   3   3   GLN GLN A . n 
A 1 5   PHE 5   4   4   PHE PHE A . n 
A 1 6   PRO 6   5   5   PRO PRO A . n 
A 1 7   LEU 7   6   6   LEU LEU A . n 
A 1 8   PHE 8   7   7   PHE PHE A . n 
A 1 9   GLU 9   8   8   GLU GLU A . n 
A 1 10  THR 10  9   9   THR THR A . n 
A 1 11  ILE 11  10  10  ILE ILE A . n 
A 1 12  LEU 12  11  11  LEU LEU A . n 
A 1 13  ILE 13  12  12  ILE ILE A . n 
A 1 14  GLU 14  13  13  GLU GLU A . n 
A 1 15  GLN 15  14  14  GLN GLN A . n 
A 1 16  GLY 16  15  15  GLY GLY A . n 
A 1 17  GLN 17  16  16  GLN GLN A . n 
A 1 18  ALA 18  17  17  ALA ALA A . n 
A 1 19  LYS 19  18  18  LYS LYS A . n 
A 1 20  ASN 20  19  19  ASN ASN A . n 
A 1 21  ILE 21  20  20  ILE ILE A . n 
A 1 22  SER 22  21  21  SER SER A . n 
A 1 23  TYR 23  22  22  TYR TYR A . n 
A 1 24  HIS 24  23  23  HIS HIS A . n 
A 1 25  GLN 25  24  24  GLN GLN A . n 
A 1 26  GLN 26  25  25  GLN GLN A . n 
A 1 27  ARG 27  26  26  ARG ARG A . n 
A 1 28  TYR 28  27  27  TYR TYR A . n 
A 1 29  GLU 29  28  28  GLU GLU A . n 
A 1 30  LYS 30  29  29  LYS LYS A . n 
A 1 31  SER 31  30  30  SER SER A . n 
A 1 32  LEU 32  31  31  LEU LEU A . n 
A 1 33  LEU 33  32  32  LEU LEU A . n 
A 1 34  LYS 34  33  33  LYS LYS A . n 
A 1 35  PHE 35  34  34  PHE PHE A . n 
A 1 36  TYR 36  35  35  TYR TYR A . n 
A 1 37  PRO 37  36  36  PRO PRO A . n 
A 1 38  LYS 38  37  37  LYS LYS A . n 
A 1 39  MSE 39  38  38  MSE MSE A . n 
A 1 40  LYS 40  39  39  LYS LYS A . n 
A 1 41  LEU 41  40  40  LEU LEU A . n 
A 1 42  GLN 42  41  41  GLN GLN A . n 
A 1 43  PRO 43  42  42  PRO PRO A . n 
A 1 44  PHE 44  43  43  PHE PHE A . n 
A 1 45  ASP 45  44  44  ASP ASP A . n 
A 1 46  LEU 46  45  45  LEU LEU A . n 
A 1 47  ALA 47  46  46  ALA ALA A . n 
A 1 48  LYS 48  47  47  LYS LYS A . n 
A 1 49  ILE 49  48  48  ILE ILE A . n 
A 1 50  ILE 50  49  49  ILE ILE A . n 
A 1 51  ALA 51  50  50  ALA ALA A . n 
A 1 52  LYS 52  51  51  LYS LYS A . n 
A 1 53  HIS 53  52  52  HIS HIS A . n 
A 1 54  THR 54  53  53  THR THR A . n 
A 1 55  ALA 55  54  54  ALA ALA A . n 
A 1 56  LEU 56  55  55  LEU LEU A . n 
A 1 57  PHE 57  56  56  PHE PHE A . n 
A 1 58  THR 58  57  57  THR THR A . n 
A 1 59  HIS 59  58  58  HIS HIS A . n 
A 1 60  ARG 60  59  59  ARG ARG A . n 
A 1 61  GLU 61  60  60  GLU GLU A . n 
A 1 62  GLY 62  61  61  GLY GLY A . n 
A 1 63  LEU 63  62  62  LEU LEU A . n 
A 1 64  ILE 64  63  63  ILE ILE A . n 
A 1 65  ARG 65  64  64  ARG ARG A . n 
A 1 66  CYS 66  65  65  CYS CYS A . n 
A 1 67  ARG 67  66  66  ARG ARG A . n 
A 1 68  ILE 68  67  67  ILE ILE A . n 
A 1 69  ASP 69  68  68  ASP ASP A . n 
A 1 70  TYR 70  69  69  TYR TYR A . n 
A 1 71  ASN 71  70  70  ASN ASN A . n 
A 1 72  HIS 72  71  71  HIS HIS A . n 
A 1 73  HIS 73  72  72  HIS HIS A . n 
A 1 74  ASP 74  73  73  ASP ASP A . n 
A 1 75  TYR 75  74  74  TYR TYR A . n 
A 1 76  VAL 76  75  75  VAL VAL A . n 
A 1 77  LEU 77  76  76  LEU LEU A . n 
A 1 78  GLN 78  77  77  GLN GLN A . n 
A 1 79  CYS 79  78  78  CYS CYS A . n 
A 1 80  PHE 80  79  79  PHE PHE A . n 
A 1 81  PRO 81  80  80  PRO PRO A . n 
A 1 82  TYR 82  81  81  TYR TYR A . n 
A 1 83  GLN 83  82  82  GLN GLN A . n 
A 1 84  GLN 84  83  83  GLN GLN A . n 
A 1 85  LYS 85  84  84  LYS LYS A . n 
A 1 86  VAL 86  85  85  VAL VAL A . n 
A 1 87  TYR 87  86  86  TYR TYR A . n 
A 1 88  ARG 88  87  87  ARG ARG A . n 
A 1 89  THR 89  88  88  THR THR A . n 
A 1 90  PHE 90  89  89  PHE PHE A . n 
A 1 91  LYS 91  90  90  LYS LYS A . n 
A 1 92  PRO 92  91  91  PRO PRO A . n 
A 1 93  VAL 93  92  92  VAL VAL A . n 
A 1 94  PHE 94  93  93  PHE PHE A . n 
A 1 95  CYS 95  94  94  CYS CYS A . n 
A 1 96  ASP 96  95  95  ASP ASP A . n 
A 1 97  HIS 97  96  96  HIS HIS A . n 
A 1 98  ILE 98  97  97  ILE ILE A . n 
A 1 99  ASP 99  98  98  ASP ASP A . n 
A 1 100 TYR 100 99  99  TYR TYR A . n 
A 1 101 SER 101 100 100 SER SER A . n 
A 1 102 LEU 102 101 101 LEU LEU A . n 
A 1 103 LLP 103 102 102 LLP LLP A . n 
A 1 104 PHE 104 103 103 PHE PHE A . n 
A 1 105 SER 105 104 104 SER SER A . n 
A 1 106 ASP 106 105 105 ASP ASP A . n 
A 1 107 ARG 107 106 106 ARG ARG A . n 
A 1 108 THR 108 107 107 THR THR A . n 
A 1 109 LEU 109 108 108 LEU LEU A . n 
A 1 110 LEU 110 109 109 LEU LEU A . n 
A 1 111 ASN 111 110 110 ASN ASN A . n 
A 1 112 ASN 112 111 111 ASN ASN A . n 
A 1 113 LEU 113 112 112 LEU LEU A . n 
A 1 114 LEU 114 113 113 LEU LEU A . n 
A 1 115 LYS 115 114 114 LYS LYS A . n 
A 1 116 GLN 116 115 115 GLN GLN A . n 
A 1 117 LYS 117 116 116 LYS LYS A . n 
A 1 118 GLU 118 117 117 GLU GLU A . n 
A 1 119 GLU 119 118 118 GLU GLU A . n 
A 1 120 CYS 120 119 119 CYS CYS A . n 
A 1 121 ASP 121 120 120 ASP ASP A . n 
A 1 122 GLU 122 121 121 GLU GLU A . n 
A 1 123 ILE 123 122 122 ILE ILE A . n 
A 1 124 MSE 124 123 123 MSE MSE A . n 
A 1 125 ILE 125 124 124 ILE ILE A . n 
A 1 126 ILE 126 125 125 ILE ILE A . n 
A 1 127 ARG 127 126 126 ARG ARG A . n 
A 1 128 GLN 128 127 127 GLN GLN A . n 
A 1 129 GLY 129 128 128 GLY GLY A . n 
A 1 130 LYS 130 129 129 LYS LYS A . n 
A 1 131 VAL 131 130 130 VAL VAL A . n 
A 1 132 THR 132 131 131 THR THR A . n 
A 1 133 ASP 133 132 132 ASP ASP A . n 
A 1 134 CYS 134 133 133 CYS CYS A . n 
A 1 135 SER 135 134 134 SER SER A . n 
A 1 136 ILE 136 135 135 ILE ILE A . n 
A 1 137 GLY 137 136 136 GLY GLY A . n 
A 1 138 ASN 138 137 137 ASN ASN A . n 
A 1 139 LEU 139 138 138 LEU LEU A . n 
A 1 140 ILE 140 139 139 ILE ILE A . n 
A 1 141 PHE 141 140 140 PHE PHE A . n 
A 1 142 ARG 142 141 141 ARG ARG A . n 
A 1 143 GLN 143 142 142 GLN GLN A . n 
A 1 144 ASN 144 143 143 ASN ASN A . n 
A 1 145 ASN 145 144 144 ASN ASN A . n 
A 1 146 GLN 146 145 145 GLN GLN A . n 
A 1 147 TRP 147 146 146 TRP TRP A . n 
A 1 148 ILE 148 147 147 ILE ILE A . n 
A 1 149 THR 149 148 148 THR THR A . n 
A 1 150 PRO 150 149 149 PRO PRO A . n 
A 1 151 ASP 151 150 150 ASP ASP A . n 
A 1 152 LYS 152 151 151 LYS LYS A . n 
A 1 153 PRO 153 152 152 PRO PRO A . n 
A 1 154 LEU 154 153 153 LEU LEU A . n 
A 1 155 LEU 155 154 154 LEU LEU A . n 
A 1 156 GLU 156 155 155 GLU GLU A . n 
A 1 157 GLY 157 156 156 GLY GLY A . n 
A 1 158 THR 158 157 157 THR THR A . n 
A 1 159 GLN 159 158 158 GLN GLN A . n 
A 1 160 ARG 160 159 159 ARG ARG A . n 
A 1 161 ALA 161 160 160 ALA ALA A . n 
A 1 162 LYS 162 161 161 LYS LYS A . n 
A 1 163 LEU 163 162 162 LEU LEU A . n 
A 1 164 LEU 164 163 163 LEU LEU A . n 
A 1 165 GLU 165 164 164 GLU GLU A . n 
A 1 166 GLN 166 165 165 GLN GLN A . n 
A 1 167 LYS 167 166 166 LYS LYS A . n 
A 1 168 LYS 168 167 167 LYS LYS A . n 
A 1 169 ILE 169 168 168 ILE ILE A . n 
A 1 170 ILE 170 169 169 ILE ILE A . n 
A 1 171 ALA 171 170 170 ALA ALA A . n 
A 1 172 ARG 172 171 171 ARG ARG A . n 
A 1 173 GLU 173 172 172 GLU GLU A . n 
A 1 174 ILE 174 173 173 ILE ILE A . n 
A 1 175 PHE 175 174 174 PHE PHE A . n 
A 1 176 PHE 176 175 175 PHE PHE A . n 
A 1 177 GLU 177 176 176 GLU GLU A . n 
A 1 178 ASP 178 177 177 ASP ASP A . n 
A 1 179 LEU 179 178 178 LEU LEU A . n 
A 1 180 ALA 180 179 179 ALA ALA A . n 
A 1 181 GLN 181 180 180 GLN GLN A . n 
A 1 182 TYR 182 181 181 TYR TYR A . n 
A 1 183 GLU 183 182 182 GLU GLU A . n 
A 1 184 GLU 184 183 183 GLU GLU A . n 
A 1 185 ILE 185 184 184 ILE ILE A . n 
A 1 186 ARG 186 185 185 ARG ARG A . n 
A 1 187 LEU 187 186 186 LEU LEU A . n 
A 1 188 ILE 188 187 187 ILE ILE A . n 
A 1 189 ASN 189 188 188 ASN ASN A . n 
A 1 190 ALA 190 189 189 ALA ALA A . n 
A 1 191 MSE 191 190 190 MSE MSE A . n 
A 1 192 ASN 192 191 191 ASN ASN A . n 
A 1 193 GLY 193 192 192 GLY GLY A . n 
A 1 194 LEU 194 193 193 LEU LEU A . n 
# 
_pdbx_SG_project.project_name          'PSI, Protein Structure Initiative' 
_pdbx_SG_project.full_name_of_center   'Joint Center for Structural Genomics' 
_pdbx_SG_project.id                    1 
_pdbx_SG_project.initial_of_center     JCSG 
# 
loop_
_pdbx_nonpoly_scheme.asym_id 
_pdbx_nonpoly_scheme.entity_id 
_pdbx_nonpoly_scheme.mon_id 
_pdbx_nonpoly_scheme.ndb_seq_num 
_pdbx_nonpoly_scheme.pdb_seq_num 
_pdbx_nonpoly_scheme.auth_seq_num 
_pdbx_nonpoly_scheme.pdb_mon_id 
_pdbx_nonpoly_scheme.auth_mon_id 
_pdbx_nonpoly_scheme.pdb_strand_id 
_pdbx_nonpoly_scheme.pdb_ins_code 
B 2 SO4 1  194 1  SO4 SO4 A . 
C 2 SO4 1  195 2  SO4 SO4 A . 
D 2 SO4 1  196 3  SO4 SO4 A . 
E 2 SO4 1  197 4  SO4 SO4 A . 
F 2 SO4 1  198 5  SO4 SO4 A . 
G 3 GOL 1  199 6  GOL GOL A . 
H 4 HOH 1  200 7  HOH HOH A . 
H 4 HOH 2  201 8  HOH HOH A . 
H 4 HOH 3  202 9  HOH HOH A . 
H 4 HOH 4  203 10 HOH HOH A . 
H 4 HOH 5  204 11 HOH HOH A . 
H 4 HOH 6  205 12 HOH HOH A . 
H 4 HOH 7  206 13 HOH HOH A . 
H 4 HOH 8  207 14 HOH HOH A . 
H 4 HOH 9  208 15 HOH HOH A . 
H 4 HOH 10 209 16 HOH HOH A . 
H 4 HOH 11 210 17 HOH HOH A . 
H 4 HOH 12 211 18 HOH HOH A . 
H 4 HOH 13 212 19 HOH HOH A . 
H 4 HOH 14 213 20 HOH HOH A . 
H 4 HOH 15 214 21 HOH HOH A . 
H 4 HOH 16 215 22 HOH HOH A . 
H 4 HOH 17 216 23 HOH HOH A . 
H 4 HOH 18 217 24 HOH HOH A . 
H 4 HOH 19 218 25 HOH HOH A . 
H 4 HOH 20 219 26 HOH HOH A . 
H 4 HOH 21 220 27 HOH HOH A . 
H 4 HOH 22 221 28 HOH HOH A . 
H 4 HOH 23 222 29 HOH HOH A . 
H 4 HOH 24 223 30 HOH HOH A . 
H 4 HOH 25 224 31 HOH HOH A . 
H 4 HOH 26 225 32 HOH HOH A . 
H 4 HOH 27 226 33 HOH HOH A . 
H 4 HOH 28 227 34 HOH HOH A . 
H 4 HOH 29 228 35 HOH HOH A . 
H 4 HOH 30 229 36 HOH HOH A . 
H 4 HOH 31 230 37 HOH HOH A . 
H 4 HOH 32 231 38 HOH HOH A . 
H 4 HOH 33 232 39 HOH HOH A . 
H 4 HOH 34 233 40 HOH HOH A . 
H 4 HOH 35 234 41 HOH HOH A . 
H 4 HOH 36 235 42 HOH HOH A . 
H 4 HOH 37 236 43 HOH HOH A . 
H 4 HOH 38 237 44 HOH HOH A . 
H 4 HOH 39 238 45 HOH HOH A . 
H 4 HOH 40 239 46 HOH HOH A . 
H 4 HOH 41 240 47 HOH HOH A . 
H 4 HOH 42 241 48 HOH HOH A . 
H 4 HOH 43 242 49 HOH HOH A . 
H 4 HOH 44 243 50 HOH HOH A . 
H 4 HOH 45 244 51 HOH HOH A . 
H 4 HOH 46 245 52 HOH HOH A . 
H 4 HOH 47 246 53 HOH HOH A . 
H 4 HOH 48 247 54 HOH HOH A . 
H 4 HOH 49 248 55 HOH HOH A . 
H 4 HOH 50 249 56 HOH HOH A . 
H 4 HOH 51 250 57 HOH HOH A . 
H 4 HOH 52 251 58 HOH HOH A . 
H 4 HOH 53 252 59 HOH HOH A . 
H 4 HOH 54 253 60 HOH HOH A . 
H 4 HOH 55 254 61 HOH HOH A . 
H 4 HOH 56 255 62 HOH HOH A . 
H 4 HOH 57 256 63 HOH HOH A . 
H 4 HOH 58 257 64 HOH HOH A . 
H 4 HOH 59 258 65 HOH HOH A . 
H 4 HOH 60 259 66 HOH HOH A . 
H 4 HOH 61 260 67 HOH HOH A . 
H 4 HOH 62 261 68 HOH HOH A . 
H 4 HOH 63 262 69 HOH HOH A . 
H 4 HOH 64 263 70 HOH HOH A . 
H 4 HOH 65 264 71 HOH HOH A . 
H 4 HOH 66 265 72 HOH HOH A . 
H 4 HOH 67 266 73 HOH HOH A . 
H 4 HOH 68 267 74 HOH HOH A . 
H 4 HOH 69 268 75 HOH HOH A . 
H 4 HOH 70 269 76 HOH HOH A . 
H 4 HOH 71 270 77 HOH HOH A . 
H 4 HOH 72 271 78 HOH HOH A . 
H 4 HOH 73 272 79 HOH HOH A . 
H 4 HOH 74 273 80 HOH HOH A . 
H 4 HOH 75 274 81 HOH HOH A . 
H 4 HOH 76 275 82 HOH HOH A . 
H 4 HOH 77 276 83 HOH HOH A . 
H 4 HOH 78 277 84 HOH HOH A . 
H 4 HOH 79 278 85 HOH HOH A . 
H 4 HOH 80 279 86 HOH HOH A . 
H 4 HOH 81 280 87 HOH HOH A . 
H 4 HOH 82 281 88 HOH HOH A . 
H 4 HOH 83 282 89 HOH HOH A . 
H 4 HOH 84 283 90 HOH HOH A . 
H 4 HOH 85 284 91 HOH HOH A . 
# 
loop_
_pdbx_struct_mod_residue.id 
_pdbx_struct_mod_residue.label_asym_id 
_pdbx_struct_mod_residue.label_comp_id 
_pdbx_struct_mod_residue.label_seq_id 
_pdbx_struct_mod_residue.auth_asym_id 
_pdbx_struct_mod_residue.auth_comp_id 
_pdbx_struct_mod_residue.auth_seq_id 
_pdbx_struct_mod_residue.PDB_ins_code 
_pdbx_struct_mod_residue.parent_comp_id 
_pdbx_struct_mod_residue.details 
1 A MSE 2   A MSE 1   ? MET SELENOMETHIONINE 
2 A MSE 39  A MSE 38  ? MET SELENOMETHIONINE 
3 A LLP 103 A LLP 102 ? LYS ?                
4 A MSE 124 A MSE 123 ? MET SELENOMETHIONINE 
5 A MSE 191 A MSE 190 ? MET SELENOMETHIONINE 
# 
_pdbx_struct_assembly.id                   1 
_pdbx_struct_assembly.details              software_defined_assembly 
_pdbx_struct_assembly.method_details       PISA 
_pdbx_struct_assembly.oligomeric_details   monomeric 
_pdbx_struct_assembly.oligomeric_count     1 
# 
_pdbx_struct_assembly_gen.assembly_id       1 
_pdbx_struct_assembly_gen.oper_expression   1 
_pdbx_struct_assembly_gen.asym_id_list      A,B,C,D,E,F,G,H 
# 
_pdbx_struct_oper_list.id                   1 
_pdbx_struct_oper_list.type                 'identity operation' 
_pdbx_struct_oper_list.name                 1_555 
_pdbx_struct_oper_list.symmetry_operation   x,y,z 
_pdbx_struct_oper_list.matrix[1][1]         1.0000000000 
_pdbx_struct_oper_list.matrix[1][2]         0.0000000000 
_pdbx_struct_oper_list.matrix[1][3]         0.0000000000 
_pdbx_struct_oper_list.vector[1]            0.0000000000 
_pdbx_struct_oper_list.matrix[2][1]         0.0000000000 
_pdbx_struct_oper_list.matrix[2][2]         1.0000000000 
_pdbx_struct_oper_list.matrix[2][3]         0.0000000000 
_pdbx_struct_oper_list.vector[2]            0.0000000000 
_pdbx_struct_oper_list.matrix[3][1]         0.0000000000 
_pdbx_struct_oper_list.matrix[3][2]         0.0000000000 
_pdbx_struct_oper_list.matrix[3][3]         1.0000000000 
_pdbx_struct_oper_list.vector[3]            0.0000000000 
# 
loop_
_pdbx_audit_revision_history.ordinal 
_pdbx_audit_revision_history.data_content_type 
_pdbx_audit_revision_history.major_revision 
_pdbx_audit_revision_history.minor_revision 
_pdbx_audit_revision_history.revision_date 
1 'Structure model' 1 0 2008-03-18 
2 'Structure model' 1 1 2011-07-13 
3 'Structure model' 1 2 2017-10-25 
4 'Structure model' 1 3 2019-07-24 
5 'Structure model' 1 4 2023-02-01 
# 
_pdbx_audit_revision_details.ordinal             1 
_pdbx_audit_revision_details.revision_ordinal    1 
_pdbx_audit_revision_details.data_content_type   'Structure model' 
_pdbx_audit_revision_details.provider            repository 
_pdbx_audit_revision_details.type                'Initial release' 
_pdbx_audit_revision_details.description         ? 
_pdbx_audit_revision_details.details             ? 
# 
loop_
_pdbx_audit_revision_group.ordinal 
_pdbx_audit_revision_group.revision_ordinal 
_pdbx_audit_revision_group.data_content_type 
_pdbx_audit_revision_group.group 
1 2 'Structure model' Advisory                    
2 2 'Structure model' 'Source and taxonomy'       
3 2 'Structure model' 'Version format compliance' 
4 3 'Structure model' 'Refinement description'    
5 4 'Structure model' 'Data collection'           
6 4 'Structure model' 'Derived calculations'      
7 4 'Structure model' 'Refinement description'    
8 5 'Structure model' 'Database references'       
9 5 'Structure model' 'Derived calculations'      
# 
loop_
_pdbx_audit_revision_category.ordinal 
_pdbx_audit_revision_category.revision_ordinal 
_pdbx_audit_revision_category.data_content_type 
_pdbx_audit_revision_category.category 
1 3 'Structure model' software           
2 4 'Structure model' software           
3 4 'Structure model' struct_conn        
4 5 'Structure model' database_2         
5 5 'Structure model' struct_ref_seq_dif 
6 5 'Structure model' struct_site        
# 
loop_
_pdbx_audit_revision_item.ordinal 
_pdbx_audit_revision_item.revision_ordinal 
_pdbx_audit_revision_item.data_content_type 
_pdbx_audit_revision_item.item 
1  3 'Structure model' '_software.classification'            
2  3 'Structure model' '_software.name'                      
3  4 'Structure model' '_software.classification'            
4  4 'Structure model' '_software.contact_author'            
5  4 'Structure model' '_software.contact_author_email'      
6  4 'Structure model' '_software.language'                  
7  4 'Structure model' '_software.location'                  
8  4 'Structure model' '_software.name'                      
9  4 'Structure model' '_software.type'                      
10 4 'Structure model' '_software.version'                   
11 4 'Structure model' '_struct_conn.pdbx_leaving_atom_flag' 
12 5 'Structure model' '_database_2.pdbx_DOI'                
13 5 'Structure model' '_database_2.pdbx_database_accession' 
14 5 'Structure model' '_struct_ref_seq_dif.details'         
15 5 'Structure model' '_struct_site.pdbx_auth_asym_id'      
16 5 'Structure model' '_struct_site.pdbx_auth_comp_id'      
17 5 'Structure model' '_struct_site.pdbx_auth_seq_id'       
# 
loop_
_pdbx_refine_tls.id 
_pdbx_refine_tls.details 
_pdbx_refine_tls.method 
_pdbx_refine_tls.origin_x 
_pdbx_refine_tls.origin_y 
_pdbx_refine_tls.origin_z 
_pdbx_refine_tls.T[1][1] 
_pdbx_refine_tls.T[2][2] 
_pdbx_refine_tls.T[3][3] 
_pdbx_refine_tls.T[1][2] 
_pdbx_refine_tls.T[1][3] 
_pdbx_refine_tls.T[2][3] 
_pdbx_refine_tls.L[1][1] 
_pdbx_refine_tls.L[2][2] 
_pdbx_refine_tls.L[3][3] 
_pdbx_refine_tls.L[1][2] 
_pdbx_refine_tls.L[1][3] 
_pdbx_refine_tls.L[2][3] 
_pdbx_refine_tls.S[1][1] 
_pdbx_refine_tls.S[2][2] 
_pdbx_refine_tls.S[3][3] 
_pdbx_refine_tls.S[1][2] 
_pdbx_refine_tls.S[1][3] 
_pdbx_refine_tls.S[2][3] 
_pdbx_refine_tls.S[2][1] 
_pdbx_refine_tls.S[3][1] 
_pdbx_refine_tls.S[3][2] 
_pdbx_refine_tls.pdbx_refine_id 
1 ? refined 4.3182  -3.6130 10.9844 -0.0937 -0.1379 -0.1113 -0.0201 -0.0227 0.0325 2.4833 3.5258 3.4934 -1.1331 -0.3487 1.4735  0.0353  0.0290 -0.0642 -0.0189 -0.0380 -0.0280 0.0282  -0.2367 -0.1762 'X-RAY DIFFRACTION' 
2 ? refined -2.9092 2.4468  -8.6975 -0.1071 -0.0480 -0.1081 -0.0042 -0.0234 0.0068 3.5975 1.8413 4.2187 -0.5746 1.2171  -1.1700 -0.0595 0.0537 0.0058  0.4226  0.0814  0.1480  -0.0752 -0.1282 -0.2741 'X-RAY DIFFRACTION' 
# 
loop_
_pdbx_refine_tls_group.id 
_pdbx_refine_tls_group.refine_tls_id 
_pdbx_refine_tls_group.beg_label_asym_id 
_pdbx_refine_tls_group.beg_label_seq_id 
_pdbx_refine_tls_group.end_label_asym_id 
_pdbx_refine_tls_group.end_label_seq_id 
_pdbx_refine_tls_group.selection 
_pdbx_refine_tls_group.beg_auth_asym_id 
_pdbx_refine_tls_group.beg_auth_seq_id 
_pdbx_refine_tls_group.end_auth_asym_id 
_pdbx_refine_tls_group.end_auth_seq_id 
_pdbx_refine_tls_group.pdbx_refine_id 
_pdbx_refine_tls_group.selection_details 
1 1 A 1  A 83  ? A 0  A 82  'X-RAY DIFFRACTION' ? 
2 2 A 84 A 194 ? A 83 A 193 'X-RAY DIFFRACTION' ? 
# 
_phasing.method   MAD 
# 
loop_
_software.name 
_software.version 
_software.date 
_software.type 
_software.contact_author 
_software.contact_author_email 
_software.classification 
_software.location 
_software.language 
_software.citation_id 
_software.pdbx_ordinal 
REFMAC      5.4.0067 ?              program 'Murshudov, G.N.'            ccp4@dl.ac.uk                        refinement        
http://www.ccp4.ac.uk/main.html                                    Fortran_77 ? 1  
PHENIX      .        ?              package 'P.D. Adams'                 PDAdams@lbl.gov                      refinement        
http://www.phenix-online.org/                                      C++        ? 2  
SHELX       .        ?              package 'George Sheldrick'           gsheldr@shelx.uni-ac.gwdg.de         phasing           
http://shelx.uni-ac.gwdg.de/SHELX/                                 Fortran_77 ? 3  
MolProbity  3beta29  ?              package 'D.C. & J.S. Richardson lab' molprobity@kinemage.biochem.duke.edu 'model building'  
http://kinemage.biochem.duke.edu/molprobity/                       ?          ? 4  
XSCALE      .        ?              package 'Wolfgang Kabsch'            ?                                    'data scaling'    
http://www.mpimf-heidelberg.mpg.de/~kabsch/xds/xscale_program.html ?          ? 5  
PDB_EXTRACT 3.000    'July 2, 2007' package PDB                          sw-help@rcsb.rutgers.edu             'data extraction' 
http://pdb.rutgers.edu/software/                                   C++        ? 6  
MAR345      CCD      ?              ?       ?                            ?                                    'data collection' ? 
?          ? 7  
XDS         .        ?              ?       ?                            ?                                    'data reduction'  ? 
?          ? 8  
SHARP       .        ?              ?       ?                            ?                                    phasing           ? 
?          ? 9  
SHELXD      .        ?              ?       ?                            ?                                    phasing           ? 
?          ? 10 
# 
_pdbx_entry_details.entry_id                 3CEB 
_pdbx_entry_details.sequence_details         
;THE CONSTRUCT WAS EXPRESSED WITH A PURIFICATION TAG
MGSDKIHHHHHHENLYFQG. THE TAG WAS REMOVED WITH TEV PROTEASE
LEAVING ONLY A GLYCINE (0) FOLLOWED BY THE TARGET SEQUENCE.
;
_pdbx_entry_details.compound_details         ? 
_pdbx_entry_details.source_details           ? 
_pdbx_entry_details.nonpolymer_details       ? 
_pdbx_entry_details.has_ligand_of_interest   ? 
# 
_pdbx_validate_rmsd_angle.id                         1 
_pdbx_validate_rmsd_angle.PDB_model_num              1 
_pdbx_validate_rmsd_angle.auth_atom_id_1             CB 
_pdbx_validate_rmsd_angle.auth_asym_id_1             A 
_pdbx_validate_rmsd_angle.auth_comp_id_1             ASP 
_pdbx_validate_rmsd_angle.auth_seq_id_1              98 
_pdbx_validate_rmsd_angle.PDB_ins_code_1             ? 
_pdbx_validate_rmsd_angle.label_alt_id_1             ? 
_pdbx_validate_rmsd_angle.auth_atom_id_2             CG 
_pdbx_validate_rmsd_angle.auth_asym_id_2             A 
_pdbx_validate_rmsd_angle.auth_comp_id_2             ASP 
_pdbx_validate_rmsd_angle.auth_seq_id_2              98 
_pdbx_validate_rmsd_angle.PDB_ins_code_2             ? 
_pdbx_validate_rmsd_angle.label_alt_id_2             ? 
_pdbx_validate_rmsd_angle.auth_atom_id_3             OD1 
_pdbx_validate_rmsd_angle.auth_asym_id_3             A 
_pdbx_validate_rmsd_angle.auth_comp_id_3             ASP 
_pdbx_validate_rmsd_angle.auth_seq_id_3              98 
_pdbx_validate_rmsd_angle.PDB_ins_code_3             ? 
_pdbx_validate_rmsd_angle.label_alt_id_3             ? 
_pdbx_validate_rmsd_angle.angle_value                125.22 
_pdbx_validate_rmsd_angle.angle_target_value         118.30 
_pdbx_validate_rmsd_angle.angle_deviation            6.92 
_pdbx_validate_rmsd_angle.angle_standard_deviation   0.90 
_pdbx_validate_rmsd_angle.linker_flag                N 
# 
loop_
_pdbx_validate_torsion.id 
_pdbx_validate_torsion.PDB_model_num 
_pdbx_validate_torsion.auth_comp_id 
_pdbx_validate_torsion.auth_asym_id 
_pdbx_validate_torsion.auth_seq_id 
_pdbx_validate_torsion.PDB_ins_code 
_pdbx_validate_torsion.label_alt_id 
_pdbx_validate_torsion.phi 
_pdbx_validate_torsion.psi 
1 1 LYS A 37  ? ? 79.23   -8.45   
2 1 ASN A 70  ? ? -130.03 -156.24 
3 1 GLU A 117 ? ? 51.67   -112.77 
4 1 GLU A 121 ? ? -176.28 -173.23 
5 1 THR A 131 ? ? -116.53 -105.25 
6 1 ASN A 143 ? ? 61.31   -119.60 
7 1 LYS A 151 ? ? -119.57 73.21   
8 1 GLU A 183 ? ? -174.56 146.89  
# 
loop_
_pdbx_unobs_or_zero_occ_atoms.id 
_pdbx_unobs_or_zero_occ_atoms.PDB_model_num 
_pdbx_unobs_or_zero_occ_atoms.polymer_flag 
_pdbx_unobs_or_zero_occ_atoms.occupancy_flag 
_pdbx_unobs_or_zero_occ_atoms.auth_asym_id 
_pdbx_unobs_or_zero_occ_atoms.auth_comp_id 
_pdbx_unobs_or_zero_occ_atoms.auth_seq_id 
_pdbx_unobs_or_zero_occ_atoms.PDB_ins_code 
_pdbx_unobs_or_zero_occ_atoms.auth_atom_id 
_pdbx_unobs_or_zero_occ_atoms.label_alt_id 
_pdbx_unobs_or_zero_occ_atoms.label_asym_id 
_pdbx_unobs_or_zero_occ_atoms.label_comp_id 
_pdbx_unobs_or_zero_occ_atoms.label_seq_id 
_pdbx_unobs_or_zero_occ_atoms.label_atom_id 
1  1 Y 1 A LYS 29  ? CE  ? A LYS 30  CE  
2  1 Y 1 A LYS 29  ? NZ  ? A LYS 30  NZ  
3  1 Y 1 A LYS 37  ? CG  ? A LYS 38  CG  
4  1 Y 1 A LYS 37  ? CD  ? A LYS 38  CD  
5  1 Y 1 A LYS 37  ? CE  ? A LYS 38  CE  
6  1 Y 1 A LYS 37  ? NZ  ? A LYS 38  NZ  
7  1 Y 1 A ARG 59  ? CG  ? A ARG 60  CG  
8  1 Y 1 A ARG 59  ? CD  ? A ARG 60  CD  
9  1 Y 1 A ARG 59  ? NE  ? A ARG 60  NE  
10 1 Y 1 A ARG 59  ? CZ  ? A ARG 60  CZ  
11 1 Y 1 A ARG 59  ? NH1 ? A ARG 60  NH1 
12 1 Y 1 A ARG 59  ? NH2 ? A ARG 60  NH2 
13 1 Y 1 A GLU 60  ? CD  ? A GLU 61  CD  
14 1 Y 1 A GLU 60  ? OE1 ? A GLU 61  OE1 
15 1 Y 1 A GLU 60  ? OE2 ? A GLU 61  OE2 
16 1 Y 1 A GLN 83  ? CD  ? A GLN 84  CD  
17 1 Y 1 A GLN 83  ? OE1 ? A GLN 84  OE1 
18 1 Y 1 A GLN 83  ? NE2 ? A GLN 84  NE2 
19 1 Y 1 A LYS 129 ? NZ  ? A LYS 130 NZ  
20 1 Y 1 A LYS 161 ? CE  ? A LYS 162 CE  
21 1 Y 1 A LYS 161 ? NZ  ? A LYS 162 NZ  
22 1 Y 1 A LYS 167 ? NZ  ? A LYS 168 NZ  
# 
loop_
_pdbx_entity_nonpoly.entity_id 
_pdbx_entity_nonpoly.name 
_pdbx_entity_nonpoly.comp_id 
2 'SULFATE ION' SO4 
3 GLYCEROL      GOL 
4 water         HOH 
# 
